data_2EXD
#
_entry.id   2EXD
#
_cell.length_a   1.000
_cell.length_b   1.000
_cell.length_c   1.000
_cell.angle_alpha   90.00
_cell.angle_beta   90.00
_cell.angle_gamma   90.00
#
_symmetry.space_group_name_H-M   'P 1'
#
_entity_poly.entity_id   1
_entity_poly.type   'polypeptide(L)'
_entity_poly.pdbx_seq_one_letter_code
;RRETTDIGGGKYTFELKGKVGKVVKIAEDHYLVEVEGDKWIAYSDEKLSLGDRVMVVDVDGLKLKVKRIPPQLEHHHHHH
;
_entity_poly.pdbx_strand_id   A
#
# COMPACT_ATOMS: atom_id res chain seq x y z
N ARG A 1 -18.73 7.23 -25.06
CA ARG A 1 -17.88 6.04 -25.07
C ARG A 1 -16.56 6.31 -24.36
N ARG A 2 -15.78 7.24 -24.90
CA ARG A 2 -14.50 7.59 -24.32
C ARG A 2 -14.64 8.74 -23.32
N GLU A 3 -15.50 9.69 -23.65
CA GLU A 3 -15.72 10.84 -22.78
C GLU A 3 -15.60 10.45 -21.32
N THR A 4 -14.89 11.27 -20.55
CA THR A 4 -14.69 11.02 -19.13
C THR A 4 -15.55 11.94 -18.28
N THR A 5 -16.44 11.35 -17.47
CA THR A 5 -17.32 12.12 -16.61
C THR A 5 -17.11 11.77 -15.15
N ASP A 6 -15.84 11.81 -14.71
CA ASP A 6 -15.51 11.49 -13.33
C ASP A 6 -14.72 12.63 -12.69
N ILE A 7 -15.37 13.34 -11.78
CA ILE A 7 -14.74 14.47 -11.09
C ILE A 7 -13.73 13.97 -10.06
N GLY A 8 -14.09 12.93 -9.33
CA GLY A 8 -13.21 12.38 -8.32
C GLY A 8 -13.53 12.90 -6.93
N GLY A 9 -12.49 13.01 -6.10
CA GLY A 9 -12.69 13.50 -4.74
C GLY A 9 -12.06 12.58 -3.70
N GLY A 10 -12.64 11.40 -3.53
CA GLY A 10 -12.11 10.45 -2.56
C GLY A 10 -10.91 9.69 -3.09
N LYS A 11 -9.92 9.47 -2.22
CA LYS A 11 -8.71 8.75 -2.60
C LYS A 11 -8.90 7.25 -2.42
N TYR A 12 -10.14 6.82 -2.31
CA TYR A 12 -10.46 5.40 -2.13
C TYR A 12 -10.75 4.73 -3.47
N THR A 13 -9.71 4.13 -4.05
CA THR A 13 -9.85 3.46 -5.34
C THR A 13 -10.04 1.96 -5.15
N PHE A 14 -9.87 1.49 -3.92
CA PHE A 14 -10.03 0.08 -3.60
C PHE A 14 -9.43 -0.80 -4.70
N GLU A 15 -8.19 -0.49 -5.07
CA GLU A 15 -7.50 -1.24 -6.11
C GLU A 15 -6.16 -1.76 -5.60
N LEU A 16 -5.60 -1.08 -4.60
CA LEU A 16 -4.32 -1.46 -4.02
C LEU A 16 -4.21 -2.98 -3.93
N LYS A 17 -5.32 -3.64 -3.66
CA LYS A 17 -5.35 -5.10 -3.54
C LYS A 17 -4.66 -5.74 -4.75
N GLY A 18 -3.52 -6.37 -4.50
CA GLY A 18 -2.79 -7.03 -5.56
C GLY A 18 -1.62 -6.20 -6.06
N LYS A 19 -1.77 -4.88 -5.99
CA LYS A 19 -0.72 -3.97 -6.45
C LYS A 19 0.46 -3.97 -5.47
N VAL A 20 1.61 -3.51 -5.95
CA VAL A 20 2.80 -3.45 -5.12
C VAL A 20 3.12 -2.03 -4.69
N GLY A 21 3.34 -1.83 -3.39
CA GLY A 21 3.64 -0.52 -2.88
C GLY A 21 4.98 -0.45 -2.17
N LYS A 22 5.49 0.75 -1.94
CA LYS A 22 6.77 0.93 -1.27
C LYS A 22 6.57 1.51 0.13
N VAL A 23 7.36 1.03 1.08
CA VAL A 23 7.28 1.50 2.46
C VAL A 23 8.07 2.79 2.65
N VAL A 24 7.36 3.91 2.71
CA VAL A 24 8.00 5.20 2.89
C VAL A 24 8.28 5.47 4.37
N LYS A 25 7.57 4.78 5.24
CA LYS A 25 7.74 4.93 6.68
C LYS A 25 7.07 3.80 7.43
N ILE A 26 7.63 3.45 8.59
CA ILE A 26 7.08 2.38 9.41
C ILE A 26 6.86 2.84 10.85
N ALA A 27 5.81 2.34 11.48
CA ALA A 27 5.49 2.70 12.85
C ALA A 27 4.66 1.62 13.53
N GLU A 28 5.07 1.20 14.73
CA GLU A 28 4.36 0.17 15.46
C GLU A 28 2.86 0.39 15.38
N ASP A 29 2.41 1.59 15.73
CA ASP A 29 0.99 1.92 15.70
C ASP A 29 0.41 1.66 14.31
N HIS A 30 1.22 1.92 13.29
CA HIS A 30 0.78 1.72 11.90
C HIS A 30 1.93 1.96 10.93
N TYR A 31 1.87 1.30 9.78
CA TYR A 31 2.91 1.44 8.77
C TYR A 31 2.44 2.32 7.61
N LEU A 32 3.38 3.00 6.97
CA LEU A 32 3.05 3.87 5.85
C LEU A 32 3.54 3.27 4.53
N VAL A 33 2.61 2.72 3.76
CA VAL A 33 2.94 2.11 2.47
C VAL A 33 2.43 2.97 1.32
N GLU A 34 3.34 3.60 0.60
CA GLU A 34 2.97 4.45 -0.54
C GLU A 34 2.54 3.59 -1.72
N VAL A 35 1.23 3.47 -1.90
CA VAL A 35 0.67 2.68 -3.01
C VAL A 35 0.05 3.59 -4.06
N GLU A 36 0.32 3.29 -5.32
CA GLU A 36 -0.22 4.07 -6.44
C GLU A 36 0.07 5.56 -6.24
N GLY A 37 1.11 5.86 -5.47
CA GLY A 37 1.47 7.24 -5.21
C GLY A 37 0.67 7.84 -4.07
N ASP A 38 0.26 7.00 -3.13
CA ASP A 38 -0.51 7.45 -1.98
C ASP A 38 -0.17 6.64 -0.73
N LYS A 39 0.20 7.33 0.33
CA LYS A 39 0.55 6.67 1.59
C LYS A 39 -0.69 6.09 2.27
N TRP A 40 -0.71 4.78 2.40
CA TRP A 40 -1.85 4.10 3.04
C TRP A 40 -1.51 3.73 4.47
N ILE A 41 -2.48 3.12 5.16
CA ILE A 41 -2.28 2.70 6.54
C ILE A 41 -2.40 1.19 6.69
N ALA A 42 -1.26 0.51 6.58
CA ALA A 42 -1.23 -0.95 6.71
C ALA A 42 -0.40 -1.38 7.90
N TYR A 43 -0.54 -2.65 8.28
CA TYR A 43 0.21 -3.18 9.42
C TYR A 43 0.78 -4.55 9.09
N SER A 44 2.07 -4.72 9.36
CA SER A 44 2.75 -5.99 9.09
C SER A 44 3.32 -6.58 10.38
N ASP A 45 3.07 -7.88 10.59
CA ASP A 45 3.56 -8.55 11.78
C ASP A 45 5.07 -8.71 11.74
N GLU A 46 5.64 -8.61 10.53
CA GLU A 46 7.07 -8.75 10.35
C GLU A 46 7.71 -7.39 10.09
N LYS A 47 8.50 -6.92 11.05
CA LYS A 47 9.18 -5.63 10.92
C LYS A 47 9.70 -5.43 9.51
N LEU A 48 9.31 -4.31 8.89
CA LEU A 48 9.73 -3.99 7.53
C LEU A 48 10.92 -3.03 7.55
N SER A 49 11.49 -2.80 6.36
CA SER A 49 12.64 -1.91 6.24
C SER A 49 12.35 -0.78 5.25
N LEU A 50 12.75 0.43 5.59
CA LEU A 50 12.54 1.59 4.73
C LEU A 50 12.96 1.28 3.29
N GLY A 51 12.01 1.38 2.37
CA GLY A 51 12.30 1.11 0.97
C GLY A 51 12.01 -0.33 0.59
N ASP A 52 11.44 -1.09 1.52
CA ASP A 52 11.12 -2.49 1.28
C ASP A 52 9.86 -2.62 0.43
N ARG A 53 9.92 -3.44 -0.61
CA ARG A 53 8.78 -3.65 -1.50
C ARG A 53 7.78 -4.61 -0.88
N VAL A 54 6.50 -4.23 -0.91
CA VAL A 54 5.44 -5.06 -0.35
C VAL A 54 4.19 -5.03 -1.22
N MET A 55 3.51 -6.16 -1.32
CA MET A 55 2.30 -6.25 -2.13
C MET A 55 1.07 -6.39 -1.23
N VAL A 56 0.04 -5.61 -1.53
CA VAL A 56 -1.20 -5.65 -0.76
C VAL A 56 -1.93 -6.97 -0.95
N VAL A 57 -2.03 -7.74 0.13
CA VAL A 57 -2.70 -9.04 0.09
C VAL A 57 -4.22 -8.87 0.10
N ASP A 58 -4.69 -7.87 0.83
CA ASP A 58 -6.12 -7.60 0.93
C ASP A 58 -6.38 -6.20 1.48
N VAL A 59 -7.55 -5.65 1.17
CA VAL A 59 -7.91 -4.32 1.62
C VAL A 59 -9.25 -4.34 2.36
N ASP A 60 -9.24 -3.87 3.60
CA ASP A 60 -10.45 -3.83 4.42
C ASP A 60 -10.99 -2.42 4.51
N GLY A 61 -11.03 -1.72 3.38
CA GLY A 61 -11.52 -0.36 3.36
C GLY A 61 -10.40 0.67 3.32
N LEU A 62 -9.97 1.11 4.48
CA LEU A 62 -8.91 2.10 4.57
C LEU A 62 -7.59 1.44 4.97
N LYS A 63 -7.61 0.13 5.09
CA LYS A 63 -6.41 -0.63 5.46
C LYS A 63 -6.10 -1.71 4.42
N LEU A 64 -4.82 -1.90 4.14
CA LEU A 64 -4.40 -2.91 3.18
C LEU A 64 -3.19 -3.69 3.70
N LYS A 65 -3.41 -4.95 4.05
CA LYS A 65 -2.35 -5.81 4.55
C LYS A 65 -1.23 -5.95 3.52
N VAL A 66 -0.01 -5.65 3.94
CA VAL A 66 1.15 -5.76 3.05
C VAL A 66 2.04 -6.92 3.45
N LYS A 67 2.62 -7.59 2.44
CA LYS A 67 3.49 -8.73 2.69
C LYS A 67 4.79 -8.59 1.90
N ARG A 68 5.90 -8.51 2.62
CA ARG A 68 7.21 -8.37 1.98
C ARG A 68 7.37 -9.37 0.84
N ILE A 69 7.88 -8.90 -0.28
CA ILE A 69 8.09 -9.75 -1.46
C ILE A 69 9.52 -9.67 -1.96
N PRO A 70 10.06 -10.80 -2.42
CA PRO A 70 11.43 -10.89 -2.94
C PRO A 70 11.59 -10.16 -4.27
N PRO A 71 12.78 -9.60 -4.49
CA PRO A 71 13.08 -8.86 -5.73
C PRO A 71 13.18 -9.78 -6.93
N GLN A 72 13.10 -9.20 -8.13
CA GLN A 72 13.19 -9.96 -9.37
C GLN A 72 14.51 -10.70 -9.46
N LEU A 73 15.61 -9.95 -9.42
CA LEU A 73 16.94 -10.53 -9.51
C LEU A 73 16.99 -11.89 -8.83
N GLU A 74 16.25 -12.03 -7.73
CA GLU A 74 16.20 -13.28 -6.99
C GLU A 74 15.27 -14.28 -7.67
N ARG A 1 1.73 26.91 -15.38
CA ARG A 1 1.19 25.74 -14.69
C ARG A 1 0.66 24.71 -15.69
N ARG A 2 1.45 24.46 -16.73
CA ARG A 2 1.06 23.50 -17.76
C ARG A 2 1.45 22.08 -17.35
N GLU A 3 1.94 21.94 -16.12
CA GLU A 3 2.36 20.64 -15.61
C GLU A 3 1.22 19.98 -14.84
N THR A 4 -0.01 20.29 -15.23
CA THR A 4 -1.19 19.72 -14.57
C THR A 4 -1.21 18.20 -14.70
N THR A 5 -0.53 17.52 -13.80
CA THR A 5 -0.47 16.07 -13.82
C THR A 5 -1.43 15.47 -12.79
N ASP A 6 -1.21 15.80 -11.52
CA ASP A 6 -2.06 15.29 -10.44
C ASP A 6 -3.36 16.09 -10.36
N ILE A 7 -4.47 15.42 -10.67
CA ILE A 7 -5.79 16.05 -10.63
C ILE A 7 -6.38 15.99 -9.23
N GLY A 8 -6.38 14.80 -8.65
CA GLY A 8 -6.93 14.63 -7.31
C GLY A 8 -8.33 14.04 -7.34
N GLY A 9 -8.45 12.83 -7.89
CA GLY A 9 -9.74 12.18 -7.97
C GLY A 9 -9.96 11.19 -6.83
N GLY A 10 -9.61 11.60 -5.62
CA GLY A 10 -9.77 10.72 -4.47
C GLY A 10 -8.74 9.61 -4.45
N LYS A 11 -8.29 9.26 -3.24
CA LYS A 11 -7.31 8.19 -3.08
C LYS A 11 -7.98 6.84 -2.91
N TYR A 12 -9.20 6.85 -2.39
CA TYR A 12 -9.96 5.63 -2.17
C TYR A 12 -10.45 5.04 -3.48
N THR A 13 -9.69 4.08 -4.01
CA THR A 13 -10.03 3.43 -5.27
C THR A 13 -10.41 1.98 -5.05
N PHE A 14 -10.02 1.43 -3.90
CA PHE A 14 -10.32 0.04 -3.58
C PHE A 14 -9.69 -0.91 -4.59
N GLU A 15 -8.45 -0.61 -4.98
CA GLU A 15 -7.73 -1.43 -5.93
C GLU A 15 -6.39 -1.89 -5.37
N LEU A 16 -5.88 -1.16 -4.38
CA LEU A 16 -4.62 -1.50 -3.75
C LEU A 16 -4.43 -3.00 -3.67
N LYS A 17 -5.52 -3.72 -3.43
CA LYS A 17 -5.48 -5.18 -3.33
C LYS A 17 -4.73 -5.77 -4.51
N GLY A 18 -3.60 -6.41 -4.21
CA GLY A 18 -2.80 -7.02 -5.25
C GLY A 18 -1.69 -6.12 -5.75
N LYS A 19 -1.95 -4.81 -5.73
CA LYS A 19 -0.97 -3.83 -6.18
C LYS A 19 0.24 -3.80 -5.25
N VAL A 20 1.38 -3.35 -5.77
CA VAL A 20 2.60 -3.27 -4.98
C VAL A 20 2.94 -1.82 -4.65
N GLY A 21 3.41 -1.60 -3.42
CA GLY A 21 3.77 -0.26 -3.00
C GLY A 21 5.14 -0.19 -2.36
N LYS A 22 5.59 1.01 -2.03
CA LYS A 22 6.89 1.20 -1.40
C LYS A 22 6.73 1.77 0.00
N VAL A 23 7.25 1.05 0.99
CA VAL A 23 7.18 1.48 2.38
C VAL A 23 7.95 2.78 2.59
N VAL A 24 7.22 3.88 2.76
CA VAL A 24 7.84 5.18 2.98
C VAL A 24 8.25 5.37 4.43
N LYS A 25 7.66 4.56 5.31
CA LYS A 25 7.96 4.63 6.74
C LYS A 25 7.28 3.50 7.50
N ILE A 26 7.74 3.24 8.71
CA ILE A 26 7.18 2.20 9.54
C ILE A 26 6.91 2.69 10.96
N ALA A 27 5.82 2.22 11.56
CA ALA A 27 5.45 2.62 12.91
C ALA A 27 4.66 1.52 13.61
N GLU A 28 5.01 1.23 14.85
CA GLU A 28 4.32 0.20 15.62
C GLU A 28 2.80 0.37 15.52
N ASP A 29 2.33 1.59 15.77
CA ASP A 29 0.91 1.89 15.72
C ASP A 29 0.35 1.62 14.33
N HIS A 30 1.18 1.84 13.31
CA HIS A 30 0.77 1.64 11.93
C HIS A 30 1.94 1.83 10.97
N TYR A 31 1.84 1.26 9.78
CA TYR A 31 2.89 1.38 8.78
C TYR A 31 2.45 2.28 7.63
N LEU A 32 3.43 2.88 6.96
CA LEU A 32 3.14 3.77 5.83
C LEU A 32 3.60 3.14 4.52
N VAL A 33 2.65 2.76 3.68
CA VAL A 33 2.96 2.15 2.39
C VAL A 33 2.43 3.00 1.24
N GLU A 34 3.33 3.41 0.35
CA GLU A 34 2.97 4.23 -0.80
C GLU A 34 2.45 3.36 -1.94
N VAL A 35 1.17 3.50 -2.25
CA VAL A 35 0.55 2.74 -3.32
C VAL A 35 -0.03 3.67 -4.40
N GLU A 36 0.53 3.57 -5.60
CA GLU A 36 0.07 4.39 -6.71
C GLU A 36 0.31 5.88 -6.42
N GLY A 37 1.31 6.16 -5.61
CA GLY A 37 1.62 7.54 -5.25
C GLY A 37 0.75 8.06 -4.12
N ASP A 38 0.29 7.15 -3.27
CA ASP A 38 -0.56 7.53 -2.15
C ASP A 38 -0.28 6.65 -0.94
N LYS A 39 0.25 7.24 0.13
CA LYS A 39 0.56 6.51 1.35
C LYS A 39 -0.70 5.94 1.98
N TRP A 40 -0.63 4.69 2.43
CA TRP A 40 -1.77 4.03 3.05
C TRP A 40 -1.45 3.66 4.50
N ILE A 41 -2.45 3.10 5.19
CA ILE A 41 -2.27 2.71 6.58
C ILE A 41 -2.42 1.20 6.74
N ALA A 42 -1.31 0.49 6.68
CA ALA A 42 -1.32 -0.97 6.83
C ALA A 42 -0.44 -1.41 8.00
N TYR A 43 -0.62 -2.65 8.42
CA TYR A 43 0.14 -3.20 9.52
C TYR A 43 0.66 -4.60 9.21
N SER A 44 1.96 -4.80 9.36
CA SER A 44 2.58 -6.10 9.08
C SER A 44 3.31 -6.62 10.30
N ASP A 45 3.02 -7.86 10.68
CA ASP A 45 3.66 -8.48 11.83
C ASP A 45 5.18 -8.53 11.66
N GLU A 46 5.62 -8.57 10.40
CA GLU A 46 7.04 -8.62 10.09
C GLU A 46 7.63 -7.22 9.98
N LYS A 47 8.54 -6.88 10.89
CA LYS A 47 9.18 -5.58 10.90
C LYS A 47 9.77 -5.25 9.53
N LEU A 48 9.02 -4.49 8.74
CA LEU A 48 9.47 -4.10 7.41
C LEU A 48 10.69 -3.18 7.49
N SER A 49 11.16 -2.72 6.33
CA SER A 49 12.31 -1.83 6.27
C SER A 49 12.11 -0.75 5.22
N LEU A 50 12.43 0.49 5.57
CA LEU A 50 12.29 1.62 4.65
C LEU A 50 12.81 1.26 3.26
N GLY A 51 11.95 1.35 2.26
CA GLY A 51 12.36 1.04 0.90
C GLY A 51 12.07 -0.40 0.53
N ASP A 52 11.42 -1.13 1.43
CA ASP A 52 11.08 -2.53 1.19
C ASP A 52 9.80 -2.65 0.37
N ARG A 53 9.90 -3.32 -0.77
CA ARG A 53 8.75 -3.50 -1.66
C ARG A 53 7.76 -4.50 -1.07
N VAL A 54 6.50 -4.09 -0.97
CA VAL A 54 5.46 -4.94 -0.41
C VAL A 54 4.23 -4.97 -1.32
N MET A 55 3.36 -5.94 -1.09
CA MET A 55 2.14 -6.08 -1.89
C MET A 55 0.92 -6.22 -0.99
N VAL A 56 -0.19 -5.63 -1.40
CA VAL A 56 -1.42 -5.70 -0.63
C VAL A 56 -2.10 -7.07 -0.79
N VAL A 57 -1.97 -7.91 0.23
CA VAL A 57 -2.56 -9.23 0.20
C VAL A 57 -4.06 -9.18 0.50
N ASP A 58 -4.50 -8.05 1.05
CA ASP A 58 -5.90 -7.86 1.39
C ASP A 58 -6.17 -6.45 1.90
N VAL A 59 -7.39 -5.97 1.71
CA VAL A 59 -7.77 -4.64 2.14
C VAL A 59 -9.29 -4.47 2.16
N ASP A 60 -9.80 -3.90 3.24
CA ASP A 60 -11.23 -3.68 3.39
C ASP A 60 -11.52 -2.23 3.76
N GLY A 61 -10.95 -1.30 2.99
CA GLY A 61 -11.16 0.12 3.25
C GLY A 61 -9.88 0.91 3.21
N LEU A 62 -9.31 1.17 4.38
CA LEU A 62 -8.07 1.94 4.48
C LEU A 62 -6.94 1.06 5.05
N LYS A 63 -7.27 -0.18 5.37
CA LYS A 63 -6.29 -1.11 5.92
C LYS A 63 -5.93 -2.18 4.90
N LEU A 64 -4.79 -2.01 4.23
CA LEU A 64 -4.34 -2.97 3.23
C LEU A 64 -3.18 -3.79 3.75
N LYS A 65 -3.45 -5.05 4.09
CA LYS A 65 -2.42 -5.95 4.60
C LYS A 65 -1.28 -6.09 3.61
N VAL A 66 -0.10 -5.61 4.01
CA VAL A 66 1.08 -5.69 3.16
C VAL A 66 2.01 -6.81 3.59
N LYS A 67 2.74 -7.37 2.65
CA LYS A 67 3.67 -8.47 2.94
C LYS A 67 4.97 -8.30 2.15
N ARG A 68 6.10 -8.48 2.83
CA ARG A 68 7.40 -8.34 2.20
C ARG A 68 7.53 -9.31 1.02
N ILE A 69 7.81 -8.76 -0.16
CA ILE A 69 7.97 -9.57 -1.36
C ILE A 69 9.36 -9.41 -1.95
N PRO A 70 9.93 -10.53 -2.41
CA PRO A 70 11.28 -10.55 -3.01
C PRO A 70 11.31 -9.86 -4.37
N PRO A 71 12.52 -9.58 -4.86
CA PRO A 71 12.73 -8.92 -6.16
C PRO A 71 12.36 -9.82 -7.32
N GLN A 72 12.18 -9.22 -8.50
CA GLN A 72 11.82 -9.97 -9.70
C GLN A 72 13.08 -10.42 -10.45
N LEU A 73 14.10 -10.82 -9.70
CA LEU A 73 15.35 -11.27 -10.29
C LEU A 73 15.10 -12.36 -11.34
N GLU A 74 14.16 -13.25 -11.04
CA GLU A 74 13.83 -14.34 -11.96
C GLU A 74 12.85 -13.87 -13.02
N ARG A 1 6.33 23.36 -1.44
CA ARG A 1 5.00 22.79 -1.35
C ARG A 1 5.00 21.57 -0.43
N ARG A 2 4.82 21.81 0.87
CA ARG A 2 4.80 20.73 1.85
C ARG A 2 4.09 19.51 1.30
N GLU A 3 2.87 19.71 0.81
CA GLU A 3 2.08 18.62 0.26
C GLU A 3 1.20 19.12 -0.89
N THR A 4 1.03 18.26 -1.89
CA THR A 4 0.21 18.61 -3.06
C THR A 4 -1.25 18.79 -2.67
N THR A 5 -1.77 19.99 -2.87
CA THR A 5 -3.16 20.30 -2.54
C THR A 5 -4.04 20.26 -3.78
N ASP A 6 -4.50 19.06 -4.15
CA ASP A 6 -5.34 18.89 -5.32
C ASP A 6 -6.22 17.65 -5.18
N ILE A 7 -7.52 17.82 -5.39
CA ILE A 7 -8.47 16.71 -5.29
C ILE A 7 -8.11 15.59 -6.26
N GLY A 8 -7.78 15.97 -7.49
CA GLY A 8 -7.42 14.99 -8.49
C GLY A 8 -8.58 14.07 -8.84
N GLY A 9 -8.48 12.82 -8.41
CA GLY A 9 -9.52 11.86 -8.70
C GLY A 9 -10.15 11.30 -7.44
N GLY A 10 -9.33 10.74 -6.56
CA GLY A 10 -9.83 10.18 -5.32
C GLY A 10 -8.87 9.20 -4.69
N LYS A 11 -8.42 9.52 -3.47
CA LYS A 11 -7.49 8.65 -2.76
C LYS A 11 -8.02 7.24 -2.64
N TYR A 12 -9.34 7.10 -2.76
CA TYR A 12 -9.98 5.79 -2.68
C TYR A 12 -10.24 5.21 -4.06
N THR A 13 -9.33 4.36 -4.53
CA THR A 13 -9.47 3.74 -5.84
C THR A 13 -9.79 2.26 -5.71
N PHE A 14 -9.91 1.79 -4.47
CA PHE A 14 -10.23 0.39 -4.22
C PHE A 14 -9.54 -0.52 -5.23
N GLU A 15 -8.28 -0.21 -5.54
CA GLU A 15 -7.52 -0.99 -6.49
C GLU A 15 -6.22 -1.51 -5.86
N LEU A 16 -5.82 -0.88 -4.76
CA LEU A 16 -4.61 -1.28 -4.06
C LEU A 16 -4.48 -2.80 -4.00
N LYS A 17 -5.61 -3.47 -3.76
CA LYS A 17 -5.62 -4.93 -3.68
C LYS A 17 -4.84 -5.54 -4.85
N GLY A 18 -3.81 -6.31 -4.52
CA GLY A 18 -3.01 -6.95 -5.55
C GLY A 18 -1.84 -6.09 -5.99
N LYS A 19 -2.03 -4.78 -5.95
CA LYS A 19 -0.98 -3.84 -6.34
C LYS A 19 0.15 -3.83 -5.32
N VAL A 20 1.36 -3.52 -5.79
CA VAL A 20 2.52 -3.46 -4.92
C VAL A 20 2.99 -2.03 -4.71
N GLY A 21 3.35 -1.70 -3.47
CA GLY A 21 3.82 -0.36 -3.17
C GLY A 21 5.19 -0.36 -2.52
N LYS A 22 5.56 0.77 -1.92
CA LYS A 22 6.85 0.90 -1.27
C LYS A 22 6.70 1.49 0.13
N VAL A 23 7.31 0.84 1.11
CA VAL A 23 7.25 1.30 2.49
C VAL A 23 7.94 2.64 2.66
N VAL A 24 7.15 3.71 2.77
CA VAL A 24 7.69 5.04 2.93
C VAL A 24 8.16 5.28 4.36
N LYS A 25 7.51 4.61 5.30
CA LYS A 25 7.86 4.75 6.71
C LYS A 25 7.12 3.71 7.56
N ILE A 26 7.64 3.45 8.75
CA ILE A 26 7.02 2.49 9.66
C ILE A 26 6.72 3.12 11.01
N ALA A 27 5.66 2.64 11.65
CA ALA A 27 5.26 3.15 12.96
C ALA A 27 4.75 2.04 13.87
N GLU A 28 4.81 2.26 15.17
CA GLU A 28 4.36 1.27 16.14
C GLU A 28 2.86 1.00 15.99
N ASP A 29 2.09 2.07 15.88
CA ASP A 29 0.64 1.95 15.73
C ASP A 29 0.29 1.28 14.40
N HIS A 30 1.07 1.57 13.37
CA HIS A 30 0.84 1.00 12.05
C HIS A 30 2.01 1.28 11.11
N TYR A 31 1.87 0.89 9.85
CA TYR A 31 2.93 1.09 8.87
C TYR A 31 2.45 1.99 7.74
N LEU A 32 3.38 2.69 7.11
CA LEU A 32 3.05 3.59 6.01
C LEU A 32 3.49 3.00 4.67
N VAL A 33 2.52 2.72 3.80
CA VAL A 33 2.81 2.16 2.49
C VAL A 33 2.30 3.06 1.38
N GLU A 34 3.20 3.49 0.51
CA GLU A 34 2.84 4.36 -0.60
C GLU A 34 2.41 3.54 -1.81
N VAL A 35 1.11 3.53 -2.09
CA VAL A 35 0.56 2.80 -3.22
C VAL A 35 0.07 3.74 -4.32
N GLU A 36 0.67 3.63 -5.50
CA GLU A 36 0.29 4.47 -6.63
C GLU A 36 0.57 5.94 -6.33
N GLY A 37 1.60 6.19 -5.51
CA GLY A 37 1.94 7.55 -5.15
C GLY A 37 1.03 8.12 -4.08
N ASP A 38 0.53 7.24 -3.21
CA ASP A 38 -0.35 7.67 -2.13
C ASP A 38 -0.13 6.81 -0.88
N LYS A 39 0.17 7.47 0.23
CA LYS A 39 0.41 6.77 1.50
C LYS A 39 -0.85 6.03 1.94
N TRP A 40 -0.64 4.85 2.53
CA TRP A 40 -1.75 4.04 3.00
C TRP A 40 -1.47 3.49 4.40
N ILE A 41 -2.48 2.88 5.00
CA ILE A 41 -2.34 2.32 6.34
C ILE A 41 -2.34 0.80 6.30
N ALA A 42 -1.15 0.20 6.37
CA ALA A 42 -1.01 -1.25 6.35
C ALA A 42 -0.29 -1.75 7.59
N TYR A 43 -0.55 -2.99 7.97
CA TYR A 43 0.08 -3.59 9.14
C TYR A 43 0.88 -4.83 8.76
N SER A 44 2.13 -4.87 9.20
CA SER A 44 3.01 -5.99 8.90
C SER A 44 3.44 -6.71 10.18
N ASP A 45 3.37 -8.03 10.16
CA ASP A 45 3.76 -8.84 11.32
C ASP A 45 5.27 -8.89 11.48
N GLU A 46 5.98 -8.57 10.39
CA GLU A 46 7.43 -8.57 10.42
C GLU A 46 8.00 -7.18 10.15
N LYS A 47 8.60 -6.59 11.17
CA LYS A 47 9.19 -5.26 11.05
C LYS A 47 9.82 -5.07 9.68
N LEU A 48 9.15 -4.29 8.83
CA LEU A 48 9.66 -4.02 7.48
C LEU A 48 10.82 -3.04 7.52
N SER A 49 11.45 -2.82 6.37
CA SER A 49 12.58 -1.91 6.27
C SER A 49 12.32 -0.82 5.23
N LEU A 50 12.63 0.41 5.59
CA LEU A 50 12.43 1.54 4.68
C LEU A 50 12.97 1.24 3.30
N GLY A 51 12.09 1.28 2.30
CA GLY A 51 12.50 1.01 0.93
C GLY A 51 12.19 -0.41 0.51
N ASP A 52 11.54 -1.16 1.40
CA ASP A 52 11.19 -2.55 1.11
C ASP A 52 9.87 -2.62 0.32
N ARG A 53 9.87 -3.42 -0.73
CA ARG A 53 8.69 -3.59 -1.57
C ARG A 53 7.72 -4.59 -0.95
N VAL A 54 6.43 -4.25 -0.96
CA VAL A 54 5.41 -5.12 -0.40
C VAL A 54 4.14 -5.09 -1.25
N MET A 55 3.46 -6.23 -1.34
CA MET A 55 2.24 -6.33 -2.12
C MET A 55 1.03 -6.49 -1.20
N VAL A 56 -0.03 -5.73 -1.49
CA VAL A 56 -1.24 -5.79 -0.69
C VAL A 56 -1.93 -7.14 -0.83
N VAL A 57 -2.11 -7.83 0.29
CA VAL A 57 -2.76 -9.14 0.29
C VAL A 57 -4.28 -9.01 0.34
N ASP A 58 -4.75 -8.00 1.07
CA ASP A 58 -6.19 -7.75 1.19
C ASP A 58 -6.45 -6.34 1.70
N VAL A 59 -7.54 -5.74 1.24
CA VAL A 59 -7.92 -4.40 1.64
C VAL A 59 -9.18 -4.41 2.49
N ASP A 60 -9.05 -3.95 3.73
CA ASP A 60 -10.19 -3.90 4.65
C ASP A 60 -10.74 -2.49 4.77
N GLY A 61 -10.95 -1.84 3.62
CA GLY A 61 -11.47 -0.48 3.62
C GLY A 61 -10.37 0.55 3.47
N LEU A 62 -10.09 1.29 4.53
CA LEU A 62 -9.06 2.33 4.51
C LEU A 62 -7.70 1.74 4.85
N LYS A 63 -7.64 0.41 4.96
CA LYS A 63 -6.40 -0.28 5.28
C LYS A 63 -6.17 -1.45 4.34
N LEU A 64 -4.90 -1.76 4.07
CA LEU A 64 -4.56 -2.86 3.18
C LEU A 64 -3.30 -3.58 3.68
N LYS A 65 -3.48 -4.83 4.11
CA LYS A 65 -2.36 -5.63 4.61
C LYS A 65 -1.30 -5.81 3.53
N VAL A 66 -0.05 -5.58 3.89
CA VAL A 66 1.07 -5.72 2.96
C VAL A 66 2.03 -6.80 3.42
N LYS A 67 2.50 -7.62 2.49
CA LYS A 67 3.43 -8.69 2.80
C LYS A 67 4.70 -8.59 1.95
N ARG A 68 5.85 -8.48 2.60
CA ARG A 68 7.11 -8.37 1.91
C ARG A 68 7.21 -9.38 0.78
N ILE A 69 7.70 -8.93 -0.38
CA ILE A 69 7.83 -9.80 -1.54
C ILE A 69 9.26 -9.80 -2.06
N PRO A 70 9.70 -10.95 -2.60
CA PRO A 70 11.05 -11.11 -3.14
C PRO A 70 11.25 -10.31 -4.43
N PRO A 71 12.51 -9.87 -4.66
CA PRO A 71 12.87 -9.10 -5.85
C PRO A 71 12.82 -9.94 -7.13
N GLN A 72 13.09 -9.30 -8.25
CA GLN A 72 13.07 -9.99 -9.54
C GLN A 72 14.46 -10.49 -9.91
N LEU A 73 15.42 -10.26 -9.02
CA LEU A 73 16.80 -10.69 -9.25
C LEU A 73 17.03 -12.10 -8.71
N GLU A 74 16.05 -12.98 -8.92
CA GLU A 74 16.14 -14.36 -8.45
C GLU A 74 17.41 -15.02 -8.97
N ARG A 1 -5.66 4.75 -21.00
CA ARG A 1 -6.31 4.52 -19.72
C ARG A 1 -7.75 5.04 -19.74
N ARG A 2 -8.69 4.16 -19.42
CA ARG A 2 -10.10 4.53 -19.41
C ARG A 2 -10.48 5.14 -18.06
N GLU A 3 -10.08 4.49 -16.98
CA GLU A 3 -10.38 4.98 -15.64
C GLU A 3 -9.84 6.38 -15.43
N THR A 4 -10.19 7.00 -14.31
CA THR A 4 -9.75 8.34 -13.99
C THR A 4 -8.64 8.32 -12.94
N THR A 5 -7.50 8.93 -13.26
CA THR A 5 -6.37 8.97 -12.36
C THR A 5 -6.77 9.58 -11.01
N ASP A 6 -7.44 10.72 -11.06
CA ASP A 6 -7.88 11.40 -9.84
C ASP A 6 -9.29 11.94 -10.00
N ILE A 7 -10.23 11.34 -9.27
CA ILE A 7 -11.62 11.75 -9.34
C ILE A 7 -11.81 13.16 -8.77
N GLY A 8 -10.90 13.55 -7.88
CA GLY A 8 -10.98 14.87 -7.28
C GLY A 8 -11.69 14.86 -5.93
N GLY A 9 -12.73 14.04 -5.83
CA GLY A 9 -13.48 13.95 -4.59
C GLY A 9 -12.69 13.30 -3.48
N GLY A 10 -12.07 12.17 -3.77
CA GLY A 10 -11.27 11.46 -2.78
C GLY A 10 -10.14 10.67 -3.39
N LYS A 11 -9.19 10.27 -2.56
CA LYS A 11 -8.04 9.50 -3.03
C LYS A 11 -8.24 8.01 -2.77
N TYR A 12 -9.47 7.54 -2.95
CA TYR A 12 -9.80 6.14 -2.73
C TYR A 12 -10.29 5.49 -4.02
N THR A 13 -9.49 4.58 -4.56
CA THR A 13 -9.85 3.88 -5.79
C THR A 13 -10.26 2.44 -5.51
N PHE A 14 -9.84 1.93 -4.36
CA PHE A 14 -10.16 0.56 -3.97
C PHE A 14 -9.64 -0.44 -4.99
N GLU A 15 -8.41 -0.22 -5.44
CA GLU A 15 -7.78 -1.10 -6.43
C GLU A 15 -6.44 -1.63 -5.92
N LEU A 16 -5.82 -0.87 -5.03
CA LEU A 16 -4.52 -1.26 -4.47
C LEU A 16 -4.43 -2.78 -4.33
N LYS A 17 -5.55 -3.42 -4.02
CA LYS A 17 -5.60 -4.86 -3.85
C LYS A 17 -4.78 -5.55 -4.94
N GLY A 18 -3.65 -6.13 -4.54
CA GLY A 18 -2.79 -6.82 -5.49
C GLY A 18 -1.60 -5.99 -5.90
N LYS A 19 -1.81 -4.68 -6.04
CA LYS A 19 -0.74 -3.77 -6.43
C LYS A 19 0.38 -3.77 -5.39
N VAL A 20 1.59 -3.43 -5.83
CA VAL A 20 2.73 -3.38 -4.93
C VAL A 20 3.05 -1.95 -4.50
N GLY A 21 3.31 -1.76 -3.21
CA GLY A 21 3.61 -0.44 -2.71
C GLY A 21 5.02 -0.34 -2.15
N LYS A 22 5.53 0.89 -2.05
CA LYS A 22 6.87 1.12 -1.53
C LYS A 22 6.84 1.48 -0.05
N VAL A 23 7.71 0.85 0.72
CA VAL A 23 7.79 1.10 2.15
C VAL A 23 8.39 2.47 2.44
N VAL A 24 7.54 3.47 2.64
CA VAL A 24 7.99 4.82 2.92
C VAL A 24 8.42 4.96 4.38
N LYS A 25 7.64 4.39 5.29
CA LYS A 25 7.95 4.44 6.71
C LYS A 25 7.30 3.28 7.45
N ILE A 26 7.66 3.11 8.72
CA ILE A 26 7.12 2.04 9.54
C ILE A 26 6.89 2.50 10.97
N ALA A 27 5.73 2.14 11.52
CA ALA A 27 5.39 2.52 12.88
C ALA A 27 4.71 1.37 13.62
N GLU A 28 4.97 1.28 14.93
CA GLU A 28 4.38 0.22 15.75
C GLU A 28 2.86 0.24 15.66
N ASP A 29 2.28 1.43 15.82
CA ASP A 29 0.83 1.57 15.75
C ASP A 29 0.30 1.27 14.35
N HIS A 30 1.12 1.58 13.35
CA HIS A 30 0.74 1.34 11.96
C HIS A 30 1.93 1.56 11.03
N TYR A 31 1.80 1.06 9.80
CA TYR A 31 2.86 1.19 8.81
C TYR A 31 2.45 2.14 7.70
N LEU A 32 3.44 2.79 7.07
CA LEU A 32 3.18 3.72 5.99
C LEU A 32 3.62 3.13 4.64
N VAL A 33 2.65 2.90 3.76
CA VAL A 33 2.94 2.34 2.45
C VAL A 33 2.45 3.27 1.34
N GLU A 34 3.28 3.45 0.31
CA GLU A 34 2.93 4.32 -0.80
C GLU A 34 2.47 3.49 -2.00
N VAL A 35 1.16 3.46 -2.22
CA VAL A 35 0.58 2.71 -3.33
C VAL A 35 0.05 3.65 -4.41
N GLU A 36 0.45 3.39 -5.65
CA GLU A 36 0.02 4.21 -6.79
C GLU A 36 0.22 5.69 -6.49
N GLY A 37 1.25 6.00 -5.70
CA GLY A 37 1.54 7.38 -5.36
C GLY A 37 0.61 7.91 -4.29
N ASP A 38 0.21 7.04 -3.36
CA ASP A 38 -0.68 7.43 -2.28
C ASP A 38 -0.28 6.75 -0.97
N LYS A 39 -0.28 7.51 0.11
CA LYS A 39 0.07 6.98 1.43
C LYS A 39 -1.11 6.26 2.07
N TRP A 40 -0.91 5.00 2.41
CA TRP A 40 -1.97 4.20 3.04
C TRP A 40 -1.56 3.76 4.43
N ILE A 41 -2.49 3.12 5.14
CA ILE A 41 -2.22 2.64 6.49
C ILE A 41 -2.31 1.12 6.56
N ALA A 42 -1.16 0.46 6.43
CA ALA A 42 -1.11 -0.99 6.48
C ALA A 42 -0.41 -1.47 7.75
N TYR A 43 -0.60 -2.75 8.07
CA TYR A 43 0.01 -3.33 9.27
C TYR A 43 0.57 -4.72 8.97
N SER A 44 1.87 -4.89 9.19
CA SER A 44 2.52 -6.17 8.95
C SER A 44 3.39 -6.57 10.14
N ASP A 45 2.96 -7.62 10.84
CA ASP A 45 3.70 -8.10 12.01
C ASP A 45 5.19 -8.20 11.70
N GLU A 46 5.52 -8.49 10.44
CA GLU A 46 6.91 -8.62 10.03
C GLU A 46 7.57 -7.25 9.92
N LYS A 47 8.52 -6.99 10.81
CA LYS A 47 9.24 -5.72 10.81
C LYS A 47 9.78 -5.39 9.43
N LEU A 48 9.21 -4.36 8.80
CA LEU A 48 9.64 -3.95 7.47
C LEU A 48 10.81 -2.96 7.56
N SER A 49 11.22 -2.45 6.40
CA SER A 49 12.32 -1.49 6.35
C SER A 49 12.06 -0.42 5.29
N LEU A 50 12.62 0.77 5.51
CA LEU A 50 12.45 1.87 4.57
C LEU A 50 12.98 1.50 3.19
N GLY A 51 12.23 1.85 2.15
CA GLY A 51 12.64 1.56 0.80
C GLY A 51 12.35 0.13 0.40
N ASP A 52 11.74 -0.62 1.31
CA ASP A 52 11.40 -2.02 1.06
C ASP A 52 10.20 -2.12 0.12
N ARG A 53 9.86 -3.35 -0.27
CA ARG A 53 8.74 -3.59 -1.17
C ARG A 53 7.70 -4.49 -0.51
N VAL A 54 6.44 -4.07 -0.58
CA VAL A 54 5.35 -4.85 0.00
C VAL A 54 4.12 -4.83 -0.89
N MET A 55 3.51 -6.00 -1.09
CA MET A 55 2.32 -6.11 -1.92
C MET A 55 1.07 -6.25 -1.06
N VAL A 56 -0.06 -5.75 -1.58
CA VAL A 56 -1.32 -5.83 -0.85
C VAL A 56 -1.98 -7.19 -1.05
N VAL A 57 -2.24 -7.88 0.06
CA VAL A 57 -2.87 -9.20 0.01
C VAL A 57 -4.37 -9.09 0.29
N ASP A 58 -4.76 -8.07 1.04
CA ASP A 58 -6.16 -7.86 1.38
C ASP A 58 -6.43 -6.40 1.74
N VAL A 59 -7.61 -5.92 1.39
CA VAL A 59 -7.99 -4.53 1.68
C VAL A 59 -9.32 -4.47 2.41
N ASP A 60 -9.30 -3.89 3.61
CA ASP A 60 -10.51 -3.76 4.41
C ASP A 60 -10.98 -2.31 4.45
N GLY A 61 -10.62 -1.54 3.42
CA GLY A 61 -11.01 -0.14 3.36
C GLY A 61 -9.82 0.79 3.37
N LEU A 62 -9.56 1.40 4.51
CA LEU A 62 -8.44 2.33 4.64
C LEU A 62 -7.14 1.58 4.96
N LYS A 63 -7.27 0.31 5.29
CA LYS A 63 -6.11 -0.52 5.61
C LYS A 63 -5.94 -1.63 4.59
N LEU A 64 -4.69 -1.89 4.21
CA LEU A 64 -4.38 -2.93 3.23
C LEU A 64 -3.25 -3.82 3.73
N LYS A 65 -3.60 -5.04 4.15
CA LYS A 65 -2.62 -5.99 4.65
C LYS A 65 -1.52 -6.23 3.61
N VAL A 66 -0.32 -5.72 3.89
CA VAL A 66 0.81 -5.88 2.98
C VAL A 66 1.78 -6.93 3.51
N LYS A 67 2.46 -7.61 2.60
CA LYS A 67 3.42 -8.64 2.96
C LYS A 67 4.80 -8.34 2.36
N ARG A 68 5.84 -8.82 3.02
CA ARG A 68 7.21 -8.60 2.56
C ARG A 68 7.46 -9.35 1.25
N ILE A 69 7.79 -8.61 0.20
CA ILE A 69 8.06 -9.20 -1.11
C ILE A 69 9.40 -8.75 -1.65
N PRO A 70 10.12 -9.68 -2.29
CA PRO A 70 11.44 -9.40 -2.87
C PRO A 70 11.35 -8.49 -4.10
N PRO A 71 12.35 -7.63 -4.28
CA PRO A 71 12.41 -6.70 -5.41
C PRO A 71 12.65 -7.41 -6.74
N GLN A 72 11.80 -7.12 -7.72
CA GLN A 72 11.92 -7.75 -9.04
C GLN A 72 13.37 -7.72 -9.52
N LEU A 73 14.09 -6.68 -9.14
CA LEU A 73 15.49 -6.53 -9.54
C LEU A 73 16.41 -7.27 -8.56
N GLU A 74 15.95 -8.42 -8.08
CA GLU A 74 16.73 -9.21 -7.13
C GLU A 74 16.85 -8.50 -5.79
N ARG A 1 -24.04 21.61 -3.13
CA ARG A 1 -25.30 20.96 -3.44
C ARG A 1 -25.12 19.45 -3.54
N ARG A 2 -26.13 18.71 -3.06
CA ARG A 2 -26.09 17.25 -3.09
C ARG A 2 -25.66 16.75 -4.47
N GLU A 3 -26.29 17.28 -5.50
CA GLU A 3 -25.99 16.89 -6.87
C GLU A 3 -24.51 16.54 -7.02
N THR A 4 -24.21 15.62 -7.93
CA THR A 4 -22.83 15.20 -8.18
C THR A 4 -22.19 16.03 -9.28
N THR A 5 -22.22 17.35 -9.12
CA THR A 5 -21.63 18.25 -10.10
C THR A 5 -20.12 18.33 -9.95
N ASP A 6 -19.65 18.36 -8.71
CA ASP A 6 -18.22 18.43 -8.42
C ASP A 6 -17.55 17.09 -8.68
N ILE A 7 -16.35 17.13 -9.26
CA ILE A 7 -15.60 15.92 -9.56
C ILE A 7 -15.27 15.14 -8.30
N GLY A 8 -14.75 15.85 -7.30
CA GLY A 8 -14.41 15.21 -6.04
C GLY A 8 -13.23 14.27 -6.17
N GLY A 9 -12.08 14.67 -5.62
CA GLY A 9 -10.90 13.83 -5.70
C GLY A 9 -11.01 12.59 -4.83
N GLY A 10 -10.12 12.49 -3.85
CA GLY A 10 -10.13 11.33 -2.96
C GLY A 10 -9.08 10.30 -3.33
N LYS A 11 -8.23 9.96 -2.37
CA LYS A 11 -7.17 8.98 -2.60
C LYS A 11 -7.69 7.57 -2.37
N TYR A 12 -8.91 7.31 -2.82
CA TYR A 12 -9.51 5.99 -2.66
C TYR A 12 -9.86 5.39 -4.02
N THR A 13 -9.19 4.29 -4.37
CA THR A 13 -9.43 3.62 -5.64
C THR A 13 -9.84 2.17 -5.43
N PHE A 14 -9.71 1.69 -4.20
CA PHE A 14 -10.07 0.32 -3.86
C PHE A 14 -9.48 -0.65 -4.88
N GLU A 15 -8.25 -0.41 -5.29
CA GLU A 15 -7.57 -1.26 -6.27
C GLU A 15 -6.25 -1.78 -5.71
N LEU A 16 -5.66 -1.03 -4.79
CA LEU A 16 -4.39 -1.41 -4.18
C LEU A 16 -4.32 -2.93 -4.00
N LYS A 17 -5.45 -3.55 -3.72
CA LYS A 17 -5.51 -4.99 -3.53
C LYS A 17 -4.82 -5.72 -4.68
N GLY A 18 -3.58 -6.12 -4.46
CA GLY A 18 -2.83 -6.82 -5.48
C GLY A 18 -1.62 -6.03 -5.97
N LYS A 19 -1.73 -4.71 -5.92
CA LYS A 19 -0.65 -3.84 -6.37
C LYS A 19 0.49 -3.84 -5.35
N VAL A 20 1.64 -3.29 -5.75
CA VAL A 20 2.81 -3.24 -4.89
C VAL A 20 3.05 -1.81 -4.39
N GLY A 21 3.39 -1.68 -3.12
CA GLY A 21 3.65 -0.37 -2.54
C GLY A 21 5.02 -0.27 -1.91
N LYS A 22 5.53 0.95 -1.78
CA LYS A 22 6.84 1.17 -1.19
C LYS A 22 6.71 1.68 0.24
N VAL A 23 7.28 0.95 1.19
CA VAL A 23 7.22 1.33 2.60
C VAL A 23 8.00 2.61 2.85
N VAL A 24 7.31 3.74 2.72
CA VAL A 24 7.93 5.04 2.92
C VAL A 24 8.32 5.24 4.38
N LYS A 25 7.54 4.65 5.28
CA LYS A 25 7.80 4.76 6.71
C LYS A 25 7.19 3.58 7.46
N ILE A 26 7.60 3.41 8.71
CA ILE A 26 7.09 2.32 9.54
C ILE A 26 6.81 2.80 10.96
N ALA A 27 5.67 2.36 11.51
CA ALA A 27 5.28 2.73 12.87
C ALA A 27 4.54 1.60 13.56
N GLU A 28 4.91 1.34 14.82
CA GLU A 28 4.28 0.28 15.58
C GLU A 28 2.77 0.32 15.43
N ASP A 29 2.18 1.49 15.68
CA ASP A 29 0.73 1.66 15.56
C ASP A 29 0.25 1.29 14.16
N HIS A 30 1.03 1.67 13.15
CA HIS A 30 0.69 1.37 11.76
C HIS A 30 1.87 1.65 10.84
N TYR A 31 1.81 1.10 9.64
CA TYR A 31 2.88 1.29 8.65
C TYR A 31 2.41 2.18 7.51
N LEU A 32 3.33 3.01 7.02
CA LEU A 32 3.01 3.92 5.92
C LEU A 32 3.48 3.34 4.58
N VAL A 33 2.51 2.94 3.76
CA VAL A 33 2.81 2.38 2.45
C VAL A 33 2.26 3.25 1.33
N GLU A 34 3.11 3.57 0.36
CA GLU A 34 2.70 4.41 -0.77
C GLU A 34 2.29 3.54 -1.96
N VAL A 35 0.99 3.45 -2.20
CA VAL A 35 0.47 2.66 -3.30
C VAL A 35 -0.12 3.56 -4.39
N GLU A 36 0.36 3.39 -5.62
CA GLU A 36 -0.10 4.18 -6.74
C GLU A 36 0.07 5.67 -6.48
N GLY A 37 1.10 6.00 -5.71
CA GLY A 37 1.38 7.40 -5.39
C GLY A 37 0.46 7.93 -4.31
N ASP A 38 -0.02 7.04 -3.44
CA ASP A 38 -0.91 7.43 -2.36
C ASP A 38 -0.59 6.66 -1.09
N LYS A 39 -0.40 7.38 0.01
CA LYS A 39 -0.09 6.77 1.30
C LYS A 39 -1.26 5.93 1.80
N TRP A 40 -0.95 4.79 2.41
CA TRP A 40 -1.98 3.90 2.94
C TRP A 40 -1.64 3.45 4.35
N ILE A 41 -2.58 2.75 4.99
CA ILE A 41 -2.37 2.26 6.34
C ILE A 41 -2.35 0.74 6.37
N ALA A 42 -1.15 0.17 6.29
CA ALA A 42 -0.99 -1.28 6.32
C ALA A 42 -0.29 -1.74 7.59
N TYR A 43 -0.60 -2.94 8.03
CA TYR A 43 0.00 -3.50 9.25
C TYR A 43 0.72 -4.81 8.95
N SER A 44 2.01 -4.85 9.24
CA SER A 44 2.82 -6.05 9.01
C SER A 44 3.57 -6.45 10.28
N ASP A 45 3.12 -7.54 10.90
CA ASP A 45 3.74 -8.04 12.11
C ASP A 45 5.24 -8.25 11.90
N GLU A 46 5.63 -8.55 10.67
CA GLU A 46 7.02 -8.78 10.33
C GLU A 46 7.77 -7.46 10.14
N LYS A 47 8.67 -7.15 11.06
CA LYS A 47 9.44 -5.92 11.00
C LYS A 47 9.87 -5.63 9.56
N LEU A 48 9.34 -4.55 9.00
CA LEU A 48 9.67 -4.16 7.64
C LEU A 48 10.84 -3.18 7.62
N SER A 49 11.45 -3.02 6.45
CA SER A 49 12.59 -2.12 6.29
C SER A 49 12.25 -0.97 5.36
N LEU A 50 12.61 0.25 5.76
CA LEU A 50 12.35 1.43 4.96
C LEU A 50 12.89 1.26 3.54
N GLY A 51 11.99 1.37 2.56
CA GLY A 51 12.40 1.23 1.18
C GLY A 51 12.17 -0.16 0.64
N ASP A 52 11.54 -1.00 1.44
CA ASP A 52 11.25 -2.38 1.06
C ASP A 52 10.02 -2.44 0.16
N ARG A 53 10.03 -3.38 -0.78
CA ARG A 53 8.91 -3.54 -1.71
C ARG A 53 7.91 -4.57 -1.18
N VAL A 54 6.68 -4.15 -0.96
CA VAL A 54 5.64 -5.03 -0.46
C VAL A 54 4.43 -5.04 -1.39
N MET A 55 3.60 -6.08 -1.26
CA MET A 55 2.41 -6.20 -2.09
C MET A 55 1.16 -6.38 -1.23
N VAL A 56 0.13 -5.60 -1.51
CA VAL A 56 -1.12 -5.67 -0.76
C VAL A 56 -1.82 -7.00 -0.99
N VAL A 57 -2.15 -7.68 0.09
CA VAL A 57 -2.83 -8.97 0.01
C VAL A 57 -4.32 -8.83 0.36
N ASP A 58 -4.63 -7.90 1.25
CA ASP A 58 -6.01 -7.67 1.66
C ASP A 58 -6.24 -6.19 1.98
N VAL A 59 -7.43 -5.71 1.66
CA VAL A 59 -7.78 -4.31 1.92
C VAL A 59 -9.16 -4.20 2.57
N ASP A 60 -9.19 -3.64 3.78
CA ASP A 60 -10.44 -3.46 4.51
C ASP A 60 -10.90 -2.01 4.45
N GLY A 61 -10.54 -1.33 3.38
CA GLY A 61 -10.93 0.07 3.22
C GLY A 61 -9.76 1.02 3.34
N LEU A 62 -9.69 1.74 4.45
CA LEU A 62 -8.61 2.69 4.68
C LEU A 62 -7.39 2.00 5.25
N LYS A 63 -7.32 0.68 5.04
CA LYS A 63 -6.19 -0.11 5.53
C LYS A 63 -6.08 -1.43 4.77
N LEU A 64 -4.86 -1.82 4.43
CA LEU A 64 -4.63 -3.06 3.70
C LEU A 64 -3.36 -3.74 4.19
N LYS A 65 -3.34 -5.07 4.16
CA LYS A 65 -2.19 -5.84 4.60
C LYS A 65 -1.17 -5.98 3.47
N VAL A 66 0.11 -5.89 3.82
CA VAL A 66 1.18 -6.00 2.83
C VAL A 66 2.13 -7.15 3.19
N LYS A 67 2.65 -7.81 2.16
CA LYS A 67 3.56 -8.92 2.36
C LYS A 67 4.94 -8.60 1.81
N ARG A 68 5.98 -8.81 2.63
CA ARG A 68 7.34 -8.53 2.21
C ARG A 68 7.72 -9.36 0.99
N ILE A 69 8.10 -8.69 -0.09
CA ILE A 69 8.48 -9.36 -1.32
C ILE A 69 9.85 -8.89 -1.80
N PRO A 70 10.68 -9.84 -2.27
CA PRO A 70 12.02 -9.55 -2.77
C PRO A 70 11.99 -8.79 -4.09
N PRO A 71 13.16 -8.25 -4.48
CA PRO A 71 13.30 -7.48 -5.73
C PRO A 71 13.17 -8.37 -6.96
N GLN A 72 13.18 -7.75 -8.13
CA GLN A 72 13.06 -8.48 -9.39
C GLN A 72 14.43 -8.68 -10.02
N LEU A 73 15.36 -7.78 -9.71
CA LEU A 73 16.72 -7.85 -10.25
C LEU A 73 17.59 -8.77 -9.40
N GLU A 74 17.00 -9.85 -8.89
CA GLU A 74 17.73 -10.80 -8.07
C GLU A 74 17.55 -12.22 -8.59
N ARG A 1 -32.38 3.39 -15.90
CA ARG A 1 -31.09 4.06 -16.05
C ARG A 1 -30.29 4.00 -14.74
N ARG A 2 -30.45 2.90 -14.02
CA ARG A 2 -29.76 2.71 -12.75
C ARG A 2 -28.35 2.16 -12.97
N GLU A 3 -27.96 2.07 -14.24
CA GLU A 3 -26.64 1.56 -14.60
C GLU A 3 -25.58 2.06 -13.62
N THR A 4 -25.04 1.15 -12.81
CA THR A 4 -24.02 1.50 -11.83
C THR A 4 -22.64 1.60 -12.49
N THR A 5 -22.09 2.81 -12.49
CA THR A 5 -20.77 3.04 -13.08
C THR A 5 -19.91 3.91 -12.18
N ASP A 6 -18.99 3.27 -11.45
CA ASP A 6 -18.10 3.99 -10.55
C ASP A 6 -16.78 4.32 -11.25
N ILE A 7 -16.47 5.61 -11.30
CA ILE A 7 -15.23 6.07 -11.93
C ILE A 7 -14.08 6.14 -10.93
N GLY A 8 -14.29 6.91 -9.86
CA GLY A 8 -13.26 7.05 -8.84
C GLY A 8 -13.17 8.46 -8.31
N GLY A 9 -11.94 8.97 -8.18
CA GLY A 9 -11.75 10.31 -7.67
C GLY A 9 -11.31 10.32 -6.22
N GLY A 10 -10.08 10.78 -5.98
CA GLY A 10 -9.56 10.83 -4.62
C GLY A 10 -8.50 9.76 -4.37
N LYS A 11 -8.32 9.41 -3.10
CA LYS A 11 -7.34 8.41 -2.73
C LYS A 11 -8.00 7.05 -2.50
N TYR A 12 -9.33 7.05 -2.50
CA TYR A 12 -10.09 5.82 -2.29
C TYR A 12 -10.50 5.20 -3.62
N THR A 13 -9.72 4.23 -4.08
CA THR A 13 -10.00 3.54 -5.34
C THR A 13 -10.33 2.07 -5.11
N PHE A 14 -10.06 1.59 -3.90
CA PHE A 14 -10.32 0.20 -3.56
C PHE A 14 -9.74 -0.74 -4.61
N GLU A 15 -8.52 -0.44 -5.06
CA GLU A 15 -7.86 -1.27 -6.06
C GLU A 15 -6.50 -1.73 -5.57
N LEU A 16 -5.92 -0.99 -4.64
CA LEU A 16 -4.61 -1.33 -4.08
C LEU A 16 -4.43 -2.83 -3.99
N LYS A 17 -5.48 -3.53 -3.57
CA LYS A 17 -5.45 -4.98 -3.45
C LYS A 17 -4.82 -5.61 -4.68
N GLY A 18 -3.66 -6.24 -4.49
CA GLY A 18 -2.97 -6.89 -5.59
C GLY A 18 -1.78 -6.08 -6.08
N LYS A 19 -1.89 -4.76 -6.01
CA LYS A 19 -0.82 -3.88 -6.45
C LYS A 19 0.35 -3.91 -5.47
N VAL A 20 1.48 -3.35 -5.87
CA VAL A 20 2.66 -3.31 -5.02
C VAL A 20 2.97 -1.88 -4.59
N GLY A 21 3.36 -1.73 -3.31
CA GLY A 21 3.67 -0.41 -2.80
C GLY A 21 5.06 -0.36 -2.19
N LYS A 22 5.51 0.85 -1.85
CA LYS A 22 6.82 1.05 -1.26
C LYS A 22 6.72 1.62 0.15
N VAL A 23 7.35 0.95 1.10
CA VAL A 23 7.31 1.40 2.50
C VAL A 23 8.09 2.70 2.67
N VAL A 24 7.36 3.80 2.76
CA VAL A 24 7.98 5.12 2.93
C VAL A 24 8.34 5.36 4.39
N LYS A 25 7.65 4.68 5.30
CA LYS A 25 7.90 4.83 6.73
C LYS A 25 7.22 3.72 7.52
N ILE A 26 7.78 3.38 8.67
CA ILE A 26 7.22 2.34 9.52
C ILE A 26 6.93 2.87 10.92
N ALA A 27 5.80 2.46 11.47
CA ALA A 27 5.40 2.89 12.81
C ALA A 27 4.66 1.78 13.55
N GLU A 28 5.06 1.54 14.81
CA GLU A 28 4.44 0.51 15.61
C GLU A 28 2.91 0.58 15.51
N ASP A 29 2.37 1.77 15.72
CA ASP A 29 0.93 1.97 15.64
C ASP A 29 0.39 1.62 14.25
N HIS A 30 1.16 1.96 13.23
CA HIS A 30 0.78 1.68 11.85
C HIS A 30 1.94 1.91 10.90
N TYR A 31 1.89 1.26 9.73
CA TYR A 31 2.94 1.40 8.74
C TYR A 31 2.51 2.33 7.62
N LEU A 32 3.49 3.01 7.02
CA LEU A 32 3.22 3.94 5.93
C LEU A 32 3.62 3.34 4.59
N VAL A 33 2.63 2.88 3.83
CA VAL A 33 2.88 2.28 2.53
C VAL A 33 2.33 3.15 1.41
N GLU A 34 3.22 3.61 0.53
CA GLU A 34 2.82 4.46 -0.58
C GLU A 34 2.38 3.61 -1.78
N VAL A 35 1.08 3.67 -2.09
CA VAL A 35 0.53 2.91 -3.20
C VAL A 35 0.05 3.85 -4.31
N GLU A 36 0.43 3.53 -5.55
CA GLU A 36 0.05 4.34 -6.70
C GLU A 36 0.23 5.82 -6.41
N GLY A 37 1.23 6.15 -5.59
CA GLY A 37 1.49 7.53 -5.25
C GLY A 37 0.53 8.06 -4.21
N ASP A 38 0.09 7.18 -3.31
CA ASP A 38 -0.84 7.57 -2.25
C ASP A 38 -0.56 6.80 -0.97
N LYS A 39 -0.20 7.51 0.08
CA LYS A 39 0.11 6.90 1.37
C LYS A 39 -1.14 6.23 1.95
N TRP A 40 -0.94 5.07 2.58
CA TRP A 40 -2.04 4.33 3.18
C TRP A 40 -1.70 3.91 4.61
N ILE A 41 -2.69 3.35 5.30
CA ILE A 41 -2.50 2.90 6.67
C ILE A 41 -2.60 1.39 6.78
N ALA A 42 -1.46 0.71 6.70
CA ALA A 42 -1.42 -0.74 6.79
C ALA A 42 -0.48 -1.20 7.90
N TYR A 43 -0.61 -2.45 8.31
CA TYR A 43 0.22 -3.02 9.36
C TYR A 43 0.67 -4.43 9.01
N SER A 44 1.95 -4.70 9.23
CA SER A 44 2.50 -6.03 8.93
C SER A 44 3.30 -6.56 10.12
N ASP A 45 2.81 -7.64 10.72
CA ASP A 45 3.48 -8.25 11.86
C ASP A 45 4.98 -8.40 11.59
N GLU A 46 5.34 -8.54 10.32
CA GLU A 46 6.73 -8.70 9.94
C GLU A 46 7.45 -7.36 9.93
N LYS A 47 8.45 -7.22 10.80
CA LYS A 47 9.22 -5.99 10.89
C LYS A 47 9.77 -5.59 9.51
N LEU A 48 9.08 -4.66 8.85
CA LEU A 48 9.50 -4.20 7.54
C LEU A 48 10.66 -3.20 7.66
N SER A 49 11.28 -2.90 6.53
CA SER A 49 12.40 -1.96 6.50
C SER A 49 12.17 -0.88 5.46
N LEU A 50 12.54 0.36 5.81
CA LEU A 50 12.39 1.49 4.90
C LEU A 50 13.02 1.20 3.56
N GLY A 51 12.22 1.25 2.51
CA GLY A 51 12.72 1.00 1.17
C GLY A 51 12.44 -0.42 0.70
N ASP A 52 11.68 -1.16 1.50
CA ASP A 52 11.33 -2.54 1.17
C ASP A 52 10.04 -2.60 0.36
N ARG A 53 10.04 -3.40 -0.71
CA ARG A 53 8.87 -3.55 -1.55
C ARG A 53 7.87 -4.52 -0.94
N VAL A 54 6.59 -4.21 -1.08
CA VAL A 54 5.53 -5.06 -0.54
C VAL A 54 4.30 -5.05 -1.43
N MET A 55 3.51 -6.11 -1.36
CA MET A 55 2.29 -6.21 -2.17
C MET A 55 1.06 -6.40 -1.28
N VAL A 56 -0.05 -5.79 -1.69
CA VAL A 56 -1.29 -5.89 -0.93
C VAL A 56 -1.95 -7.25 -1.12
N VAL A 57 -2.08 -8.00 -0.04
CA VAL A 57 -2.70 -9.32 -0.10
C VAL A 57 -4.19 -9.25 0.23
N ASP A 58 -4.57 -8.23 0.99
CA ASP A 58 -5.97 -8.05 1.36
C ASP A 58 -6.24 -6.59 1.72
N VAL A 59 -7.52 -6.21 1.73
CA VAL A 59 -7.92 -4.85 2.05
C VAL A 59 -9.24 -4.83 2.81
N ASP A 60 -9.36 -3.89 3.75
CA ASP A 60 -10.58 -3.77 4.54
C ASP A 60 -11.11 -2.33 4.49
N GLY A 61 -10.68 -1.58 3.48
CA GLY A 61 -11.12 -0.21 3.34
C GLY A 61 -9.96 0.78 3.36
N LEU A 62 -9.51 1.12 4.55
CA LEU A 62 -8.40 2.06 4.71
C LEU A 62 -7.10 1.33 5.02
N LYS A 63 -7.20 0.02 5.24
CA LYS A 63 -6.03 -0.80 5.52
C LYS A 63 -5.72 -1.73 4.37
N LEU A 64 -4.43 -1.99 4.15
CA LEU A 64 -3.99 -2.87 3.07
C LEU A 64 -2.92 -3.84 3.55
N LYS A 65 -3.35 -5.00 4.02
CA LYS A 65 -2.43 -6.02 4.50
C LYS A 65 -1.34 -6.32 3.48
N VAL A 66 -0.14 -5.78 3.71
CA VAL A 66 0.98 -5.99 2.79
C VAL A 66 1.92 -7.06 3.33
N LYS A 67 2.66 -7.70 2.43
CA LYS A 67 3.60 -8.74 2.80
C LYS A 67 4.91 -8.60 2.02
N ARG A 68 6.02 -8.94 2.67
CA ARG A 68 7.33 -8.85 2.03
C ARG A 68 7.38 -9.70 0.76
N ILE A 69 7.78 -9.09 -0.34
CA ILE A 69 7.86 -9.80 -1.61
C ILE A 69 9.26 -9.67 -2.22
N PRO A 70 9.76 -10.78 -2.78
CA PRO A 70 11.09 -10.83 -3.40
C PRO A 70 11.15 -10.02 -4.70
N PRO A 71 12.33 -9.44 -4.97
CA PRO A 71 12.54 -8.63 -6.18
C PRO A 71 12.54 -9.47 -7.45
N GLN A 72 12.83 -8.83 -8.58
CA GLN A 72 12.86 -9.52 -9.86
C GLN A 72 14.30 -9.71 -10.35
N LEU A 73 15.17 -8.78 -9.95
CA LEU A 73 16.57 -8.84 -10.35
C LEU A 73 17.37 -9.73 -9.41
N GLU A 74 16.73 -10.79 -8.91
CA GLU A 74 17.39 -11.72 -8.01
C GLU A 74 17.49 -13.11 -8.62
N ARG A 1 -12.72 2.45 -17.60
CA ARG A 1 -11.68 2.76 -18.56
C ARG A 1 -10.33 2.95 -17.88
N ARG A 2 -9.35 2.13 -18.27
CA ARG A 2 -8.02 2.20 -17.68
C ARG A 2 -7.54 3.65 -17.59
N GLU A 3 -8.05 4.50 -18.48
CA GLU A 3 -7.68 5.90 -18.50
C GLU A 3 -8.20 6.62 -17.25
N THR A 4 -7.37 7.49 -16.69
CA THR A 4 -7.74 8.25 -15.50
C THR A 4 -7.01 9.58 -15.44
N THR A 5 -7.77 10.67 -15.50
CA THR A 5 -7.20 12.00 -15.46
C THR A 5 -7.61 12.74 -14.17
N ASP A 6 -8.88 12.59 -13.80
CA ASP A 6 -9.39 13.23 -12.59
C ASP A 6 -10.09 12.22 -11.69
N ILE A 7 -9.50 11.96 -10.52
CA ILE A 7 -10.06 11.02 -9.57
C ILE A 7 -11.46 11.44 -9.14
N GLY A 8 -11.61 12.73 -8.81
CA GLY A 8 -12.89 13.25 -8.38
C GLY A 8 -12.81 13.96 -7.04
N GLY A 9 -12.66 13.20 -5.97
CA GLY A 9 -12.58 13.79 -4.65
C GLY A 9 -12.25 12.77 -3.58
N GLY A 10 -10.98 12.70 -3.20
CA GLY A 10 -10.56 11.75 -2.18
C GLY A 10 -9.44 10.84 -2.65
N LYS A 11 -8.51 10.54 -1.76
CA LYS A 11 -7.39 9.68 -2.10
C LYS A 11 -7.72 8.22 -1.81
N TYR A 12 -8.96 7.84 -2.05
CA TYR A 12 -9.40 6.47 -1.81
C TYR A 12 -9.89 5.81 -3.11
N THR A 13 -9.13 4.82 -3.57
CA THR A 13 -9.48 4.11 -4.80
C THR A 13 -10.00 2.71 -4.50
N PHE A 14 -9.60 2.16 -3.36
CA PHE A 14 -10.03 0.84 -2.95
C PHE A 14 -9.60 -0.21 -3.98
N GLU A 15 -8.41 -0.04 -4.52
CA GLU A 15 -7.88 -0.97 -5.53
C GLU A 15 -6.53 -1.53 -5.08
N LEU A 16 -5.91 -0.88 -4.10
CA LEU A 16 -4.62 -1.31 -3.60
C LEU A 16 -4.52 -2.84 -3.57
N LYS A 17 -5.64 -3.49 -3.27
CA LYS A 17 -5.69 -4.94 -3.20
C LYS A 17 -5.00 -5.56 -4.42
N GLY A 18 -3.84 -6.17 -4.19
CA GLY A 18 -3.11 -6.79 -5.28
C GLY A 18 -1.96 -5.92 -5.77
N LYS A 19 -2.19 -4.61 -5.80
CA LYS A 19 -1.17 -3.67 -6.25
C LYS A 19 0.07 -3.74 -5.36
N VAL A 20 1.20 -3.29 -5.90
CA VAL A 20 2.45 -3.29 -5.15
C VAL A 20 2.91 -1.88 -4.83
N GLY A 21 3.21 -1.63 -3.56
CA GLY A 21 3.66 -0.31 -3.15
C GLY A 21 5.09 -0.31 -2.64
N LYS A 22 5.46 0.74 -1.91
CA LYS A 22 6.80 0.86 -1.37
C LYS A 22 6.77 1.44 0.03
N VAL A 23 7.29 0.69 1.01
CA VAL A 23 7.33 1.14 2.39
C VAL A 23 8.10 2.44 2.52
N VAL A 24 7.43 3.49 2.99
CA VAL A 24 8.05 4.79 3.17
C VAL A 24 8.47 5.01 4.63
N LYS A 25 7.58 4.63 5.55
CA LYS A 25 7.86 4.77 6.97
C LYS A 25 7.21 3.65 7.76
N ILE A 26 7.77 3.37 8.94
CA ILE A 26 7.25 2.31 9.80
C ILE A 26 6.92 2.85 11.18
N ALA A 27 5.89 2.28 11.81
CA ALA A 27 5.48 2.69 13.13
C ALA A 27 4.65 1.61 13.82
N GLU A 28 5.01 1.29 15.06
CA GLU A 28 4.30 0.26 15.82
C GLU A 28 2.79 0.43 15.68
N ASP A 29 2.31 1.65 15.87
CA ASP A 29 0.89 1.94 15.76
C ASP A 29 0.37 1.60 14.37
N HIS A 30 1.20 1.85 13.35
CA HIS A 30 0.82 1.57 11.97
C HIS A 30 2.01 1.79 11.03
N TYR A 31 1.93 1.21 9.84
CA TYR A 31 3.00 1.34 8.86
C TYR A 31 2.55 2.22 7.69
N LEU A 32 3.50 2.97 7.13
CA LEU A 32 3.21 3.84 6.01
C LEU A 32 3.67 3.22 4.70
N VAL A 33 2.72 2.99 3.80
CA VAL A 33 3.03 2.39 2.50
C VAL A 33 2.50 3.25 1.36
N GLU A 34 3.39 3.71 0.50
CA GLU A 34 3.01 4.54 -0.64
C GLU A 34 2.58 3.68 -1.82
N VAL A 35 1.29 3.65 -2.09
CA VAL A 35 0.75 2.86 -3.20
C VAL A 35 0.35 3.76 -4.36
N GLU A 36 0.78 3.40 -5.56
CA GLU A 36 0.46 4.17 -6.76
C GLU A 36 0.61 5.67 -6.49
N GLY A 37 1.63 6.02 -5.71
CA GLY A 37 1.86 7.43 -5.38
C GLY A 37 0.86 7.96 -4.39
N ASP A 38 0.42 7.12 -3.48
CA ASP A 38 -0.55 7.51 -2.46
C ASP A 38 -0.30 6.78 -1.15
N LYS A 39 0.01 7.54 -0.11
CA LYS A 39 0.28 6.97 1.21
C LYS A 39 -0.91 6.17 1.71
N TRP A 40 -0.64 5.10 2.45
CA TRP A 40 -1.70 4.25 2.99
C TRP A 40 -1.36 3.80 4.41
N ILE A 41 -2.30 3.11 5.04
CA ILE A 41 -2.10 2.62 6.40
C ILE A 41 -2.20 1.10 6.45
N ALA A 42 -1.04 0.44 6.48
CA ALA A 42 -0.99 -1.02 6.54
C ALA A 42 -0.25 -1.49 7.78
N TYR A 43 -0.52 -2.74 8.18
CA TYR A 43 0.12 -3.31 9.35
C TYR A 43 0.70 -4.69 9.05
N SER A 44 1.97 -4.86 9.34
CA SER A 44 2.65 -6.14 9.10
C SER A 44 3.20 -6.73 10.39
N ASP A 45 2.92 -8.01 10.61
CA ASP A 45 3.39 -8.69 11.81
C ASP A 45 4.90 -8.81 11.82
N GLU A 46 5.51 -8.79 10.63
CA GLU A 46 6.95 -8.89 10.50
C GLU A 46 7.58 -7.52 10.25
N LYS A 47 8.37 -7.06 11.20
CA LYS A 47 9.03 -5.77 11.09
C LYS A 47 9.47 -5.52 9.65
N LEU A 48 8.86 -4.52 9.02
CA LEU A 48 9.19 -4.18 7.63
C LEU A 48 10.43 -3.29 7.58
N SER A 49 10.77 -2.82 6.38
CA SER A 49 11.94 -1.97 6.20
C SER A 49 11.54 -0.66 5.50
N LEU A 50 12.55 0.15 5.19
CA LEU A 50 12.31 1.42 4.53
C LEU A 50 12.77 1.38 3.08
N GLY A 51 11.84 1.60 2.16
CA GLY A 51 12.17 1.59 0.74
C GLY A 51 11.96 0.22 0.11
N ASP A 52 11.54 -0.74 0.92
CA ASP A 52 11.29 -2.09 0.43
C ASP A 52 10.02 -2.15 -0.40
N ARG A 53 9.84 -3.24 -1.13
CA ARG A 53 8.67 -3.42 -1.97
C ARG A 53 7.69 -4.41 -1.34
N VAL A 54 6.45 -3.97 -1.18
CA VAL A 54 5.41 -4.81 -0.58
C VAL A 54 4.14 -4.78 -1.42
N MET A 55 3.30 -5.80 -1.24
CA MET A 55 2.04 -5.90 -1.97
C MET A 55 0.87 -6.08 -1.02
N VAL A 56 -0.28 -5.50 -1.37
CA VAL A 56 -1.47 -5.61 -0.55
C VAL A 56 -2.03 -7.03 -0.56
N VAL A 57 -1.90 -7.72 0.57
CA VAL A 57 -2.38 -9.09 0.68
C VAL A 57 -3.89 -9.12 0.88
N ASP A 58 -4.41 -8.16 1.62
CA ASP A 58 -5.84 -8.07 1.88
C ASP A 58 -6.23 -6.66 2.33
N VAL A 59 -7.40 -6.20 1.87
CA VAL A 59 -7.89 -4.87 2.22
C VAL A 59 -9.40 -4.84 2.28
N ASP A 60 -9.95 -4.18 3.29
CA ASP A 60 -11.39 -4.07 3.46
C ASP A 60 -11.83 -2.61 3.55
N GLY A 61 -10.89 -1.71 3.25
CA GLY A 61 -11.19 -0.29 3.30
C GLY A 61 -9.95 0.57 3.21
N LEU A 62 -9.44 1.00 4.35
CA LEU A 62 -8.25 1.84 4.39
C LEU A 62 -7.04 1.05 4.92
N LYS A 63 -7.25 -0.23 5.18
CA LYS A 63 -6.19 -1.09 5.69
C LYS A 63 -5.86 -2.19 4.69
N LEU A 64 -4.78 -2.00 3.95
CA LEU A 64 -4.34 -2.97 2.95
C LEU A 64 -3.09 -3.71 3.42
N LYS A 65 -3.29 -4.70 4.30
CA LYS A 65 -2.18 -5.49 4.83
C LYS A 65 -1.09 -5.65 3.78
N VAL A 66 0.14 -5.29 4.15
CA VAL A 66 1.28 -5.40 3.24
C VAL A 66 2.18 -6.56 3.64
N LYS A 67 2.72 -7.26 2.65
CA LYS A 67 3.60 -8.39 2.89
C LYS A 67 4.89 -8.25 2.09
N ARG A 68 6.01 -8.64 2.69
CA ARG A 68 7.30 -8.55 2.04
C ARG A 68 7.35 -9.48 0.82
N ILE A 69 7.56 -8.89 -0.36
CA ILE A 69 7.62 -9.66 -1.59
C ILE A 69 8.97 -9.48 -2.28
N PRO A 70 9.52 -10.59 -2.80
CA PRO A 70 10.81 -10.57 -3.50
C PRO A 70 10.74 -9.85 -4.84
N PRO A 71 11.86 -9.25 -5.26
CA PRO A 71 11.95 -8.52 -6.51
C PRO A 71 11.90 -9.44 -7.73
N GLN A 72 12.26 -8.91 -8.89
CA GLN A 72 12.26 -9.70 -10.12
C GLN A 72 13.67 -9.80 -10.70
N LEU A 73 14.49 -8.79 -10.44
CA LEU A 73 15.86 -8.78 -10.93
C LEU A 73 16.74 -9.73 -10.13
N GLU A 74 16.23 -10.19 -9.00
CA GLU A 74 16.97 -11.11 -8.14
C GLU A 74 16.14 -12.36 -7.83
N ARG A 1 -34.65 -1.48 0.21
CA ARG A 1 -35.02 -2.47 -0.80
C ARG A 1 -33.81 -2.87 -1.64
N ARG A 2 -33.29 -1.92 -2.39
CA ARG A 2 -32.13 -2.16 -3.25
C ARG A 2 -30.83 -1.86 -2.50
N GLU A 3 -30.83 -0.77 -1.74
CA GLU A 3 -29.66 -0.36 -0.98
C GLU A 3 -30.06 0.38 0.28
N THR A 4 -29.21 0.31 1.31
CA THR A 4 -29.48 0.97 2.57
C THR A 4 -29.02 2.42 2.53
N THR A 5 -29.00 3.00 1.34
CA THR A 5 -28.59 4.39 1.16
C THR A 5 -27.17 4.61 1.66
N ASP A 6 -26.27 3.72 1.26
CA ASP A 6 -24.86 3.81 1.68
C ASP A 6 -23.94 3.35 0.55
N ILE A 7 -22.94 4.17 0.24
CA ILE A 7 -21.99 3.84 -0.82
C ILE A 7 -21.53 2.39 -0.71
N GLY A 8 -21.04 2.02 0.48
CA GLY A 8 -20.57 0.66 0.69
C GLY A 8 -19.64 0.19 -0.41
N GLY A 9 -18.70 1.06 -0.81
CA GLY A 9 -17.77 0.70 -1.85
C GLY A 9 -16.36 1.19 -1.56
N GLY A 10 -15.68 1.70 -2.58
CA GLY A 10 -14.33 2.19 -2.40
C GLY A 10 -14.30 3.61 -1.85
N LYS A 11 -13.14 4.00 -1.33
CA LYS A 11 -12.98 5.34 -0.75
C LYS A 11 -12.37 6.29 -1.78
N TYR A 12 -11.38 5.81 -2.52
CA TYR A 12 -10.72 6.62 -3.53
C TYR A 12 -10.61 5.86 -4.85
N THR A 13 -9.98 4.70 -4.82
CA THR A 13 -9.82 3.88 -6.01
C THR A 13 -10.18 2.42 -5.73
N PHE A 14 -9.94 1.98 -4.50
CA PHE A 14 -10.25 0.61 -4.11
C PHE A 14 -9.67 -0.38 -5.12
N GLU A 15 -8.42 -0.17 -5.49
CA GLU A 15 -7.75 -1.05 -6.45
C GLU A 15 -6.45 -1.60 -5.88
N LEU A 16 -5.91 -0.89 -4.90
CA LEU A 16 -4.66 -1.31 -4.26
C LEU A 16 -4.55 -2.83 -4.20
N LYS A 17 -5.68 -3.48 -3.94
CA LYS A 17 -5.72 -4.94 -3.86
C LYS A 17 -4.90 -5.56 -4.99
N GLY A 18 -3.74 -6.11 -4.65
CA GLY A 18 -2.89 -6.73 -5.65
C GLY A 18 -1.72 -5.86 -6.04
N LYS A 19 -1.94 -4.55 -6.08
CA LYS A 19 -0.88 -3.61 -6.44
C LYS A 19 0.25 -3.64 -5.41
N VAL A 20 1.45 -3.32 -5.86
CA VAL A 20 2.62 -3.30 -4.99
C VAL A 20 3.08 -1.88 -4.71
N GLY A 21 3.44 -1.62 -3.45
CA GLY A 21 3.91 -0.29 -3.08
C GLY A 21 5.21 -0.32 -2.32
N LYS A 22 5.72 0.85 -1.97
CA LYS A 22 6.96 0.96 -1.22
C LYS A 22 6.73 1.53 0.17
N VAL A 23 7.30 0.88 1.18
CA VAL A 23 7.15 1.32 2.56
C VAL A 23 7.90 2.62 2.80
N VAL A 24 7.20 3.74 2.67
CA VAL A 24 7.80 5.06 2.87
C VAL A 24 8.23 5.24 4.32
N LYS A 25 7.43 4.72 5.25
CA LYS A 25 7.73 4.83 6.67
C LYS A 25 7.10 3.67 7.44
N ILE A 26 7.73 3.29 8.55
CA ILE A 26 7.24 2.20 9.38
C ILE A 26 7.00 2.67 10.81
N ALA A 27 5.92 2.19 11.42
CA ALA A 27 5.58 2.56 12.79
C ALA A 27 4.79 1.44 13.47
N GLU A 28 5.21 1.08 14.68
CA GLU A 28 4.53 0.04 15.44
C GLU A 28 3.02 0.20 15.37
N ASP A 29 2.54 1.40 15.67
CA ASP A 29 1.11 1.69 15.64
C ASP A 29 0.54 1.42 14.25
N HIS A 30 1.31 1.76 13.22
CA HIS A 30 0.87 1.55 11.84
C HIS A 30 2.03 1.75 10.87
N TYR A 31 1.91 1.17 9.67
CA TYR A 31 2.95 1.28 8.66
C TYR A 31 2.48 2.16 7.51
N LEU A 32 3.39 2.97 6.98
CA LEU A 32 3.08 3.85 5.86
C LEU A 32 3.55 3.26 4.53
N VAL A 33 2.59 2.78 3.75
CA VAL A 33 2.90 2.19 2.45
C VAL A 33 2.33 3.01 1.31
N GLU A 34 3.21 3.50 0.43
CA GLU A 34 2.80 4.30 -0.70
C GLU A 34 2.34 3.42 -1.87
N VAL A 35 1.06 3.55 -2.22
CA VAL A 35 0.50 2.77 -3.31
C VAL A 35 -0.17 3.66 -4.35
N GLU A 36 0.22 3.50 -5.61
CA GLU A 36 -0.34 4.29 -6.69
C GLU A 36 -0.23 5.78 -6.39
N GLY A 37 0.88 6.17 -5.78
CA GLY A 37 1.10 7.58 -5.44
C GLY A 37 0.18 8.05 -4.33
N ASP A 38 -0.20 7.13 -3.45
CA ASP A 38 -1.08 7.46 -2.34
C ASP A 38 -0.71 6.66 -1.09
N LYS A 39 -0.24 7.35 -0.07
CA LYS A 39 0.15 6.72 1.19
C LYS A 39 -1.03 5.97 1.81
N TRP A 40 -0.76 4.78 2.32
CA TRP A 40 -1.80 3.97 2.96
C TRP A 40 -1.39 3.56 4.36
N ILE A 41 -2.34 2.99 5.11
CA ILE A 41 -2.07 2.55 6.47
C ILE A 41 -2.19 1.03 6.59
N ALA A 42 -1.06 0.35 6.48
CA ALA A 42 -1.03 -1.10 6.59
C ALA A 42 -0.32 -1.55 7.85
N TYR A 43 -0.56 -2.79 8.26
CA TYR A 43 0.06 -3.34 9.45
C TYR A 43 0.67 -4.71 9.18
N SER A 44 1.97 -4.83 9.42
CA SER A 44 2.67 -6.08 9.20
C SER A 44 3.42 -6.52 10.46
N ASP A 45 3.07 -7.70 10.97
CA ASP A 45 3.70 -8.24 12.16
C ASP A 45 5.20 -8.40 11.96
N GLU A 46 5.61 -8.52 10.71
CA GLU A 46 7.03 -8.68 10.38
C GLU A 46 7.71 -7.32 10.24
N LYS A 47 8.65 -7.05 11.14
CA LYS A 47 9.39 -5.79 11.13
C LYS A 47 9.94 -5.51 9.74
N LEU A 48 9.27 -4.62 9.01
CA LEU A 48 9.70 -4.26 7.67
C LEU A 48 10.86 -3.27 7.72
N SER A 49 11.36 -2.89 6.54
CA SER A 49 12.47 -1.95 6.46
C SER A 49 12.16 -0.84 5.44
N LEU A 50 12.48 0.39 5.82
CA LEU A 50 12.25 1.54 4.95
C LEU A 50 12.77 1.26 3.54
N GLY A 51 11.87 1.32 2.55
CA GLY A 51 12.26 1.08 1.18
C GLY A 51 12.02 -0.34 0.74
N ASP A 52 11.40 -1.13 1.62
CA ASP A 52 11.10 -2.53 1.32
C ASP A 52 9.86 -2.64 0.44
N ARG A 53 9.95 -3.45 -0.61
CA ARG A 53 8.84 -3.65 -1.52
C ARG A 53 7.81 -4.61 -0.93
N VAL A 54 6.57 -4.15 -0.85
CA VAL A 54 5.49 -4.97 -0.30
C VAL A 54 4.26 -4.92 -1.19
N MET A 55 3.57 -6.05 -1.32
CA MET A 55 2.37 -6.14 -2.14
C MET A 55 1.13 -6.29 -1.27
N VAL A 56 0.04 -5.64 -1.67
CA VAL A 56 -1.21 -5.71 -0.93
C VAL A 56 -1.81 -7.12 -0.99
N VAL A 57 -1.94 -7.75 0.17
CA VAL A 57 -2.50 -9.10 0.25
C VAL A 57 -4.02 -9.06 0.41
N ASP A 58 -4.52 -7.92 0.89
CA ASP A 58 -5.95 -7.75 1.08
C ASP A 58 -6.29 -6.30 1.45
N VAL A 59 -7.47 -5.86 1.07
CA VAL A 59 -7.91 -4.49 1.36
C VAL A 59 -9.21 -4.49 2.14
N ASP A 60 -9.29 -3.64 3.16
CA ASP A 60 -10.49 -3.53 3.98
C ASP A 60 -10.97 -2.09 4.05
N GLY A 61 -10.60 -1.29 3.05
CA GLY A 61 -11.01 0.10 3.02
C GLY A 61 -9.87 1.05 3.34
N LEU A 62 -9.83 1.53 4.59
CA LEU A 62 -8.79 2.44 5.02
C LEU A 62 -7.61 1.68 5.62
N LYS A 63 -7.39 0.46 5.14
CA LYS A 63 -6.30 -0.37 5.62
C LYS A 63 -6.12 -1.60 4.73
N LEU A 64 -4.87 -1.90 4.39
CA LEU A 64 -4.57 -3.05 3.55
C LEU A 64 -3.32 -3.77 4.04
N LYS A 65 -3.40 -5.09 4.18
CA LYS A 65 -2.27 -5.90 4.63
C LYS A 65 -1.16 -5.93 3.58
N VAL A 66 0.07 -5.70 4.01
CA VAL A 66 1.21 -5.72 3.11
C VAL A 66 2.21 -6.81 3.49
N LYS A 67 2.59 -7.62 2.51
CA LYS A 67 3.54 -8.71 2.75
C LYS A 67 4.90 -8.39 2.13
N ARG A 68 5.96 -8.58 2.89
CA ARG A 68 7.31 -8.32 2.42
C ARG A 68 7.63 -9.18 1.19
N ILE A 69 7.98 -8.53 0.08
CA ILE A 69 8.31 -9.24 -1.14
C ILE A 69 9.66 -8.80 -1.68
N PRO A 70 10.45 -9.76 -2.19
CA PRO A 70 11.77 -9.49 -2.75
C PRO A 70 11.70 -8.72 -4.06
N PRO A 71 12.53 -7.67 -4.18
CA PRO A 71 12.58 -6.82 -5.37
C PRO A 71 13.19 -7.55 -6.56
N GLN A 72 13.22 -6.88 -7.71
CA GLN A 72 13.78 -7.46 -8.93
C GLN A 72 14.92 -6.61 -9.46
N LEU A 73 15.81 -6.19 -8.55
CA LEU A 73 16.95 -5.37 -8.94
C LEU A 73 18.26 -6.06 -8.57
N GLU A 74 18.23 -7.38 -8.47
CA GLU A 74 19.41 -8.16 -8.13
C GLU A 74 20.34 -8.31 -9.32
N ARG A 1 5.52 11.74 -18.71
CA ARG A 1 5.47 10.43 -19.32
C ARG A 1 4.03 9.96 -19.50
N ARG A 2 3.86 8.73 -19.97
CA ARG A 2 2.53 8.16 -20.18
C ARG A 2 1.78 8.02 -18.86
N GLU A 3 2.48 8.27 -17.76
CA GLU A 3 1.89 8.16 -16.44
C GLU A 3 0.59 8.97 -16.36
N THR A 4 -0.50 8.29 -16.01
CA THR A 4 -1.80 8.94 -15.91
C THR A 4 -2.56 8.46 -14.68
N THR A 5 -2.90 9.39 -13.79
CA THR A 5 -3.63 9.05 -12.58
C THR A 5 -5.09 9.47 -12.68
N ASP A 6 -5.33 10.68 -13.16
CA ASP A 6 -6.69 11.19 -13.31
C ASP A 6 -7.56 10.77 -12.13
N ILE A 7 -6.98 10.76 -10.94
CA ILE A 7 -7.71 10.38 -9.73
C ILE A 7 -9.09 11.03 -9.70
N GLY A 8 -9.20 12.21 -10.30
CA GLY A 8 -10.48 12.90 -10.32
C GLY A 8 -10.81 13.56 -9.00
N GLY A 9 -10.64 12.82 -7.91
CA GLY A 9 -10.92 13.36 -6.60
C GLY A 9 -10.68 12.34 -5.49
N GLY A 10 -9.71 12.62 -4.63
CA GLY A 10 -9.40 11.72 -3.53
C GLY A 10 -8.45 10.62 -3.95
N LYS A 11 -7.80 10.00 -2.97
CA LYS A 11 -6.85 8.92 -3.24
C LYS A 11 -7.54 7.56 -3.14
N TYR A 12 -8.79 7.57 -2.69
CA TYR A 12 -9.55 6.33 -2.55
C TYR A 12 -9.93 5.76 -3.92
N THR A 13 -9.35 4.62 -4.25
CA THR A 13 -9.62 3.97 -5.53
C THR A 13 -10.11 2.54 -5.33
N PHE A 14 -9.84 1.99 -4.15
CA PHE A 14 -10.25 0.63 -3.82
C PHE A 14 -9.70 -0.36 -4.84
N GLU A 15 -8.45 -0.15 -5.25
CA GLU A 15 -7.80 -1.02 -6.22
C GLU A 15 -6.47 -1.54 -5.68
N LEU A 16 -5.88 -0.79 -4.76
CA LEU A 16 -4.60 -1.18 -4.17
C LEU A 16 -4.48 -2.69 -4.08
N LYS A 17 -5.57 -3.34 -3.72
CA LYS A 17 -5.59 -4.80 -3.60
C LYS A 17 -4.88 -5.45 -4.78
N GLY A 18 -3.77 -6.11 -4.51
CA GLY A 18 -3.01 -6.77 -5.57
C GLY A 18 -1.81 -5.96 -6.01
N LYS A 19 -1.95 -4.64 -6.01
CA LYS A 19 -0.87 -3.75 -6.42
C LYS A 19 0.23 -3.71 -5.36
N VAL A 20 1.47 -3.49 -5.81
CA VAL A 20 2.60 -3.44 -4.90
C VAL A 20 2.99 -1.99 -4.59
N GLY A 21 3.31 -1.72 -3.33
CA GLY A 21 3.69 -0.38 -2.93
C GLY A 21 5.05 -0.33 -2.28
N LYS A 22 5.52 0.87 -1.96
CA LYS A 22 6.82 1.04 -1.33
C LYS A 22 6.67 1.67 0.05
N VAL A 23 7.18 0.98 1.07
CA VAL A 23 7.11 1.48 2.44
C VAL A 23 7.89 2.77 2.60
N VAL A 24 7.19 3.84 2.94
CA VAL A 24 7.82 5.15 3.13
C VAL A 24 8.03 5.45 4.61
N LYS A 25 7.36 4.68 5.47
CA LYS A 25 7.47 4.87 6.90
C LYS A 25 6.96 3.64 7.65
N ILE A 26 7.34 3.52 8.92
CA ILE A 26 6.92 2.39 9.74
C ILE A 26 6.64 2.82 11.18
N ALA A 27 5.56 2.31 11.76
CA ALA A 27 5.20 2.65 13.13
C ALA A 27 4.46 1.49 13.79
N GLU A 28 4.91 1.11 14.98
CA GLU A 28 4.29 0.01 15.73
C GLU A 28 2.78 0.04 15.57
N ASP A 29 2.17 1.16 15.92
CA ASP A 29 0.72 1.31 15.81
C ASP A 29 0.25 1.01 14.39
N HIS A 30 0.99 1.51 13.40
CA HIS A 30 0.65 1.29 12.01
C HIS A 30 1.80 1.69 11.09
N TYR A 31 1.95 0.98 9.99
CA TYR A 31 3.02 1.26 9.04
C TYR A 31 2.51 2.13 7.89
N LEU A 32 3.44 2.73 7.15
CA LEU A 32 3.08 3.58 6.03
C LEU A 32 3.60 3.00 4.72
N VAL A 33 2.68 2.57 3.87
CA VAL A 33 3.04 1.98 2.57
C VAL A 33 2.42 2.77 1.43
N GLU A 34 3.27 3.25 0.52
CA GLU A 34 2.82 4.02 -0.62
C GLU A 34 2.37 3.10 -1.76
N VAL A 35 1.17 3.34 -2.28
CA VAL A 35 0.62 2.55 -3.35
C VAL A 35 0.18 3.43 -4.52
N GLU A 36 0.59 3.06 -5.73
CA GLU A 36 0.24 3.81 -6.92
C GLU A 36 0.27 5.31 -6.65
N GLY A 37 1.28 5.75 -5.90
CA GLY A 37 1.41 7.16 -5.58
C GLY A 37 0.39 7.61 -4.56
N ASP A 38 0.02 6.72 -3.66
CA ASP A 38 -0.97 7.03 -2.63
C ASP A 38 -0.61 6.35 -1.31
N LYS A 39 -0.23 7.15 -0.32
CA LYS A 39 0.14 6.63 0.99
C LYS A 39 -1.00 5.81 1.59
N TRP A 40 -0.64 4.73 2.27
CA TRP A 40 -1.64 3.87 2.90
C TRP A 40 -1.17 3.39 4.27
N ILE A 41 -2.11 3.16 5.18
CA ILE A 41 -1.79 2.71 6.53
C ILE A 41 -1.97 1.20 6.65
N ALA A 42 -0.87 0.46 6.55
CA ALA A 42 -0.90 -0.99 6.65
C ALA A 42 -0.13 -1.47 7.88
N TYR A 43 -0.33 -2.73 8.23
CA TYR A 43 0.35 -3.31 9.38
C TYR A 43 0.81 -4.74 9.09
N SER A 44 2.10 -5.00 9.27
CA SER A 44 2.67 -6.31 9.03
C SER A 44 3.42 -6.82 10.25
N ASP A 45 3.07 -8.02 10.70
CA ASP A 45 3.71 -8.62 11.86
C ASP A 45 5.23 -8.64 11.68
N GLU A 46 5.68 -8.62 10.44
CA GLU A 46 7.11 -8.64 10.14
C GLU A 46 7.65 -7.23 9.94
N LYS A 47 8.54 -6.81 10.83
CA LYS A 47 9.13 -5.48 10.75
C LYS A 47 9.80 -5.26 9.40
N LEU A 48 9.30 -4.28 8.64
CA LEU A 48 9.85 -3.97 7.33
C LEU A 48 10.94 -2.90 7.44
N SER A 49 11.46 -2.48 6.30
CA SER A 49 12.51 -1.46 6.26
C SER A 49 12.19 -0.40 5.21
N LEU A 50 12.43 0.86 5.57
CA LEU A 50 12.17 1.97 4.66
C LEU A 50 12.66 1.66 3.25
N GLY A 51 11.75 1.61 2.30
CA GLY A 51 12.11 1.31 0.93
C GLY A 51 11.84 -0.13 0.55
N ASP A 52 11.32 -0.90 1.50
CA ASP A 52 11.02 -2.31 1.26
C ASP A 52 9.75 -2.45 0.42
N ARG A 53 9.83 -3.29 -0.61
CA ARG A 53 8.69 -3.52 -1.49
C ARG A 53 7.72 -4.53 -0.88
N VAL A 54 6.43 -4.21 -0.94
CA VAL A 54 5.41 -5.08 -0.38
C VAL A 54 4.16 -5.09 -1.26
N MET A 55 3.49 -6.24 -1.33
CA MET A 55 2.28 -6.37 -2.13
C MET A 55 1.04 -6.42 -1.24
N VAL A 56 0.04 -5.62 -1.58
CA VAL A 56 -1.20 -5.57 -0.81
C VAL A 56 -1.89 -6.93 -0.79
N VAL A 57 -1.86 -7.57 0.38
CA VAL A 57 -2.48 -8.88 0.53
C VAL A 57 -4.00 -8.79 0.45
N ASP A 58 -4.55 -7.74 1.05
CA ASP A 58 -5.99 -7.52 1.04
C ASP A 58 -6.34 -6.11 1.50
N VAL A 59 -7.45 -5.58 1.00
CA VAL A 59 -7.88 -4.24 1.36
C VAL A 59 -9.28 -4.25 1.96
N ASP A 60 -9.46 -3.51 3.05
CA ASP A 60 -10.75 -3.44 3.72
C ASP A 60 -11.26 -2.00 3.77
N GLY A 61 -10.38 -1.06 3.45
CA GLY A 61 -10.76 0.35 3.47
C GLY A 61 -9.56 1.27 3.61
N LEU A 62 -9.33 1.74 4.82
CA LEU A 62 -8.21 2.64 5.09
C LEU A 62 -7.03 1.88 5.68
N LYS A 63 -7.04 0.56 5.52
CA LYS A 63 -5.98 -0.29 6.04
C LYS A 63 -5.86 -1.57 5.23
N LEU A 64 -4.83 -1.66 4.41
CA LEU A 64 -4.60 -2.84 3.58
C LEU A 64 -3.37 -3.61 4.05
N LYS A 65 -3.49 -4.93 4.10
CA LYS A 65 -2.39 -5.79 4.53
C LYS A 65 -1.24 -5.75 3.52
N VAL A 66 -0.02 -5.90 4.01
CA VAL A 66 1.16 -5.88 3.15
C VAL A 66 2.13 -6.99 3.54
N LYS A 67 2.63 -7.71 2.54
CA LYS A 67 3.57 -8.80 2.77
C LYS A 67 4.85 -8.59 1.95
N ARG A 68 5.99 -8.60 2.64
CA ARG A 68 7.28 -8.41 1.99
C ARG A 68 7.42 -9.36 0.80
N ILE A 69 7.91 -8.83 -0.32
CA ILE A 69 8.09 -9.63 -1.52
C ILE A 69 9.52 -9.51 -2.05
N PRO A 70 10.05 -10.61 -2.59
CA PRO A 70 11.42 -10.65 -3.14
C PRO A 70 11.55 -9.85 -4.43
N PRO A 71 12.79 -9.51 -4.80
CA PRO A 71 13.07 -8.74 -6.01
C PRO A 71 12.80 -9.54 -7.28
N GLN A 72 12.91 -8.87 -8.43
CA GLN A 72 12.66 -9.52 -9.71
C GLN A 72 13.85 -9.31 -10.65
N LEU A 73 14.90 -10.10 -10.44
CA LEU A 73 16.09 -10.01 -11.27
C LEU A 73 16.49 -8.55 -11.49
N GLU A 74 16.09 -7.69 -10.57
CA GLU A 74 16.40 -6.27 -10.68
C GLU A 74 16.87 -5.72 -9.34
N ARG A 1 -11.20 10.68 -18.92
CA ARG A 1 -12.58 11.11 -19.11
C ARG A 1 -13.52 9.92 -19.22
N ARG A 2 -13.33 9.12 -20.27
CA ARG A 2 -14.15 7.94 -20.50
C ARG A 2 -13.55 6.72 -19.84
N GLU A 3 -12.23 6.59 -19.93
CA GLU A 3 -11.52 5.46 -19.35
C GLU A 3 -11.44 5.59 -17.83
N THR A 4 -10.89 4.57 -17.18
CA THR A 4 -10.76 4.57 -15.73
C THR A 4 -9.51 5.35 -15.30
N THR A 5 -9.32 6.54 -15.86
CA THR A 5 -8.19 7.37 -15.54
C THR A 5 -8.48 8.27 -14.34
N ASP A 6 -9.57 9.01 -14.43
CA ASP A 6 -9.98 9.91 -13.35
C ASP A 6 -10.56 9.13 -12.17
N ILE A 7 -9.84 9.14 -11.06
CA ILE A 7 -10.28 8.43 -9.86
C ILE A 7 -11.62 8.96 -9.37
N GLY A 8 -11.74 10.29 -9.34
CA GLY A 8 -12.97 10.91 -8.90
C GLY A 8 -13.35 10.50 -7.48
N GLY A 9 -12.38 10.59 -6.57
CA GLY A 9 -12.64 10.23 -5.19
C GLY A 9 -11.38 10.27 -4.34
N GLY A 10 -10.68 11.40 -4.37
CA GLY A 10 -9.45 11.55 -3.60
C GLY A 10 -8.44 10.47 -3.93
N LYS A 11 -7.99 9.74 -2.89
CA LYS A 11 -7.02 8.68 -3.07
C LYS A 11 -7.67 7.31 -2.91
N TYR A 12 -8.98 7.30 -2.69
CA TYR A 12 -9.72 6.06 -2.52
C TYR A 12 -10.00 5.41 -3.87
N THR A 13 -9.33 4.28 -4.12
CA THR A 13 -9.51 3.55 -5.37
C THR A 13 -9.91 2.10 -5.11
N PHE A 14 -9.66 1.64 -3.89
CA PHE A 14 -9.99 0.27 -3.51
C PHE A 14 -9.40 -0.73 -4.51
N GLU A 15 -8.19 -0.45 -4.97
CA GLU A 15 -7.51 -1.31 -5.92
C GLU A 15 -6.15 -1.77 -5.39
N LEU A 16 -5.63 -1.02 -4.41
CA LEU A 16 -4.34 -1.35 -3.82
C LEU A 16 -4.13 -2.86 -3.76
N LYS A 17 -5.20 -3.59 -3.46
CA LYS A 17 -5.13 -5.05 -3.38
C LYS A 17 -4.44 -5.63 -4.61
N GLY A 18 -3.51 -6.56 -4.38
CA GLY A 18 -2.79 -7.17 -5.47
C GLY A 18 -1.62 -6.32 -5.95
N LYS A 19 -1.76 -5.01 -5.84
CA LYS A 19 -0.72 -4.08 -6.26
C LYS A 19 0.42 -4.07 -5.26
N VAL A 20 1.60 -3.64 -5.71
CA VAL A 20 2.77 -3.56 -4.85
C VAL A 20 3.17 -2.12 -4.58
N GLY A 21 3.50 -1.83 -3.32
CA GLY A 21 3.90 -0.48 -2.95
C GLY A 21 5.27 -0.43 -2.30
N LYS A 22 5.69 0.76 -1.90
CA LYS A 22 6.98 0.94 -1.26
C LYS A 22 6.82 1.59 0.11
N VAL A 23 7.19 0.85 1.16
CA VAL A 23 7.10 1.35 2.52
C VAL A 23 7.89 2.65 2.69
N VAL A 24 7.18 3.74 2.96
CA VAL A 24 7.82 5.03 3.14
C VAL A 24 8.24 5.24 4.60
N LYS A 25 7.48 4.63 5.51
CA LYS A 25 7.77 4.75 6.94
C LYS A 25 7.06 3.66 7.72
N ILE A 26 7.61 3.32 8.90
CA ILE A 26 7.01 2.29 9.74
C ILE A 26 6.74 2.83 11.14
N ALA A 27 5.64 2.38 11.74
CA ALA A 27 5.27 2.81 13.08
C ALA A 27 4.68 1.66 13.88
N GLU A 28 4.81 1.73 15.20
CA GLU A 28 4.30 0.68 16.08
C GLU A 28 2.77 0.61 15.99
N ASP A 29 2.12 1.77 15.96
CA ASP A 29 0.67 1.83 15.87
C ASP A 29 0.19 1.42 14.48
N HIS A 30 1.00 1.71 13.47
CA HIS A 30 0.67 1.38 12.10
C HIS A 30 1.87 1.54 11.18
N TYR A 31 1.70 1.20 9.91
CA TYR A 31 2.78 1.31 8.93
C TYR A 31 2.39 2.25 7.80
N LEU A 32 3.37 3.01 7.31
CA LEU A 32 3.14 3.96 6.23
C LEU A 32 3.62 3.39 4.90
N VAL A 33 2.68 3.01 4.04
CA VAL A 33 3.01 2.45 2.73
C VAL A 33 2.56 3.38 1.62
N GLU A 34 3.25 3.29 0.48
CA GLU A 34 2.93 4.13 -0.67
C GLU A 34 2.50 3.28 -1.86
N VAL A 35 1.25 3.42 -2.27
CA VAL A 35 0.71 2.66 -3.40
C VAL A 35 0.22 3.59 -4.50
N GLU A 36 0.77 3.42 -5.70
CA GLU A 36 0.40 4.24 -6.84
C GLU A 36 0.43 5.72 -6.48
N GLY A 37 1.40 6.10 -5.66
CA GLY A 37 1.52 7.49 -5.24
C GLY A 37 0.43 7.89 -4.26
N ASP A 38 0.08 6.99 -3.36
CA ASP A 38 -0.95 7.26 -2.36
C ASP A 38 -0.63 6.55 -1.05
N LYS A 39 -0.43 7.34 0.01
CA LYS A 39 -0.11 6.80 1.32
C LYS A 39 -1.27 5.95 1.85
N TRP A 40 -0.94 4.80 2.42
CA TRP A 40 -1.95 3.89 2.95
C TRP A 40 -1.57 3.44 4.36
N ILE A 41 -2.58 3.25 5.20
CA ILE A 41 -2.36 2.81 6.58
C ILE A 41 -2.43 1.29 6.69
N ALA A 42 -1.28 0.64 6.56
CA ALA A 42 -1.21 -0.81 6.65
C ALA A 42 -0.51 -1.25 7.93
N TYR A 43 -0.65 -2.53 8.27
CA TYR A 43 -0.02 -3.07 9.47
C TYR A 43 0.47 -4.49 9.24
N SER A 44 1.77 -4.70 9.43
CA SER A 44 2.38 -6.00 9.24
C SER A 44 3.30 -6.36 10.40
N ASP A 45 3.34 -7.63 10.76
CA ASP A 45 4.18 -8.10 11.85
C ASP A 45 5.60 -8.38 11.36
N GLU A 46 5.75 -8.54 10.05
CA GLU A 46 7.05 -8.82 9.46
C GLU A 46 7.93 -7.56 9.47
N LYS A 47 9.06 -7.65 10.15
CA LYS A 47 9.99 -6.52 10.24
C LYS A 47 10.28 -5.95 8.85
N LEU A 48 9.57 -4.88 8.51
CA LEU A 48 9.75 -4.24 7.21
C LEU A 48 10.95 -3.29 7.23
N SER A 49 11.30 -2.75 6.07
CA SER A 49 12.43 -1.84 5.96
C SER A 49 12.08 -0.66 5.05
N LEU A 50 12.43 0.54 5.49
CA LEU A 50 12.15 1.75 4.72
C LEU A 50 12.60 1.58 3.27
N GLY A 51 11.65 1.69 2.35
CA GLY A 51 11.97 1.54 0.94
C GLY A 51 11.88 0.12 0.47
N ASP A 52 11.30 -0.75 1.29
CA ASP A 52 11.16 -2.16 0.95
C ASP A 52 9.94 -2.39 0.08
N ARG A 53 10.01 -3.40 -0.78
CA ARG A 53 8.90 -3.72 -1.68
C ARG A 53 7.92 -4.68 -1.01
N VAL A 54 6.64 -4.34 -1.06
CA VAL A 54 5.61 -5.18 -0.46
C VAL A 54 4.36 -5.22 -1.34
N MET A 55 3.66 -6.35 -1.31
CA MET A 55 2.45 -6.51 -2.11
C MET A 55 1.22 -6.63 -1.20
N VAL A 56 0.20 -5.83 -1.50
CA VAL A 56 -1.03 -5.84 -0.71
C VAL A 56 -1.72 -7.20 -0.79
N VAL A 57 -2.01 -7.78 0.36
CA VAL A 57 -2.67 -9.08 0.43
C VAL A 57 -4.20 -8.92 0.48
N ASP A 58 -4.65 -7.82 1.06
CA ASP A 58 -6.08 -7.55 1.18
C ASP A 58 -6.33 -6.09 1.54
N VAL A 59 -7.52 -5.60 1.20
CA VAL A 59 -7.88 -4.21 1.48
C VAL A 59 -9.25 -4.14 2.14
N ASP A 60 -9.26 -3.74 3.41
CA ASP A 60 -10.51 -3.62 4.17
C ASP A 60 -11.02 -2.19 4.14
N GLY A 61 -10.60 -1.43 3.13
CA GLY A 61 -11.03 -0.05 3.01
C GLY A 61 -9.87 0.92 3.13
N LEU A 62 -9.68 1.48 4.32
CA LEU A 62 -8.60 2.43 4.55
C LEU A 62 -7.39 1.74 5.15
N LYS A 63 -7.41 0.41 5.17
CA LYS A 63 -6.31 -0.37 5.71
C LYS A 63 -6.07 -1.62 4.87
N LEU A 64 -4.87 -1.73 4.30
CA LEU A 64 -4.50 -2.86 3.48
C LEU A 64 -3.27 -3.57 4.03
N LYS A 65 -3.37 -4.88 4.21
CA LYS A 65 -2.26 -5.67 4.73
C LYS A 65 -1.18 -5.86 3.67
N VAL A 66 0.08 -5.73 4.08
CA VAL A 66 1.20 -5.88 3.17
C VAL A 66 2.05 -7.10 3.53
N LYS A 67 2.50 -7.83 2.52
CA LYS A 67 3.32 -9.01 2.73
C LYS A 67 4.66 -8.88 2.01
N ARG A 68 5.73 -8.91 2.78
CA ARG A 68 7.08 -8.80 2.22
C ARG A 68 7.23 -9.68 0.99
N ILE A 69 7.74 -9.10 -0.10
CA ILE A 69 7.93 -9.85 -1.34
C ILE A 69 9.36 -9.71 -1.84
N PRO A 70 9.92 -10.82 -2.35
CA PRO A 70 11.29 -10.86 -2.86
C PRO A 70 11.43 -10.08 -4.17
N PRO A 71 12.67 -9.72 -4.51
CA PRO A 71 12.98 -8.96 -5.73
C PRO A 71 12.78 -9.80 -6.99
N GLN A 72 13.06 -9.21 -8.14
CA GLN A 72 12.90 -9.90 -9.42
C GLN A 72 14.26 -10.18 -10.04
N LEU A 73 15.23 -10.57 -9.22
CA LEU A 73 16.57 -10.87 -9.69
C LEU A 73 16.53 -11.87 -10.84
N GLU A 74 15.65 -12.85 -10.72
CA GLU A 74 15.51 -13.88 -11.76
C GLU A 74 16.87 -14.33 -12.27
N ARG A 1 -23.47 20.50 -16.84
CA ARG A 1 -24.67 19.67 -16.90
C ARG A 1 -24.53 18.44 -16.00
N ARG A 2 -25.59 17.66 -15.92
CA ARG A 2 -25.59 16.46 -15.10
C ARG A 2 -24.28 15.70 -15.24
N GLU A 3 -23.59 15.91 -16.36
CA GLU A 3 -22.32 15.26 -16.61
C GLU A 3 -21.22 15.83 -15.74
N THR A 4 -20.81 15.07 -14.73
CA THR A 4 -19.76 15.52 -13.82
C THR A 4 -18.71 14.43 -13.62
N THR A 5 -17.53 14.66 -14.22
CA THR A 5 -16.44 13.70 -14.10
C THR A 5 -15.62 13.94 -12.84
N ASP A 6 -15.20 15.17 -12.63
CA ASP A 6 -14.42 15.54 -11.45
C ASP A 6 -15.21 15.30 -10.18
N ILE A 7 -14.62 14.56 -9.25
CA ILE A 7 -15.28 14.27 -7.98
C ILE A 7 -15.00 15.36 -6.95
N GLY A 8 -13.73 15.60 -6.67
CA GLY A 8 -13.35 16.62 -5.72
C GLY A 8 -13.39 16.11 -4.29
N GLY A 9 -12.32 15.45 -3.87
CA GLY A 9 -12.25 14.92 -2.52
C GLY A 9 -12.46 13.42 -2.48
N GLY A 10 -11.44 12.69 -2.01
CA GLY A 10 -11.53 11.25 -1.92
C GLY A 10 -10.31 10.56 -2.50
N LYS A 11 -9.44 10.08 -1.61
CA LYS A 11 -8.22 9.39 -2.04
C LYS A 11 -8.38 7.88 -1.92
N TYR A 12 -9.55 7.38 -2.28
CA TYR A 12 -9.83 5.95 -2.22
C TYR A 12 -10.16 5.40 -3.60
N THR A 13 -9.34 4.47 -4.08
CA THR A 13 -9.55 3.85 -5.38
C THR A 13 -9.99 2.40 -5.24
N PHE A 14 -9.78 1.83 -4.07
CA PHE A 14 -10.15 0.44 -3.80
C PHE A 14 -9.52 -0.50 -4.83
N GLU A 15 -8.25 -0.28 -5.13
CA GLU A 15 -7.54 -1.10 -6.10
C GLU A 15 -6.26 -1.67 -5.49
N LEU A 16 -5.72 -0.98 -4.50
CA LEU A 16 -4.50 -1.41 -3.83
C LEU A 16 -4.42 -2.94 -3.79
N LYS A 17 -5.55 -3.58 -3.50
CA LYS A 17 -5.61 -5.03 -3.43
C LYS A 17 -4.87 -5.66 -4.60
N GLY A 18 -3.66 -6.17 -4.32
CA GLY A 18 -2.87 -6.80 -5.35
C GLY A 18 -1.74 -5.91 -5.84
N LYS A 19 -1.99 -4.60 -5.87
CA LYS A 19 -1.00 -3.64 -6.32
C LYS A 19 0.21 -3.63 -5.39
N VAL A 20 1.40 -3.45 -5.96
CA VAL A 20 2.62 -3.41 -5.17
C VAL A 20 3.10 -1.98 -4.95
N GLY A 21 3.44 -1.67 -3.70
CA GLY A 21 3.91 -0.33 -3.39
C GLY A 21 5.25 -0.34 -2.68
N LYS A 22 5.55 0.77 -1.99
CA LYS A 22 6.81 0.88 -1.26
C LYS A 22 6.57 1.37 0.16
N VAL A 23 7.46 0.98 1.07
CA VAL A 23 7.35 1.39 2.47
C VAL A 23 8.05 2.74 2.70
N VAL A 24 7.25 3.80 2.75
CA VAL A 24 7.79 5.14 2.97
C VAL A 24 8.14 5.36 4.43
N LYS A 25 7.58 4.52 5.30
CA LYS A 25 7.83 4.62 6.73
C LYS A 25 7.18 3.45 7.47
N ILE A 26 7.75 3.10 8.62
CA ILE A 26 7.23 2.00 9.44
C ILE A 26 7.04 2.44 10.88
N ALA A 27 5.95 1.99 11.50
CA ALA A 27 5.65 2.32 12.88
C ALA A 27 4.70 1.30 13.50
N GLU A 28 5.08 0.81 14.69
CA GLU A 28 4.26 -0.17 15.38
C GLU A 28 2.78 0.20 15.34
N ASP A 29 2.49 1.45 15.67
CA ASP A 29 1.12 1.94 15.67
C ASP A 29 0.49 1.80 14.29
N HIS A 30 1.30 1.98 13.25
CA HIS A 30 0.82 1.87 11.88
C HIS A 30 1.98 2.00 10.89
N TYR A 31 1.80 1.42 9.71
CA TYR A 31 2.83 1.46 8.67
C TYR A 31 2.36 2.27 7.48
N LEU A 32 3.28 3.03 6.89
CA LEU A 32 2.96 3.85 5.73
C LEU A 32 3.46 3.20 4.44
N VAL A 33 2.53 2.72 3.62
CA VAL A 33 2.88 2.08 2.36
C VAL A 33 2.36 2.88 1.17
N GLU A 34 3.28 3.38 0.37
CA GLU A 34 2.92 4.18 -0.81
C GLU A 34 2.41 3.28 -1.93
N VAL A 35 1.10 3.29 -2.12
CA VAL A 35 0.48 2.48 -3.17
C VAL A 35 -0.16 3.35 -4.24
N GLU A 36 0.28 3.18 -5.48
CA GLU A 36 -0.24 3.96 -6.60
C GLU A 36 -0.06 5.45 -6.36
N GLY A 37 1.02 5.80 -5.66
CA GLY A 37 1.29 7.19 -5.38
C GLY A 37 0.45 7.73 -4.24
N ASP A 38 0.04 6.85 -3.34
CA ASP A 38 -0.77 7.25 -2.19
C ASP A 38 -0.41 6.42 -0.96
N LYS A 39 0.11 7.10 0.07
CA LYS A 39 0.50 6.45 1.30
C LYS A 39 -0.73 5.92 2.05
N TRP A 40 -0.77 4.61 2.26
CA TRP A 40 -1.89 3.99 2.96
C TRP A 40 -1.50 3.62 4.39
N ILE A 41 -2.48 3.21 5.18
CA ILE A 41 -2.25 2.84 6.56
C ILE A 41 -2.44 1.33 6.77
N ALA A 42 -1.34 0.59 6.65
CA ALA A 42 -1.38 -0.86 6.83
C ALA A 42 -0.53 -1.30 8.02
N TYR A 43 -0.71 -2.54 8.44
CA TYR A 43 0.04 -3.09 9.56
C TYR A 43 0.59 -4.46 9.24
N SER A 44 1.88 -4.66 9.52
CA SER A 44 2.53 -5.94 9.25
C SER A 44 3.31 -6.42 10.48
N ASP A 45 2.80 -7.44 11.13
CA ASP A 45 3.44 -7.99 12.32
C ASP A 45 4.94 -8.23 12.06
N GLU A 46 5.28 -8.44 10.79
CA GLU A 46 6.67 -8.68 10.42
C GLU A 46 7.42 -7.37 10.22
N LYS A 47 8.40 -7.10 11.08
CA LYS A 47 9.18 -5.88 11.00
C LYS A 47 9.67 -5.64 9.57
N LEU A 48 9.19 -4.56 8.97
CA LEU A 48 9.58 -4.22 7.60
C LEU A 48 10.81 -3.31 7.59
N SER A 49 11.36 -3.08 6.41
CA SER A 49 12.54 -2.23 6.27
C SER A 49 12.24 -1.00 5.41
N LEU A 50 12.70 0.15 5.87
CA LEU A 50 12.47 1.40 5.15
C LEU A 50 13.01 1.32 3.73
N GLY A 51 12.15 1.62 2.76
CA GLY A 51 12.55 1.57 1.37
C GLY A 51 12.26 0.23 0.73
N ASP A 52 11.70 -0.69 1.51
CA ASP A 52 11.38 -2.02 1.01
C ASP A 52 10.01 -2.02 0.32
N ARG A 53 9.87 -2.86 -0.71
CA ARG A 53 8.63 -2.95 -1.46
C ARG A 53 7.73 -4.05 -0.88
N VAL A 54 6.43 -3.90 -1.10
CA VAL A 54 5.47 -4.88 -0.59
C VAL A 54 4.20 -4.88 -1.45
N MET A 55 3.48 -5.99 -1.41
CA MET A 55 2.24 -6.13 -2.17
C MET A 55 1.03 -6.21 -1.25
N VAL A 56 -0.05 -5.52 -1.61
CA VAL A 56 -1.27 -5.52 -0.81
C VAL A 56 -2.00 -6.85 -0.95
N VAL A 57 -1.92 -7.67 0.11
CA VAL A 57 -2.57 -8.96 0.11
C VAL A 57 -4.09 -8.81 0.12
N ASP A 58 -4.59 -7.86 0.92
CA ASP A 58 -6.02 -7.61 1.01
C ASP A 58 -6.29 -6.22 1.57
N VAL A 59 -7.40 -5.63 1.14
CA VAL A 59 -7.77 -4.29 1.58
C VAL A 59 -9.12 -4.30 2.29
N ASP A 60 -9.11 -3.95 3.57
CA ASP A 60 -10.33 -3.92 4.37
C ASP A 60 -10.80 -2.48 4.60
N GLY A 61 -10.78 -1.68 3.54
CA GLY A 61 -11.19 -0.30 3.65
C GLY A 61 -10.03 0.66 3.60
N LEU A 62 -9.77 1.34 4.70
CA LEU A 62 -8.67 2.31 4.77
C LEU A 62 -7.35 1.60 5.09
N LYS A 63 -7.41 0.28 5.21
CA LYS A 63 -6.22 -0.51 5.51
C LYS A 63 -5.93 -1.51 4.39
N LEU A 64 -4.71 -2.02 4.36
CA LEU A 64 -4.31 -2.98 3.35
C LEU A 64 -3.08 -3.76 3.79
N LYS A 65 -3.28 -5.04 4.13
CA LYS A 65 -2.17 -5.88 4.57
C LYS A 65 -1.09 -5.97 3.49
N VAL A 66 0.15 -5.73 3.90
CA VAL A 66 1.28 -5.79 2.96
C VAL A 66 2.24 -6.92 3.33
N LYS A 67 2.67 -7.66 2.33
CA LYS A 67 3.59 -8.77 2.54
C LYS A 67 4.94 -8.50 1.88
N ARG A 68 6.01 -8.74 2.62
CA ARG A 68 7.37 -8.52 2.10
C ARG A 68 7.63 -9.41 0.89
N ILE A 69 7.98 -8.79 -0.23
CA ILE A 69 8.28 -9.52 -1.45
C ILE A 69 9.67 -9.21 -1.97
N PRO A 70 10.37 -10.24 -2.45
CA PRO A 70 11.73 -10.09 -2.99
C PRO A 70 11.75 -9.34 -4.31
N PRO A 71 12.93 -8.82 -4.67
CA PRO A 71 13.12 -8.07 -5.93
C PRO A 71 13.01 -8.96 -7.16
N GLN A 72 12.38 -8.45 -8.21
CA GLN A 72 12.22 -9.19 -9.44
C GLN A 72 13.37 -8.92 -10.40
N LEU A 73 14.55 -8.65 -9.84
CA LEU A 73 15.73 -8.36 -10.64
C LEU A 73 16.02 -9.52 -11.60
N GLU A 74 15.52 -10.70 -11.26
CA GLU A 74 15.73 -11.89 -12.09
C GLU A 74 14.71 -11.94 -13.23
N ARG A 1 -2.43 20.33 -11.61
CA ARG A 1 -2.23 21.28 -12.69
C ARG A 1 -3.22 22.45 -12.57
N ARG A 2 -2.77 23.63 -12.96
CA ARG A 2 -3.60 24.83 -12.89
C ARG A 2 -4.80 24.71 -13.84
N GLU A 3 -4.54 24.28 -15.06
CA GLU A 3 -5.60 24.11 -16.06
C GLU A 3 -6.83 23.47 -15.44
N THR A 4 -7.96 23.60 -16.12
CA THR A 4 -9.21 23.03 -15.64
C THR A 4 -9.09 21.53 -15.42
N THR A 5 -9.15 21.11 -14.17
CA THR A 5 -9.04 19.70 -13.82
C THR A 5 -9.76 19.39 -12.51
N ASP A 6 -10.88 18.66 -12.61
CA ASP A 6 -11.66 18.31 -11.43
C ASP A 6 -10.96 17.21 -10.63
N ILE A 7 -11.20 17.20 -9.32
CA ILE A 7 -10.59 16.21 -8.44
C ILE A 7 -10.86 14.80 -8.93
N GLY A 8 -12.05 14.60 -9.49
CA GLY A 8 -12.42 13.29 -9.99
C GLY A 8 -13.11 12.43 -8.95
N GLY A 9 -12.56 12.43 -7.73
CA GLY A 9 -13.15 11.65 -6.67
C GLY A 9 -12.33 11.70 -5.39
N GLY A 10 -11.19 11.01 -5.40
CA GLY A 10 -10.32 11.00 -4.24
C GLY A 10 -9.15 10.04 -4.39
N LYS A 11 -8.46 9.76 -3.29
CA LYS A 11 -7.32 8.86 -3.31
C LYS A 11 -7.77 7.42 -3.09
N TYR A 12 -8.95 7.09 -3.59
CA TYR A 12 -9.49 5.74 -3.43
C TYR A 12 -9.70 5.09 -4.80
N THR A 13 -8.90 4.06 -5.09
CA THR A 13 -9.00 3.35 -6.35
C THR A 13 -9.48 1.92 -6.14
N PHE A 14 -9.46 1.46 -4.89
CA PHE A 14 -9.88 0.11 -4.57
C PHE A 14 -9.20 -0.92 -5.46
N GLU A 15 -7.91 -0.71 -5.71
CA GLU A 15 -7.14 -1.62 -6.55
C GLU A 15 -5.89 -2.11 -5.83
N LEU A 16 -5.45 -1.34 -4.85
CA LEU A 16 -4.27 -1.70 -4.07
C LEU A 16 -4.11 -3.22 -3.97
N LYS A 17 -5.22 -3.89 -3.69
CA LYS A 17 -5.21 -5.34 -3.57
C LYS A 17 -4.73 -6.00 -4.85
N GLY A 18 -3.44 -6.32 -4.90
CA GLY A 18 -2.87 -6.96 -6.08
C GLY A 18 -1.62 -6.25 -6.56
N LYS A 19 -1.57 -4.93 -6.35
CA LYS A 19 -0.41 -4.14 -6.78
C LYS A 19 0.64 -4.07 -5.67
N VAL A 20 1.87 -3.77 -6.04
CA VAL A 20 2.96 -3.66 -5.08
C VAL A 20 3.43 -2.22 -4.94
N GLY A 21 3.71 -1.82 -3.70
CA GLY A 21 4.16 -0.46 -3.44
C GLY A 21 5.45 -0.42 -2.66
N LYS A 22 5.79 0.75 -2.15
CA LYS A 22 7.03 0.92 -1.38
C LYS A 22 6.72 1.54 -0.01
N VAL A 23 7.35 0.99 1.03
CA VAL A 23 7.15 1.48 2.39
C VAL A 23 7.89 2.81 2.60
N VAL A 24 7.14 3.85 2.90
CA VAL A 24 7.71 5.18 3.13
C VAL A 24 8.15 5.33 4.59
N LYS A 25 7.44 4.66 5.49
CA LYS A 25 7.75 4.73 6.91
C LYS A 25 7.07 3.59 7.67
N ILE A 26 7.66 3.20 8.80
CA ILE A 26 7.11 2.13 9.62
C ILE A 26 6.87 2.60 11.04
N ALA A 27 5.80 2.11 11.65
CA ALA A 27 5.46 2.48 13.03
C ALA A 27 4.76 1.33 13.74
N GLU A 28 5.14 1.10 15.00
CA GLU A 28 4.55 0.03 15.79
C GLU A 28 3.03 0.07 15.70
N ASP A 29 2.46 1.25 15.96
CA ASP A 29 1.01 1.42 15.90
C ASP A 29 0.47 1.09 14.51
N HIS A 30 1.22 1.48 13.48
CA HIS A 30 0.82 1.22 12.11
C HIS A 30 1.98 1.48 11.14
N TYR A 31 1.86 0.96 9.93
CA TYR A 31 2.90 1.12 8.92
C TYR A 31 2.43 2.07 7.81
N LEU A 32 3.36 2.82 7.25
CA LEU A 32 3.05 3.76 6.18
C LEU A 32 3.55 3.24 4.83
N VAL A 33 2.60 2.81 4.00
CA VAL A 33 2.94 2.29 2.67
C VAL A 33 2.45 3.21 1.57
N GLU A 34 3.24 3.33 0.51
CA GLU A 34 2.87 4.18 -0.62
C GLU A 34 2.52 3.36 -1.85
N VAL A 35 1.22 3.19 -2.09
CA VAL A 35 0.74 2.43 -3.23
C VAL A 35 0.18 3.34 -4.31
N GLU A 36 0.62 3.13 -5.55
CA GLU A 36 0.15 3.92 -6.68
C GLU A 36 0.17 5.41 -6.32
N GLY A 37 1.25 5.86 -5.70
CA GLY A 37 1.36 7.25 -5.32
C GLY A 37 0.32 7.67 -4.31
N ASP A 38 0.01 6.78 -3.38
CA ASP A 38 -0.98 7.06 -2.35
C ASP A 38 -0.60 6.39 -1.02
N LYS A 39 -0.60 7.18 0.05
CA LYS A 39 -0.26 6.68 1.36
C LYS A 39 -1.38 5.80 1.93
N TRP A 40 -1.00 4.68 2.52
CA TRP A 40 -1.97 3.76 3.10
C TRP A 40 -1.54 3.31 4.50
N ILE A 41 -2.50 2.86 5.29
CA ILE A 41 -2.22 2.41 6.65
C ILE A 41 -2.29 0.88 6.75
N ALA A 42 -1.15 0.23 6.52
CA ALA A 42 -1.08 -1.23 6.59
C ALA A 42 -0.36 -1.68 7.86
N TYR A 43 -0.58 -2.93 8.23
CA TYR A 43 0.05 -3.49 9.42
C TYR A 43 0.65 -4.86 9.12
N SER A 44 1.96 -4.99 9.36
CA SER A 44 2.67 -6.24 9.11
C SER A 44 3.49 -6.65 10.33
N ASP A 45 3.14 -7.80 10.90
CA ASP A 45 3.85 -8.31 12.08
C ASP A 45 5.36 -8.36 11.83
N GLU A 46 5.73 -8.52 10.56
CA GLU A 46 7.14 -8.59 10.19
C GLU A 46 7.74 -7.19 10.04
N LYS A 47 8.68 -6.86 10.90
CA LYS A 47 9.33 -5.55 10.86
C LYS A 47 9.85 -5.25 9.47
N LEU A 48 9.38 -4.16 8.87
CA LEU A 48 9.80 -3.77 7.53
C LEU A 48 10.85 -2.67 7.60
N SER A 49 11.33 -2.23 6.43
CA SER A 49 12.34 -1.19 6.36
C SER A 49 12.04 -0.22 5.22
N LEU A 50 12.13 1.07 5.52
CA LEU A 50 11.86 2.10 4.52
C LEU A 50 12.44 1.70 3.16
N GLY A 51 11.57 1.67 2.14
CA GLY A 51 12.01 1.31 0.82
C GLY A 51 11.75 -0.14 0.49
N ASP A 52 11.28 -0.90 1.49
CA ASP A 52 10.99 -2.31 1.31
C ASP A 52 9.83 -2.51 0.35
N ARG A 53 9.91 -3.55 -0.47
CA ARG A 53 8.86 -3.85 -1.44
C ARG A 53 7.82 -4.80 -0.85
N VAL A 54 6.55 -4.44 -0.99
CA VAL A 54 5.46 -5.26 -0.48
C VAL A 54 4.25 -5.23 -1.41
N MET A 55 3.54 -6.34 -1.47
CA MET A 55 2.36 -6.43 -2.33
C MET A 55 1.09 -6.58 -1.48
N VAL A 56 0.15 -5.65 -1.68
CA VAL A 56 -1.11 -5.67 -0.94
C VAL A 56 -1.75 -7.05 -0.98
N VAL A 57 -2.16 -7.54 0.18
CA VAL A 57 -2.79 -8.85 0.28
C VAL A 57 -4.25 -8.72 0.71
N ASP A 58 -4.61 -7.56 1.21
CA ASP A 58 -5.98 -7.31 1.66
C ASP A 58 -6.26 -5.81 1.74
N VAL A 59 -7.54 -5.44 1.66
CA VAL A 59 -7.95 -4.05 1.72
C VAL A 59 -9.22 -3.88 2.53
N ASP A 60 -9.09 -3.31 3.72
CA ASP A 60 -10.25 -3.09 4.59
C ASP A 60 -10.81 -1.69 4.40
N GLY A 61 -10.62 -1.13 3.21
CA GLY A 61 -11.11 0.20 2.92
C GLY A 61 -10.06 1.27 3.12
N LEU A 62 -9.92 1.74 4.36
CA LEU A 62 -8.93 2.77 4.68
C LEU A 62 -7.57 2.15 5.00
N LYS A 63 -7.52 0.82 4.95
CA LYS A 63 -6.28 0.10 5.23
C LYS A 63 -6.11 -1.08 4.29
N LEU A 64 -4.94 -1.70 4.32
CA LEU A 64 -4.64 -2.85 3.47
C LEU A 64 -3.35 -3.53 3.89
N LYS A 65 -3.43 -4.84 4.12
CA LYS A 65 -2.27 -5.62 4.54
C LYS A 65 -1.16 -5.53 3.50
N VAL A 66 0.02 -6.03 3.85
CA VAL A 66 1.16 -6.00 2.96
C VAL A 66 2.11 -7.16 3.24
N LYS A 67 2.57 -7.83 2.17
CA LYS A 67 3.48 -8.95 2.30
C LYS A 67 4.86 -8.60 1.75
N ARG A 68 5.89 -8.77 2.59
CA ARG A 68 7.26 -8.47 2.18
C ARG A 68 7.64 -9.29 0.95
N ILE A 69 7.99 -8.60 -0.12
CA ILE A 69 8.39 -9.25 -1.37
C ILE A 69 9.74 -8.76 -1.85
N PRO A 70 10.56 -9.68 -2.37
CA PRO A 70 11.90 -9.35 -2.88
C PRO A 70 11.85 -8.53 -4.16
N PRO A 71 12.80 -7.60 -4.31
CA PRO A 71 12.88 -6.73 -5.49
C PRO A 71 13.30 -7.49 -6.74
N GLN A 72 12.76 -7.10 -7.88
CA GLN A 72 13.07 -7.75 -9.15
C GLN A 72 14.45 -7.33 -9.64
N LEU A 73 15.03 -6.33 -9.01
CA LEU A 73 16.35 -5.83 -9.38
C LEU A 73 17.43 -6.43 -8.49
N GLU A 74 17.11 -7.56 -7.85
CA GLU A 74 18.05 -8.24 -6.97
C GLU A 74 18.20 -9.71 -7.35
N ARG A 1 1.50 6.57 -22.00
CA ARG A 1 0.32 5.91 -21.46
C ARG A 1 -0.95 6.66 -21.83
N ARG A 2 -1.73 6.08 -22.74
CA ARG A 2 -2.96 6.70 -23.19
C ARG A 2 -4.14 6.26 -22.32
N GLU A 3 -3.84 5.51 -21.26
CA GLU A 3 -4.87 5.02 -20.35
C GLU A 3 -4.72 5.64 -18.97
N THR A 4 -4.22 6.87 -18.94
CA THR A 4 -4.02 7.58 -17.68
C THR A 4 -5.35 8.10 -17.13
N THR A 5 -5.88 7.40 -16.14
CA THR A 5 -7.15 7.79 -15.52
C THR A 5 -6.96 8.13 -14.06
N ASP A 6 -6.62 9.39 -13.78
CA ASP A 6 -6.42 9.85 -12.42
C ASP A 6 -7.75 10.17 -11.74
N ILE A 7 -7.83 9.90 -10.44
CA ILE A 7 -9.05 10.16 -9.68
C ILE A 7 -9.29 11.65 -9.53
N GLY A 8 -8.31 12.35 -8.97
CA GLY A 8 -8.44 13.79 -8.77
C GLY A 8 -9.60 14.15 -7.88
N GLY A 9 -9.74 13.43 -6.77
CA GLY A 9 -10.83 13.69 -5.85
C GLY A 9 -10.98 12.61 -4.80
N GLY A 10 -10.11 12.64 -3.80
CA GLY A 10 -10.16 11.64 -2.74
C GLY A 10 -9.10 10.57 -2.90
N LYS A 11 -8.48 10.18 -1.80
CA LYS A 11 -7.44 9.15 -1.81
C LYS A 11 -8.05 7.76 -1.74
N TYR A 12 -9.24 7.61 -2.31
CA TYR A 12 -9.93 6.33 -2.31
C TYR A 12 -10.12 5.80 -3.73
N THR A 13 -9.62 4.60 -3.98
CA THR A 13 -9.73 3.98 -5.30
C THR A 13 -10.19 2.54 -5.20
N PHE A 14 -9.81 1.87 -4.11
CA PHE A 14 -10.19 0.48 -3.90
C PHE A 14 -9.54 -0.43 -4.93
N GLU A 15 -8.25 -0.18 -5.19
CA GLU A 15 -7.52 -0.99 -6.16
C GLU A 15 -6.26 -1.58 -5.53
N LEU A 16 -5.70 -0.87 -4.55
CA LEU A 16 -4.50 -1.33 -3.86
C LEU A 16 -4.44 -2.85 -3.82
N LYS A 17 -5.57 -3.47 -3.49
CA LYS A 17 -5.65 -4.92 -3.42
C LYS A 17 -4.93 -5.57 -4.60
N GLY A 18 -3.81 -6.23 -4.33
CA GLY A 18 -3.05 -6.88 -5.37
C GLY A 18 -1.87 -6.05 -5.84
N LYS A 19 -2.06 -4.73 -5.88
CA LYS A 19 -1.00 -3.82 -6.30
C LYS A 19 0.18 -3.86 -5.34
N VAL A 20 1.34 -3.43 -5.81
CA VAL A 20 2.54 -3.42 -4.98
C VAL A 20 2.88 -2.00 -4.54
N GLY A 21 3.20 -1.85 -3.25
CA GLY A 21 3.54 -0.54 -2.72
C GLY A 21 4.91 -0.52 -2.07
N LYS A 22 5.47 0.67 -1.92
CA LYS A 22 6.80 0.83 -1.31
C LYS A 22 6.68 1.47 0.07
N VAL A 23 7.25 0.81 1.07
CA VAL A 23 7.22 1.33 2.43
C VAL A 23 8.03 2.61 2.56
N VAL A 24 7.37 3.69 2.97
CA VAL A 24 8.03 4.98 3.13
C VAL A 24 8.40 5.22 4.59
N LYS A 25 7.72 4.51 5.49
CA LYS A 25 7.98 4.65 6.93
C LYS A 25 7.18 3.62 7.72
N ILE A 26 7.75 3.18 8.84
CA ILE A 26 7.09 2.20 9.70
C ILE A 26 6.79 2.79 11.07
N ALA A 27 5.69 2.34 11.67
CA ALA A 27 5.30 2.80 12.99
C ALA A 27 4.46 1.76 13.72
N GLU A 28 4.83 1.48 14.97
CA GLU A 28 4.12 0.50 15.77
C GLU A 28 2.62 0.64 15.61
N ASP A 29 2.12 1.85 15.82
CA ASP A 29 0.69 2.13 15.69
C ASP A 29 0.18 1.75 14.31
N HIS A 30 1.00 2.00 13.29
CA HIS A 30 0.64 1.67 11.91
C HIS A 30 1.81 1.92 10.97
N TYR A 31 1.77 1.28 9.80
CA TYR A 31 2.83 1.42 8.82
C TYR A 31 2.41 2.37 7.69
N LEU A 32 3.39 3.07 7.13
CA LEU A 32 3.12 4.01 6.05
C LEU A 32 3.59 3.44 4.70
N VAL A 33 2.65 3.02 3.88
CA VAL A 33 2.97 2.46 2.58
C VAL A 33 2.46 3.37 1.45
N GLU A 34 3.35 3.67 0.50
CA GLU A 34 2.99 4.54 -0.62
C GLU A 34 2.56 3.70 -1.82
N VAL A 35 1.26 3.67 -2.08
CA VAL A 35 0.71 2.91 -3.20
C VAL A 35 0.27 3.84 -4.32
N GLU A 36 0.70 3.53 -5.54
CA GLU A 36 0.35 4.34 -6.70
C GLU A 36 0.55 5.82 -6.42
N GLY A 37 1.60 6.14 -5.65
CA GLY A 37 1.88 7.51 -5.31
C GLY A 37 0.93 8.07 -4.27
N ASP A 38 0.45 7.19 -3.40
CA ASP A 38 -0.47 7.61 -2.35
C ASP A 38 -0.24 6.79 -1.07
N LYS A 39 0.13 7.48 0.00
CA LYS A 39 0.38 6.83 1.28
C LYS A 39 -0.86 6.08 1.75
N TRP A 40 -0.64 4.98 2.49
CA TRP A 40 -1.74 4.18 3.01
C TRP A 40 -1.48 3.77 4.45
N ILE A 41 -2.44 3.07 5.04
CA ILE A 41 -2.31 2.61 6.42
C ILE A 41 -2.42 1.09 6.51
N ALA A 42 -1.28 0.42 6.60
CA ALA A 42 -1.25 -1.03 6.69
C ALA A 42 -0.47 -1.49 7.92
N TYR A 43 -0.69 -2.73 8.34
CA TYR A 43 -0.01 -3.28 9.50
C TYR A 43 0.53 -4.68 9.20
N SER A 44 1.84 -4.84 9.36
CA SER A 44 2.48 -6.11 9.11
C SER A 44 3.39 -6.51 10.28
N ASP A 45 3.40 -7.81 10.58
CA ASP A 45 4.22 -8.32 11.69
C ASP A 45 5.66 -8.52 11.23
N GLU A 46 5.86 -8.59 9.92
CA GLU A 46 7.19 -8.80 9.36
C GLU A 46 8.01 -7.51 9.43
N LYS A 47 9.13 -7.56 10.15
CA LYS A 47 10.00 -6.39 10.29
C LYS A 47 10.30 -5.77 8.93
N LEU A 48 9.60 -4.69 8.61
CA LEU A 48 9.80 -3.99 7.34
C LEU A 48 10.92 -2.96 7.45
N SER A 49 11.40 -2.50 6.30
CA SER A 49 12.47 -1.51 6.27
C SER A 49 12.22 -0.47 5.18
N LEU A 50 12.38 0.80 5.53
CA LEU A 50 12.17 1.89 4.58
C LEU A 50 12.78 1.55 3.23
N GLY A 51 11.93 1.37 2.23
CA GLY A 51 12.39 1.05 0.89
C GLY A 51 12.10 -0.38 0.50
N ASP A 52 11.45 -1.11 1.40
CA ASP A 52 11.10 -2.51 1.13
C ASP A 52 9.85 -2.60 0.27
N ARG A 53 9.83 -3.58 -0.64
CA ARG A 53 8.69 -3.78 -1.52
C ARG A 53 7.68 -4.74 -0.91
N VAL A 54 6.43 -4.29 -0.80
CA VAL A 54 5.37 -5.11 -0.23
C VAL A 54 4.10 -5.04 -1.08
N MET A 55 3.34 -6.13 -1.09
CA MET A 55 2.11 -6.19 -1.86
C MET A 55 0.89 -6.23 -0.94
N VAL A 56 -0.23 -5.71 -1.42
CA VAL A 56 -1.47 -5.68 -0.64
C VAL A 56 -2.15 -7.04 -0.66
N VAL A 57 -1.97 -7.80 0.41
CA VAL A 57 -2.59 -9.13 0.52
C VAL A 57 -4.10 -9.03 0.54
N ASP A 58 -4.62 -8.03 1.23
CA ASP A 58 -6.05 -7.82 1.33
C ASP A 58 -6.38 -6.43 1.85
N VAL A 59 -7.57 -5.93 1.52
CA VAL A 59 -7.99 -4.61 1.95
C VAL A 59 -9.51 -4.48 1.93
N ASP A 60 -10.08 -4.06 3.05
CA ASP A 60 -11.53 -3.90 3.16
C ASP A 60 -11.92 -2.43 3.08
N GLY A 61 -11.00 -1.55 3.50
CA GLY A 61 -11.26 -0.13 3.47
C GLY A 61 -9.99 0.69 3.46
N LEU A 62 -9.54 1.10 4.64
CA LEU A 62 -8.33 1.90 4.76
C LEU A 62 -7.19 1.08 5.35
N LYS A 63 -7.23 -0.23 5.12
CA LYS A 63 -6.19 -1.13 5.63
C LYS A 63 -5.86 -2.21 4.60
N LEU A 64 -4.70 -2.05 3.95
CA LEU A 64 -4.26 -3.02 2.95
C LEU A 64 -3.08 -3.83 3.46
N LYS A 65 -3.38 -4.91 4.17
CA LYS A 65 -2.34 -5.78 4.72
C LYS A 65 -1.20 -5.95 3.73
N VAL A 66 -0.04 -5.39 4.07
CA VAL A 66 1.14 -5.49 3.21
C VAL A 66 2.17 -6.45 3.80
N LYS A 67 2.63 -7.38 2.97
CA LYS A 67 3.62 -8.36 3.39
C LYS A 67 4.82 -8.38 2.44
N ARG A 68 5.98 -8.74 2.95
CA ARG A 68 7.20 -8.81 2.15
C ARG A 68 7.00 -9.73 0.95
N ILE A 69 7.40 -9.26 -0.21
CA ILE A 69 7.28 -10.04 -1.44
C ILE A 69 8.61 -10.15 -2.16
N PRO A 70 8.90 -11.34 -2.71
CA PRO A 70 10.14 -11.60 -3.43
C PRO A 70 10.20 -10.88 -4.77
N PRO A 71 11.41 -10.48 -5.18
CA PRO A 71 11.64 -9.76 -6.44
C PRO A 71 11.40 -10.65 -7.66
N GLN A 72 11.51 -10.07 -8.85
CA GLN A 72 11.32 -10.81 -10.09
C GLN A 72 12.59 -11.54 -10.49
N LEU A 73 13.73 -10.89 -10.31
CA LEU A 73 15.02 -11.48 -10.65
C LEU A 73 15.08 -12.94 -10.23
N GLU A 74 14.40 -13.27 -9.13
CA GLU A 74 14.37 -14.64 -8.63
C GLU A 74 14.40 -15.63 -9.78
N ARG A 1 -5.25 -2.16 -24.24
CA ARG A 1 -5.83 -2.02 -22.91
C ARG A 1 -7.27 -2.52 -22.91
N ARG A 2 -7.48 -3.70 -22.32
CA ARG A 2 -8.80 -4.30 -22.25
C ARG A 2 -9.87 -3.23 -22.03
N GLU A 3 -9.65 -2.37 -21.03
CA GLU A 3 -10.58 -1.30 -20.71
C GLU A 3 -9.84 -0.04 -20.30
N THR A 4 -10.35 1.11 -20.76
CA THR A 4 -9.73 2.40 -20.44
C THR A 4 -9.43 2.50 -18.94
N THR A 5 -8.16 2.43 -18.60
CA THR A 5 -7.73 2.53 -17.21
C THR A 5 -7.21 3.93 -16.89
N ASP A 6 -7.96 4.94 -17.29
CA ASP A 6 -7.56 6.33 -17.04
C ASP A 6 -8.64 7.06 -16.24
N ILE A 7 -9.15 6.40 -15.20
CA ILE A 7 -10.18 6.98 -14.36
C ILE A 7 -9.70 8.29 -13.73
N GLY A 8 -8.55 8.24 -13.06
CA GLY A 8 -8.00 9.43 -12.43
C GLY A 8 -8.85 9.91 -11.26
N GLY A 9 -8.93 9.09 -10.22
CA GLY A 9 -9.71 9.45 -9.05
C GLY A 9 -8.85 9.77 -7.85
N GLY A 10 -8.71 8.79 -6.96
CA GLY A 10 -7.90 9.00 -5.77
C GLY A 10 -7.32 7.70 -5.23
N LYS A 11 -7.51 7.47 -3.94
CA LYS A 11 -6.99 6.25 -3.30
C LYS A 11 -8.13 5.27 -3.01
N TYR A 12 -9.37 5.77 -3.06
CA TYR A 12 -10.54 4.94 -2.80
C TYR A 12 -10.93 4.16 -4.05
N THR A 13 -10.00 4.00 -4.97
CA THR A 13 -10.25 3.28 -6.21
C THR A 13 -10.47 1.79 -5.94
N PHE A 14 -10.13 1.35 -4.73
CA PHE A 14 -10.29 -0.04 -4.35
C PHE A 14 -9.51 -0.95 -5.30
N GLU A 15 -8.31 -0.54 -5.65
CA GLU A 15 -7.47 -1.31 -6.56
C GLU A 15 -6.15 -1.69 -5.88
N LEU A 16 -5.77 -0.92 -4.87
CA LEU A 16 -4.53 -1.17 -4.14
C LEU A 16 -4.28 -2.68 -4.00
N LYS A 17 -5.35 -3.43 -3.78
CA LYS A 17 -5.25 -4.88 -3.63
C LYS A 17 -4.61 -5.51 -4.86
N GLY A 18 -3.60 -6.33 -4.65
CA GLY A 18 -2.92 -6.99 -5.75
C GLY A 18 -1.76 -6.19 -6.29
N LYS A 19 -1.86 -4.86 -6.16
CA LYS A 19 -0.81 -3.97 -6.64
C LYS A 19 0.43 -4.05 -5.74
N VAL A 20 1.53 -3.48 -6.21
CA VAL A 20 2.77 -3.50 -5.45
C VAL A 20 3.23 -2.08 -5.12
N GLY A 21 3.43 -1.80 -3.84
CA GLY A 21 3.87 -0.48 -3.42
C GLY A 21 5.23 -0.51 -2.74
N LYS A 22 5.61 0.61 -2.15
CA LYS A 22 6.89 0.71 -1.45
C LYS A 22 6.72 1.41 -0.10
N VAL A 23 7.24 0.78 0.95
CA VAL A 23 7.15 1.33 2.29
C VAL A 23 7.81 2.71 2.36
N VAL A 24 7.07 3.68 2.90
CA VAL A 24 7.58 5.04 3.02
C VAL A 24 7.80 5.41 4.48
N LYS A 25 7.30 4.58 5.38
CA LYS A 25 7.44 4.82 6.81
C LYS A 25 6.92 3.63 7.62
N ILE A 26 7.49 3.42 8.79
CA ILE A 26 7.08 2.33 9.67
C ILE A 26 6.82 2.82 11.08
N ALA A 27 5.78 2.27 11.71
CA ALA A 27 5.42 2.65 13.07
C ALA A 27 4.67 1.53 13.78
N GLU A 28 5.12 1.20 14.99
CA GLU A 28 4.49 0.14 15.76
C GLU A 28 2.97 0.23 15.69
N ASP A 29 2.44 1.43 15.96
CA ASP A 29 1.00 1.65 15.92
C ASP A 29 0.44 1.36 14.53
N HIS A 30 1.20 1.72 13.50
CA HIS A 30 0.78 1.48 12.13
C HIS A 30 1.94 1.73 11.16
N TYR A 31 1.84 1.14 9.98
CA TYR A 31 2.89 1.29 8.96
C TYR A 31 2.40 2.16 7.81
N LEU A 32 3.32 2.92 7.23
CA LEU A 32 3.00 3.81 6.12
C LEU A 32 3.46 3.21 4.79
N VAL A 33 2.51 2.68 4.03
CA VAL A 33 2.82 2.08 2.73
C VAL A 33 2.26 2.92 1.59
N GLU A 34 3.14 3.29 0.66
CA GLU A 34 2.74 4.10 -0.48
C GLU A 34 2.34 3.22 -1.66
N VAL A 35 1.04 3.14 -1.91
CA VAL A 35 0.53 2.33 -3.01
C VAL A 35 0.04 3.21 -4.16
N GLU A 36 0.56 2.93 -5.36
CA GLU A 36 0.19 3.71 -6.54
C GLU A 36 0.32 5.20 -6.29
N GLY A 37 1.38 5.58 -5.58
CA GLY A 37 1.61 6.98 -5.27
C GLY A 37 0.63 7.52 -4.26
N ASP A 38 0.21 6.68 -3.32
CA ASP A 38 -0.74 7.08 -2.30
C ASP A 38 -0.45 6.39 -0.98
N LYS A 39 -0.21 7.18 0.07
CA LYS A 39 0.10 6.64 1.39
C LYS A 39 -1.10 5.86 1.94
N TRP A 40 -0.81 4.77 2.64
CA TRP A 40 -1.85 3.93 3.22
C TRP A 40 -1.50 3.54 4.65
N ILE A 41 -2.48 3.03 5.38
CA ILE A 41 -2.28 2.60 6.76
C ILE A 41 -2.37 1.08 6.89
N ALA A 42 -1.24 0.41 6.73
CA ALA A 42 -1.19 -1.05 6.83
C ALA A 42 -0.36 -1.49 8.02
N TYR A 43 -0.47 -2.76 8.38
CA TYR A 43 0.29 -3.31 9.51
C TYR A 43 0.83 -4.70 9.18
N SER A 44 2.11 -4.89 9.43
CA SER A 44 2.76 -6.17 9.16
C SER A 44 3.36 -6.76 10.43
N ASP A 45 3.07 -8.03 10.69
CA ASP A 45 3.58 -8.71 11.88
C ASP A 45 5.11 -8.77 11.84
N GLU A 46 5.68 -8.78 10.64
CA GLU A 46 7.12 -8.86 10.48
C GLU A 46 7.70 -7.47 10.18
N LYS A 47 8.45 -6.93 11.14
CA LYS A 47 9.06 -5.62 10.99
C LYS A 47 9.50 -5.39 9.56
N LEU A 48 9.18 -4.22 9.01
CA LEU A 48 9.55 -3.87 7.65
C LEU A 48 10.70 -2.86 7.63
N SER A 49 11.27 -2.64 6.46
CA SER A 49 12.37 -1.70 6.30
C SER A 49 12.04 -0.64 5.26
N LEU A 50 12.50 0.59 5.51
CA LEU A 50 12.24 1.70 4.59
C LEU A 50 12.86 1.41 3.23
N GLY A 51 12.02 1.50 2.18
CA GLY A 51 12.51 1.25 0.84
C GLY A 51 12.22 -0.16 0.37
N ASP A 52 11.54 -0.93 1.21
CA ASP A 52 11.20 -2.31 0.87
C ASP A 52 9.90 -2.38 0.09
N ARG A 53 9.92 -3.12 -1.01
CA ARG A 53 8.73 -3.27 -1.85
C ARG A 53 7.78 -4.31 -1.28
N VAL A 54 6.51 -3.94 -1.18
CA VAL A 54 5.48 -4.84 -0.64
C VAL A 54 4.24 -4.85 -1.52
N MET A 55 3.51 -5.96 -1.49
CA MET A 55 2.30 -6.09 -2.29
C MET A 55 1.09 -6.32 -1.39
N VAL A 56 0.06 -5.49 -1.57
CA VAL A 56 -1.16 -5.59 -0.77
C VAL A 56 -1.76 -7.00 -0.87
N VAL A 57 -1.95 -7.62 0.29
CA VAL A 57 -2.51 -8.97 0.35
C VAL A 57 -4.03 -8.93 0.51
N ASP A 58 -4.50 -7.92 1.23
CA ASP A 58 -5.94 -7.76 1.48
C ASP A 58 -6.28 -6.31 1.81
N VAL A 59 -7.45 -5.86 1.37
CA VAL A 59 -7.89 -4.49 1.63
C VAL A 59 -9.28 -4.47 2.24
N ASP A 60 -9.47 -3.62 3.23
CA ASP A 60 -10.76 -3.50 3.90
C ASP A 60 -11.31 -2.09 3.77
N GLY A 61 -10.49 -1.18 3.24
CA GLY A 61 -10.91 0.20 3.08
C GLY A 61 -9.77 1.18 3.25
N LEU A 62 -9.70 1.80 4.43
CA LEU A 62 -8.65 2.77 4.73
C LEU A 62 -7.34 2.06 5.08
N LYS A 63 -7.38 0.74 5.10
CA LYS A 63 -6.20 -0.06 5.42
C LYS A 63 -5.98 -1.17 4.38
N LEU A 64 -4.78 -1.73 4.36
CA LEU A 64 -4.45 -2.78 3.42
C LEU A 64 -3.15 -3.48 3.83
N LYS A 65 -3.28 -4.72 4.33
CA LYS A 65 -2.13 -5.49 4.76
C LYS A 65 -1.10 -5.60 3.62
N VAL A 66 0.18 -5.52 3.98
CA VAL A 66 1.25 -5.62 3.01
C VAL A 66 2.18 -6.79 3.32
N LYS A 67 2.64 -7.46 2.28
CA LYS A 67 3.53 -8.61 2.44
C LYS A 67 4.87 -8.33 1.78
N ARG A 68 5.94 -8.49 2.55
CA ARG A 68 7.30 -8.26 2.04
C ARG A 68 7.60 -9.17 0.86
N ILE A 69 7.93 -8.58 -0.28
CA ILE A 69 8.24 -9.34 -1.48
C ILE A 69 9.62 -8.98 -2.02
N PRO A 70 10.36 -9.99 -2.48
CA PRO A 70 11.71 -9.80 -3.04
C PRO A 70 11.68 -9.08 -4.38
N PRO A 71 12.86 -8.63 -4.84
CA PRO A 71 12.99 -7.92 -6.11
C PRO A 71 12.76 -8.83 -7.32
N GLN A 72 12.78 -8.24 -8.51
CA GLN A 72 12.57 -9.00 -9.74
C GLN A 72 13.90 -9.37 -10.38
N LEU A 73 14.90 -8.51 -10.19
CA LEU A 73 16.23 -8.75 -10.76
C LEU A 73 16.65 -10.20 -10.56
N GLU A 74 16.08 -10.85 -9.54
CA GLU A 74 16.40 -12.24 -9.26
C GLU A 74 16.02 -13.14 -10.43
N ARG A 1 -14.49 -1.84 -15.95
CA ARG A 1 -14.75 -1.48 -17.34
C ARG A 1 -13.48 -0.96 -18.00
N ARG A 2 -13.39 -1.15 -19.31
CA ARG A 2 -12.23 -0.70 -20.07
C ARG A 2 -11.83 0.72 -19.66
N GLU A 3 -12.84 1.58 -19.49
CA GLU A 3 -12.59 2.97 -19.12
C GLU A 3 -13.49 3.38 -17.95
N THR A 4 -12.93 4.15 -17.02
CA THR A 4 -13.67 4.62 -15.86
C THR A 4 -14.15 6.05 -16.04
N THR A 5 -15.45 6.26 -15.88
CA THR A 5 -16.03 7.60 -16.03
C THR A 5 -16.04 8.34 -14.70
N ASP A 6 -16.46 7.65 -13.64
CA ASP A 6 -16.51 8.24 -12.31
C ASP A 6 -15.37 9.23 -12.11
N ILE A 7 -15.69 10.40 -11.59
CA ILE A 7 -14.70 11.44 -11.35
C ILE A 7 -13.64 10.96 -10.36
N GLY A 8 -14.09 10.52 -9.20
CA GLY A 8 -13.16 10.04 -8.18
C GLY A 8 -13.02 11.00 -7.02
N GLY A 9 -13.77 10.74 -5.95
CA GLY A 9 -13.71 11.60 -4.78
C GLY A 9 -12.95 10.97 -3.62
N GLY A 10 -12.09 11.75 -2.98
CA GLY A 10 -11.32 11.24 -1.86
C GLY A 10 -10.17 10.36 -2.30
N LYS A 11 -9.20 10.17 -1.42
CA LYS A 11 -8.04 9.34 -1.74
C LYS A 11 -8.34 7.86 -1.49
N TYR A 12 -9.60 7.48 -1.64
CA TYR A 12 -10.02 6.11 -1.44
C TYR A 12 -10.47 5.47 -2.75
N THR A 13 -9.57 4.73 -3.39
CA THR A 13 -9.87 4.07 -4.65
C THR A 13 -10.19 2.59 -4.44
N PHE A 14 -9.96 2.11 -3.22
CA PHE A 14 -10.22 0.72 -2.89
C PHE A 14 -9.76 -0.20 -4.01
N GLU A 15 -8.57 0.05 -4.53
CA GLU A 15 -8.00 -0.76 -5.61
C GLU A 15 -6.62 -1.29 -5.23
N LEU A 16 -6.06 -0.74 -4.15
CA LEU A 16 -4.74 -1.16 -3.69
C LEU A 16 -4.61 -2.68 -3.73
N LYS A 17 -5.69 -3.37 -3.40
CA LYS A 17 -5.70 -4.84 -3.40
C LYS A 17 -5.04 -5.37 -4.67
N GLY A 18 -3.90 -6.05 -4.50
CA GLY A 18 -3.20 -6.60 -5.64
C GLY A 18 -2.01 -5.77 -6.05
N LYS A 19 -2.13 -4.45 -5.92
CA LYS A 19 -1.05 -3.54 -6.28
C LYS A 19 0.06 -3.56 -5.24
N VAL A 20 1.27 -3.21 -5.66
CA VAL A 20 2.41 -3.18 -4.76
C VAL A 20 2.94 -1.77 -4.58
N GLY A 21 3.28 -1.42 -3.34
CA GLY A 21 3.80 -0.10 -3.06
C GLY A 21 5.19 -0.13 -2.45
N LYS A 22 5.63 0.99 -1.89
CA LYS A 22 6.95 1.08 -1.29
C LYS A 22 6.85 1.63 0.13
N VAL A 23 7.41 0.89 1.09
CA VAL A 23 7.38 1.30 2.49
C VAL A 23 8.16 2.60 2.69
N VAL A 24 7.44 3.70 2.78
CA VAL A 24 8.05 5.01 2.98
C VAL A 24 8.45 5.21 4.44
N LYS A 25 7.73 4.55 5.34
CA LYS A 25 8.01 4.65 6.77
C LYS A 25 7.26 3.57 7.54
N ILE A 26 7.81 3.21 8.70
CA ILE A 26 7.20 2.19 9.55
C ILE A 26 6.93 2.72 10.95
N ALA A 27 5.76 2.38 11.50
CA ALA A 27 5.39 2.83 12.84
C ALA A 27 4.57 1.76 13.56
N GLU A 28 4.95 1.45 14.79
CA GLU A 28 4.26 0.45 15.59
C GLU A 28 2.74 0.62 15.46
N ASP A 29 2.28 1.83 15.71
CA ASP A 29 0.85 2.12 15.63
C ASP A 29 0.31 1.80 14.24
N HIS A 30 1.09 2.11 13.21
CA HIS A 30 0.70 1.85 11.84
C HIS A 30 1.88 2.05 10.89
N TYR A 31 1.84 1.35 9.76
CA TYR A 31 2.91 1.44 8.77
C TYR A 31 2.50 2.38 7.62
N LEU A 32 3.49 3.09 7.08
CA LEU A 32 3.24 4.02 5.98
C LEU A 32 3.69 3.42 4.65
N VAL A 33 2.73 2.96 3.86
CA VAL A 33 3.04 2.37 2.57
C VAL A 33 2.53 3.25 1.42
N GLU A 34 3.42 3.56 0.49
CA GLU A 34 3.07 4.40 -0.66
C GLU A 34 2.57 3.55 -1.82
N VAL A 35 1.26 3.58 -2.04
CA VAL A 35 0.66 2.82 -3.13
C VAL A 35 0.22 3.73 -4.27
N GLU A 36 0.86 3.58 -5.43
CA GLU A 36 0.53 4.39 -6.59
C GLU A 36 0.79 5.87 -6.31
N GLY A 37 1.79 6.14 -5.48
CA GLY A 37 2.12 7.51 -5.15
C GLY A 37 1.15 8.13 -4.16
N ASP A 38 0.64 7.29 -3.25
CA ASP A 38 -0.30 7.75 -2.24
C ASP A 38 -0.11 6.99 -0.94
N LYS A 39 0.29 7.71 0.11
CA LYS A 39 0.50 7.10 1.41
C LYS A 39 -0.76 6.42 1.92
N TRP A 40 -0.60 5.26 2.55
CA TRP A 40 -1.74 4.51 3.08
C TRP A 40 -1.49 4.10 4.52
N ILE A 41 -2.47 3.43 5.12
CA ILE A 41 -2.35 2.97 6.50
C ILE A 41 -2.51 1.46 6.60
N ALA A 42 -1.39 0.76 6.67
CA ALA A 42 -1.40 -0.70 6.77
C ALA A 42 -0.50 -1.17 7.91
N TYR A 43 -0.62 -2.45 8.26
CA TYR A 43 0.18 -3.03 9.34
C TYR A 43 0.82 -4.33 8.88
N SER A 44 2.06 -4.56 9.31
CA SER A 44 2.79 -5.77 8.96
C SER A 44 3.20 -6.54 10.21
N ASP A 45 3.03 -7.86 10.15
CA ASP A 45 3.39 -8.71 11.28
C ASP A 45 4.91 -8.84 11.41
N GLU A 46 5.61 -8.56 10.32
CA GLU A 46 7.07 -8.64 10.31
C GLU A 46 7.69 -7.27 10.07
N LYS A 47 8.35 -6.73 11.09
CA LYS A 47 8.98 -5.41 10.98
C LYS A 47 9.65 -5.26 9.61
N LEU A 48 8.99 -4.52 8.72
CA LEU A 48 9.51 -4.28 7.39
C LEU A 48 10.75 -3.38 7.44
N SER A 49 11.30 -3.07 6.26
CA SER A 49 12.48 -2.22 6.18
C SER A 49 12.27 -1.12 5.15
N LEU A 50 12.65 0.10 5.52
CA LEU A 50 12.52 1.25 4.63
C LEU A 50 13.07 0.93 3.25
N GLY A 51 12.21 1.06 2.24
CA GLY A 51 12.62 0.78 0.87
C GLY A 51 12.29 -0.62 0.43
N ASP A 52 11.58 -1.36 1.29
CA ASP A 52 11.19 -2.74 0.99
C ASP A 52 9.86 -2.77 0.25
N ARG A 53 9.83 -3.49 -0.87
CA ARG A 53 8.61 -3.61 -1.67
C ARG A 53 7.62 -4.56 -1.01
N VAL A 54 6.35 -4.19 -1.05
CA VAL A 54 5.29 -5.01 -0.46
C VAL A 54 4.01 -4.93 -1.29
N MET A 55 3.26 -6.02 -1.31
CA MET A 55 2.01 -6.07 -2.06
C MET A 55 0.81 -6.19 -1.11
N VAL A 56 -0.29 -5.55 -1.49
CA VAL A 56 -1.50 -5.57 -0.67
C VAL A 56 -2.09 -6.98 -0.62
N VAL A 57 -1.76 -7.72 0.44
CA VAL A 57 -2.27 -9.08 0.61
C VAL A 57 -3.79 -9.09 0.66
N ASP A 58 -4.36 -8.08 1.29
CA ASP A 58 -5.82 -7.98 1.39
C ASP A 58 -6.23 -6.61 1.95
N VAL A 59 -7.52 -6.32 1.89
CA VAL A 59 -8.04 -5.05 2.38
C VAL A 59 -9.56 -5.08 2.48
N ASP A 60 -10.07 -4.90 3.69
CA ASP A 60 -11.52 -4.90 3.92
C ASP A 60 -12.09 -3.50 3.75
N GLY A 61 -11.24 -2.49 3.91
CA GLY A 61 -11.69 -1.11 3.77
C GLY A 61 -10.55 -0.17 3.43
N LEU A 62 -10.04 0.51 4.44
CA LEU A 62 -8.94 1.47 4.24
C LEU A 62 -7.62 0.85 4.67
N LYS A 63 -7.67 -0.39 5.15
CA LYS A 63 -6.46 -1.09 5.59
C LYS A 63 -5.98 -2.06 4.52
N LEU A 64 -4.77 -1.84 4.03
CA LEU A 64 -4.18 -2.69 3.01
C LEU A 64 -3.00 -3.48 3.57
N LYS A 65 -3.26 -4.69 4.04
CA LYS A 65 -2.22 -5.55 4.59
C LYS A 65 -1.07 -5.71 3.61
N VAL A 66 0.12 -5.28 4.00
CA VAL A 66 1.30 -5.38 3.16
C VAL A 66 2.21 -6.51 3.63
N LYS A 67 2.70 -7.29 2.66
CA LYS A 67 3.58 -8.40 2.97
C LYS A 67 4.80 -8.41 2.04
N ARG A 68 5.97 -8.69 2.60
CA ARG A 68 7.20 -8.73 1.82
C ARG A 68 7.03 -9.61 0.58
N ILE A 69 7.38 -9.06 -0.58
CA ILE A 69 7.27 -9.79 -1.83
C ILE A 69 8.60 -9.77 -2.59
N PRO A 70 8.97 -10.93 -3.16
CA PRO A 70 10.20 -11.08 -3.93
C PRO A 70 10.16 -10.33 -5.25
N PRO A 71 11.32 -9.82 -5.69
CA PRO A 71 11.45 -9.07 -6.94
C PRO A 71 11.27 -9.97 -8.17
N GLN A 72 11.48 -9.40 -9.34
CA GLN A 72 11.34 -10.14 -10.59
C GLN A 72 12.62 -10.07 -11.41
N LEU A 73 13.76 -10.03 -10.72
CA LEU A 73 15.06 -9.97 -11.38
C LEU A 73 15.17 -11.04 -12.45
N GLU A 74 14.45 -12.14 -12.27
CA GLU A 74 14.47 -13.23 -13.23
C GLU A 74 13.69 -12.87 -14.49
N ARG A 1 -24.84 4.03 -13.84
CA ARG A 1 -24.80 5.44 -14.16
C ARG A 1 -24.73 5.66 -15.67
N ARG A 2 -25.52 6.60 -16.17
CA ARG A 2 -25.56 6.91 -17.59
C ARG A 2 -24.55 7.99 -17.94
N GLU A 3 -24.58 9.09 -17.19
CA GLU A 3 -23.67 10.20 -17.43
C GLU A 3 -23.01 10.65 -16.12
N THR A 4 -22.04 11.56 -16.23
CA THR A 4 -21.34 12.07 -15.06
C THR A 4 -20.46 13.26 -15.43
N THR A 5 -20.61 14.35 -14.67
CA THR A 5 -19.82 15.56 -14.93
C THR A 5 -18.96 15.90 -13.73
N ASP A 6 -19.34 15.40 -12.55
CA ASP A 6 -18.59 15.65 -11.34
C ASP A 6 -17.60 14.52 -11.06
N ILE A 7 -16.34 14.88 -10.80
CA ILE A 7 -15.31 13.90 -10.52
C ILE A 7 -15.32 13.50 -9.04
N GLY A 8 -15.11 14.48 -8.17
CA GLY A 8 -15.10 14.21 -6.74
C GLY A 8 -14.49 12.86 -6.42
N GLY A 9 -13.22 12.69 -6.77
CA GLY A 9 -12.54 11.44 -6.50
C GLY A 9 -11.53 11.56 -5.37
N GLY A 10 -11.87 11.00 -4.22
CA GLY A 10 -10.98 11.05 -3.07
C GLY A 10 -9.83 10.07 -3.19
N LYS A 11 -9.14 9.84 -2.07
CA LYS A 11 -8.02 8.91 -2.05
C LYS A 11 -8.48 7.48 -1.87
N TYR A 12 -9.71 7.20 -2.29
CA TYR A 12 -10.28 5.86 -2.18
C TYR A 12 -10.63 5.31 -3.55
N THR A 13 -9.92 4.27 -3.96
CA THR A 13 -10.15 3.64 -5.25
C THR A 13 -10.42 2.15 -5.10
N PHE A 14 -9.98 1.58 -3.98
CA PHE A 14 -10.18 0.17 -3.71
C PHE A 14 -9.55 -0.69 -4.80
N GLU A 15 -8.35 -0.31 -5.23
CA GLU A 15 -7.65 -1.05 -6.27
C GLU A 15 -6.26 -1.47 -5.80
N LEU A 16 -5.72 -0.74 -4.83
CA LEU A 16 -4.40 -1.04 -4.28
C LEU A 16 -4.15 -2.53 -4.26
N LYS A 17 -5.17 -3.30 -3.87
CA LYS A 17 -5.05 -4.76 -3.82
C LYS A 17 -4.40 -5.30 -5.08
N GLY A 18 -3.45 -6.22 -4.89
CA GLY A 18 -2.76 -6.81 -6.02
C GLY A 18 -1.54 -6.01 -6.44
N LYS A 19 -1.69 -4.68 -6.47
CA LYS A 19 -0.59 -3.80 -6.86
C LYS A 19 0.55 -3.87 -5.84
N VAL A 20 1.67 -3.25 -6.18
CA VAL A 20 2.83 -3.25 -5.29
C VAL A 20 3.18 -1.82 -4.86
N GLY A 21 3.48 -1.65 -3.57
CA GLY A 21 3.83 -0.35 -3.06
C GLY A 21 5.19 -0.33 -2.39
N LYS A 22 5.60 0.84 -1.91
CA LYS A 22 6.89 0.98 -1.24
C LYS A 22 6.71 1.51 0.18
N VAL A 23 7.37 0.86 1.12
CA VAL A 23 7.28 1.26 2.53
C VAL A 23 8.03 2.57 2.77
N VAL A 24 7.30 3.68 2.75
CA VAL A 24 7.90 4.99 2.96
C VAL A 24 8.28 5.18 4.42
N LYS A 25 7.58 4.48 5.31
CA LYS A 25 7.85 4.57 6.74
C LYS A 25 7.21 3.41 7.49
N ILE A 26 7.68 3.17 8.71
CA ILE A 26 7.15 2.08 9.53
C ILE A 26 6.96 2.53 10.98
N ALA A 27 5.80 2.21 11.53
CA ALA A 27 5.49 2.57 12.92
C ALA A 27 4.72 1.46 13.62
N GLU A 28 5.08 1.20 14.87
CA GLU A 28 4.42 0.17 15.66
C GLU A 28 2.90 0.30 15.58
N ASP A 29 2.40 1.49 15.84
CA ASP A 29 0.96 1.76 15.79
C ASP A 29 0.41 1.47 14.39
N HIS A 30 1.18 1.81 13.36
CA HIS A 30 0.76 1.59 11.98
C HIS A 30 1.94 1.77 11.03
N TYR A 31 1.78 1.27 9.82
CA TYR A 31 2.83 1.36 8.81
C TYR A 31 2.40 2.25 7.65
N LEU A 32 3.35 2.98 7.08
CA LEU A 32 3.06 3.87 5.95
C LEU A 32 3.51 3.26 4.64
N VAL A 33 2.55 2.82 3.84
CA VAL A 33 2.84 2.21 2.54
C VAL A 33 2.30 3.06 1.40
N GLU A 34 3.20 3.48 0.51
CA GLU A 34 2.81 4.30 -0.63
C GLU A 34 2.40 3.43 -1.81
N VAL A 35 1.11 3.44 -2.12
CA VAL A 35 0.59 2.65 -3.24
C VAL A 35 0.03 3.55 -4.33
N GLU A 36 0.35 3.22 -5.58
CA GLU A 36 -0.11 4.00 -6.72
C GLU A 36 0.03 5.49 -6.46
N GLY A 37 1.11 5.86 -5.77
CA GLY A 37 1.36 7.26 -5.47
C GLY A 37 0.40 7.79 -4.43
N ASP A 38 0.02 6.95 -3.48
CA ASP A 38 -0.90 7.35 -2.42
C ASP A 38 -0.56 6.65 -1.11
N LYS A 39 -0.31 7.43 -0.07
CA LYS A 39 0.03 6.87 1.24
C LYS A 39 -1.12 6.04 1.79
N TRP A 40 -0.79 4.93 2.43
CA TRP A 40 -1.80 4.04 3.01
C TRP A 40 -1.41 3.61 4.41
N ILE A 41 -2.40 3.25 5.22
CA ILE A 41 -2.16 2.82 6.60
C ILE A 41 -2.31 1.31 6.72
N ALA A 42 -1.19 0.59 6.59
CA ALA A 42 -1.20 -0.86 6.70
C ALA A 42 -0.50 -1.32 7.96
N TYR A 43 -0.65 -2.59 8.30
CA TYR A 43 -0.02 -3.16 9.48
C TYR A 43 0.69 -4.46 9.16
N SER A 44 1.94 -4.57 9.61
CA SER A 44 2.74 -5.77 9.37
C SER A 44 3.20 -6.40 10.67
N ASP A 45 3.11 -7.72 10.75
CA ASP A 45 3.52 -8.44 11.95
C ASP A 45 5.04 -8.59 12.02
N GLU A 46 5.70 -8.34 10.89
CA GLU A 46 7.15 -8.45 10.81
C GLU A 46 7.77 -7.09 10.50
N LYS A 47 8.48 -6.53 11.47
CA LYS A 47 9.13 -5.24 11.31
C LYS A 47 9.76 -5.12 9.92
N LEU A 48 9.12 -4.34 9.05
CA LEU A 48 9.63 -4.14 7.69
C LEU A 48 10.85 -3.23 7.69
N SER A 49 11.35 -2.92 6.49
CA SER A 49 12.52 -2.05 6.36
C SER A 49 12.23 -0.92 5.38
N LEU A 50 12.71 0.27 5.72
CA LEU A 50 12.52 1.45 4.88
C LEU A 50 13.03 1.20 3.46
N GLY A 51 12.14 1.28 2.49
CA GLY A 51 12.52 1.06 1.10
C GLY A 51 12.23 -0.34 0.63
N ASP A 52 11.58 -1.13 1.48
CA ASP A 52 11.24 -2.51 1.15
C ASP A 52 10.00 -2.55 0.25
N ARG A 53 10.03 -3.46 -0.72
CA ARG A 53 8.91 -3.61 -1.66
C ARG A 53 7.90 -4.62 -1.12
N VAL A 54 6.62 -4.23 -1.14
CA VAL A 54 5.55 -5.11 -0.66
C VAL A 54 4.32 -5.01 -1.56
N MET A 55 3.58 -6.10 -1.64
CA MET A 55 2.37 -6.15 -2.45
C MET A 55 1.12 -6.26 -1.59
N VAL A 56 0.09 -5.49 -1.93
CA VAL A 56 -1.16 -5.51 -1.19
C VAL A 56 -1.80 -6.90 -1.21
N VAL A 57 -1.98 -7.49 -0.04
CA VAL A 57 -2.58 -8.81 0.07
C VAL A 57 -4.10 -8.71 0.16
N ASP A 58 -4.59 -7.67 0.82
CA ASP A 58 -6.03 -7.46 0.96
C ASP A 58 -6.32 -6.14 1.66
N VAL A 59 -7.42 -5.50 1.27
CA VAL A 59 -7.81 -4.22 1.86
C VAL A 59 -9.16 -4.33 2.57
N ASP A 60 -9.22 -3.83 3.80
CA ASP A 60 -10.45 -3.87 4.58
C ASP A 60 -11.12 -2.50 4.59
N GLY A 61 -10.90 -1.73 3.54
CA GLY A 61 -11.50 -0.41 3.45
C GLY A 61 -10.46 0.70 3.44
N LEU A 62 -9.96 1.06 4.62
CA LEU A 62 -8.96 2.11 4.74
C LEU A 62 -7.68 1.57 5.36
N LYS A 63 -7.53 0.24 5.36
CA LYS A 63 -6.36 -0.40 5.93
C LYS A 63 -6.12 -1.76 5.29
N LEU A 64 -5.12 -1.84 4.41
CA LEU A 64 -4.79 -3.07 3.73
C LEU A 64 -3.54 -3.71 4.33
N LYS A 65 -3.30 -4.97 3.98
CA LYS A 65 -2.13 -5.68 4.48
C LYS A 65 -1.05 -5.80 3.40
N VAL A 66 0.20 -5.65 3.81
CA VAL A 66 1.32 -5.73 2.88
C VAL A 66 2.20 -6.94 3.19
N LYS A 67 2.64 -7.64 2.13
CA LYS A 67 3.50 -8.81 2.30
C LYS A 67 4.84 -8.60 1.61
N ARG A 68 5.92 -8.89 2.33
CA ARG A 68 7.26 -8.73 1.78
C ARG A 68 7.44 -9.58 0.53
N ILE A 69 7.81 -8.92 -0.57
CA ILE A 69 8.02 -9.62 -1.84
C ILE A 69 9.42 -9.36 -2.38
N PRO A 70 10.04 -10.41 -2.94
CA PRO A 70 11.39 -10.32 -3.51
C PRO A 70 11.42 -9.50 -4.78
N PRO A 71 12.56 -8.83 -5.03
CA PRO A 71 12.75 -8.00 -6.22
C PRO A 71 12.84 -8.82 -7.50
N GLN A 72 12.90 -8.13 -8.64
CA GLN A 72 13.00 -8.80 -9.93
C GLN A 72 14.14 -8.22 -10.75
N LEU A 73 15.37 -8.66 -10.46
CA LEU A 73 16.54 -8.19 -11.19
C LEU A 73 16.48 -6.67 -11.39
N GLU A 74 15.79 -5.99 -10.48
CA GLU A 74 15.65 -4.54 -10.56
C GLU A 74 16.96 -3.85 -10.14
N ARG A 1 -17.48 2.05 -23.08
CA ARG A 1 -16.67 2.35 -24.26
C ARG A 1 -16.14 3.77 -24.20
N ARG A 2 -17.04 4.74 -24.28
CA ARG A 2 -16.66 6.15 -24.24
C ARG A 2 -16.60 6.66 -22.80
N GLU A 3 -17.60 6.28 -22.00
CA GLU A 3 -17.65 6.70 -20.61
C GLU A 3 -16.87 5.75 -19.71
N THR A 4 -16.80 6.08 -18.42
CA THR A 4 -16.07 5.25 -17.47
C THR A 4 -14.74 4.78 -18.04
N THR A 5 -14.05 5.68 -18.74
CA THR A 5 -12.76 5.36 -19.34
C THR A 5 -11.61 5.77 -18.44
N ASP A 6 -11.64 7.03 -18.00
CA ASP A 6 -10.60 7.56 -17.13
C ASP A 6 -10.62 6.86 -15.77
N ILE A 7 -9.48 6.34 -15.36
CA ILE A 7 -9.37 5.64 -14.08
C ILE A 7 -8.81 6.57 -13.01
N GLY A 8 -7.74 7.27 -13.33
CA GLY A 8 -7.13 8.19 -12.38
C GLY A 8 -8.15 9.09 -11.71
N GLY A 9 -8.50 8.76 -10.47
CA GLY A 9 -9.47 9.55 -9.73
C GLY A 9 -9.40 9.32 -8.24
N GLY A 10 -9.05 10.37 -7.50
CA GLY A 10 -8.93 10.25 -6.06
C GLY A 10 -7.90 9.23 -5.63
N LYS A 11 -7.73 9.07 -4.32
CA LYS A 11 -6.77 8.12 -3.79
C LYS A 11 -7.46 6.83 -3.35
N TYR A 12 -8.75 6.92 -3.06
CA TYR A 12 -9.52 5.76 -2.63
C TYR A 12 -10.29 5.15 -3.80
N THR A 13 -9.68 4.15 -4.44
CA THR A 13 -10.30 3.48 -5.57
C THR A 13 -10.54 2.00 -5.26
N PHE A 14 -10.12 1.57 -4.08
CA PHE A 14 -10.30 0.18 -3.68
C PHE A 14 -9.71 -0.78 -4.72
N GLU A 15 -8.52 -0.44 -5.22
CA GLU A 15 -7.85 -1.26 -6.21
C GLU A 15 -6.48 -1.69 -5.73
N LEU A 16 -5.96 -0.99 -4.74
CA LEU A 16 -4.65 -1.30 -4.18
C LEU A 16 -4.43 -2.81 -4.10
N LYS A 17 -5.50 -3.54 -3.82
CA LYS A 17 -5.42 -4.99 -3.72
C LYS A 17 -4.66 -5.58 -4.91
N GLY A 18 -3.69 -6.43 -4.62
CA GLY A 18 -2.90 -7.06 -5.67
C GLY A 18 -1.74 -6.18 -6.11
N LYS A 19 -1.97 -4.87 -6.14
CA LYS A 19 -0.94 -3.93 -6.55
C LYS A 19 0.21 -3.91 -5.54
N VAL A 20 1.39 -3.49 -6.00
CA VAL A 20 2.57 -3.42 -5.15
C VAL A 20 3.01 -1.98 -4.94
N GLY A 21 3.39 -1.66 -3.70
CA GLY A 21 3.83 -0.32 -3.39
C GLY A 21 5.19 -0.29 -2.71
N LYS A 22 5.55 0.86 -2.16
CA LYS A 22 6.84 1.01 -1.49
C LYS A 22 6.65 1.60 -0.09
N VAL A 23 7.20 0.93 0.91
CA VAL A 23 7.10 1.40 2.29
C VAL A 23 7.85 2.70 2.49
N VAL A 24 7.15 3.72 2.99
CA VAL A 24 7.75 5.02 3.23
C VAL A 24 8.18 5.18 4.68
N LYS A 25 7.48 4.51 5.58
CA LYS A 25 7.79 4.56 7.00
C LYS A 25 7.11 3.43 7.75
N ILE A 26 7.64 3.09 8.92
CA ILE A 26 7.09 2.02 9.73
C ILE A 26 6.82 2.49 11.17
N ALA A 27 5.69 2.08 11.72
CA ALA A 27 5.32 2.45 13.08
C ALA A 27 4.47 1.37 13.73
N GLU A 28 4.86 0.98 14.95
CA GLU A 28 4.13 -0.05 15.68
C GLU A 28 2.62 0.15 15.55
N ASP A 29 2.16 1.35 15.84
CA ASP A 29 0.74 1.68 15.75
C ASP A 29 0.21 1.38 14.35
N HIS A 30 1.02 1.68 13.34
CA HIS A 30 0.63 1.45 11.96
C HIS A 30 1.80 1.67 11.01
N TYR A 31 1.72 1.11 9.82
CA TYR A 31 2.77 1.25 8.82
C TYR A 31 2.32 2.11 7.65
N LEU A 32 3.25 2.82 7.04
CA LEU A 32 2.95 3.69 5.91
C LEU A 32 3.48 3.09 4.62
N VAL A 33 2.57 2.67 3.75
CA VAL A 33 2.94 2.08 2.47
C VAL A 33 2.41 2.92 1.31
N GLU A 34 3.30 3.25 0.37
CA GLU A 34 2.92 4.04 -0.78
C GLU A 34 2.44 3.15 -1.92
N VAL A 35 1.13 3.24 -2.23
CA VAL A 35 0.55 2.44 -3.29
C VAL A 35 0.02 3.33 -4.42
N GLU A 36 0.63 3.21 -5.60
CA GLU A 36 0.22 4.00 -6.75
C GLU A 36 0.44 5.49 -6.50
N GLY A 37 1.41 5.79 -5.63
CA GLY A 37 1.71 7.17 -5.31
C GLY A 37 0.82 7.72 -4.21
N ASP A 38 0.35 6.85 -3.34
CA ASP A 38 -0.51 7.25 -2.23
C ASP A 38 -0.24 6.39 -1.00
N LYS A 39 0.20 7.03 0.08
CA LYS A 39 0.49 6.33 1.32
C LYS A 39 -0.77 5.72 1.92
N TRP A 40 -0.65 4.53 2.49
CA TRP A 40 -1.78 3.84 3.09
C TRP A 40 -1.46 3.42 4.52
N ILE A 41 -2.44 2.80 5.17
CA ILE A 41 -2.26 2.34 6.55
C ILE A 41 -2.31 0.83 6.63
N ALA A 42 -1.14 0.19 6.63
CA ALA A 42 -1.05 -1.25 6.71
C ALA A 42 -0.35 -1.69 7.99
N TYR A 43 -0.59 -2.93 8.40
CA TYR A 43 0.00 -3.47 9.62
C TYR A 43 0.65 -4.83 9.35
N SER A 44 1.95 -4.92 9.62
CA SER A 44 2.68 -6.17 9.41
C SER A 44 3.50 -6.53 10.64
N ASP A 45 3.30 -7.75 11.13
CA ASP A 45 4.03 -8.22 12.31
C ASP A 45 5.53 -8.27 12.04
N GLU A 46 5.89 -8.43 10.76
CA GLU A 46 7.29 -8.49 10.37
C GLU A 46 7.89 -7.10 10.23
N LYS A 47 8.87 -6.79 11.08
CA LYS A 47 9.52 -5.49 11.05
C LYS A 47 10.07 -5.18 9.66
N LEU A 48 9.34 -4.34 8.92
CA LEU A 48 9.74 -3.97 7.56
C LEU A 48 10.88 -2.94 7.60
N SER A 49 11.28 -2.48 6.43
CA SER A 49 12.35 -1.50 6.33
C SER A 49 12.07 -0.48 5.23
N LEU A 50 12.27 0.79 5.54
CA LEU A 50 12.02 1.86 4.58
C LEU A 50 12.66 1.53 3.23
N GLY A 51 11.83 1.46 2.20
CA GLY A 51 12.33 1.16 0.87
C GLY A 51 12.08 -0.28 0.46
N ASP A 52 11.41 -1.02 1.34
CA ASP A 52 11.11 -2.43 1.07
C ASP A 52 9.83 -2.55 0.25
N ARG A 53 9.92 -3.26 -0.87
CA ARG A 53 8.76 -3.45 -1.74
C ARG A 53 7.80 -4.47 -1.15
N VAL A 54 6.55 -4.06 -0.98
CA VAL A 54 5.52 -4.93 -0.43
C VAL A 54 4.25 -4.91 -1.28
N MET A 55 3.60 -6.06 -1.39
CA MET A 55 2.38 -6.17 -2.17
C MET A 55 1.15 -6.21 -1.26
N VAL A 56 0.10 -5.49 -1.67
CA VAL A 56 -1.13 -5.45 -0.89
C VAL A 56 -1.80 -6.81 -0.84
N VAL A 57 -1.89 -7.38 0.36
CA VAL A 57 -2.51 -8.69 0.54
C VAL A 57 -4.03 -8.58 0.48
N ASP A 58 -4.58 -7.57 1.13
CA ASP A 58 -6.02 -7.36 1.15
C ASP A 58 -6.37 -5.95 1.60
N VAL A 59 -7.59 -5.51 1.32
CA VAL A 59 -8.04 -4.18 1.69
C VAL A 59 -9.33 -4.24 2.51
N ASP A 60 -9.26 -3.73 3.73
CA ASP A 60 -10.43 -3.72 4.61
C ASP A 60 -11.02 -2.32 4.73
N GLY A 61 -10.84 -1.52 3.68
CA GLY A 61 -11.35 -0.16 3.69
C GLY A 61 -10.27 0.87 3.46
N LEU A 62 -10.00 1.67 4.48
CA LEU A 62 -8.97 2.71 4.40
C LEU A 62 -7.58 2.12 4.65
N LYS A 63 -7.54 0.83 4.93
CA LYS A 63 -6.27 0.15 5.19
C LYS A 63 -6.07 -1.00 4.22
N LEU A 64 -4.93 -1.68 4.34
CA LEU A 64 -4.62 -2.81 3.47
C LEU A 64 -3.33 -3.51 3.92
N LYS A 65 -3.41 -4.82 4.10
CA LYS A 65 -2.25 -5.60 4.52
C LYS A 65 -1.15 -5.56 3.48
N VAL A 66 0.07 -5.88 3.89
CA VAL A 66 1.21 -5.89 2.97
C VAL A 66 2.18 -7.00 3.32
N LYS A 67 2.70 -7.67 2.29
CA LYS A 67 3.64 -8.76 2.47
C LYS A 67 4.93 -8.52 1.69
N ARG A 68 6.06 -8.55 2.37
CA ARG A 68 7.35 -8.33 1.73
C ARG A 68 7.52 -9.26 0.53
N ILE A 69 7.97 -8.71 -0.58
CA ILE A 69 8.18 -9.49 -1.80
C ILE A 69 9.59 -9.29 -2.34
N PRO A 70 10.18 -10.37 -2.87
CA PRO A 70 11.53 -10.35 -3.43
C PRO A 70 11.60 -9.55 -4.73
N PRO A 71 12.76 -8.89 -4.96
CA PRO A 71 12.98 -8.08 -6.15
C PRO A 71 13.10 -8.93 -7.41
N GLN A 72 13.25 -8.27 -8.56
CA GLN A 72 13.37 -8.95 -9.84
C GLN A 72 14.70 -8.64 -10.50
N LEU A 73 15.77 -9.25 -10.01
CA LEU A 73 17.10 -9.03 -10.57
C LEU A 73 17.36 -7.55 -10.79
N GLU A 74 16.67 -6.71 -10.03
CA GLU A 74 16.82 -5.26 -10.14
C GLU A 74 18.28 -4.86 -9.96
N ARG A 1 -23.92 6.53 -18.99
CA ARG A 1 -24.02 7.50 -17.91
C ARG A 1 -24.53 8.84 -18.42
N ARG A 2 -25.84 8.95 -18.58
CA ARG A 2 -26.45 10.19 -19.07
C ARG A 2 -26.65 11.19 -17.93
N GLU A 3 -26.15 10.83 -16.75
CA GLU A 3 -26.28 11.69 -15.57
C GLU A 3 -25.02 12.53 -15.39
N THR A 4 -25.18 13.71 -14.80
CA THR A 4 -24.07 14.61 -14.55
C THR A 4 -23.99 15.01 -13.08
N THR A 5 -22.82 14.84 -12.48
CA THR A 5 -22.62 15.18 -11.08
C THR A 5 -21.14 15.09 -10.71
N ASP A 6 -20.58 16.22 -10.29
CA ASP A 6 -19.17 16.28 -9.89
C ASP A 6 -18.97 15.58 -8.55
N ILE A 7 -17.82 14.92 -8.40
CA ILE A 7 -17.49 14.21 -7.18
C ILE A 7 -16.64 15.07 -6.25
N GLY A 8 -15.66 15.75 -6.83
CA GLY A 8 -14.79 16.61 -6.05
C GLY A 8 -13.43 15.99 -5.80
N GLY A 9 -13.38 15.04 -4.86
CA GLY A 9 -12.13 14.38 -4.55
C GLY A 9 -12.33 13.12 -3.72
N GLY A 10 -11.43 12.16 -3.88
CA GLY A 10 -11.53 10.91 -3.14
C GLY A 10 -10.42 9.95 -3.48
N LYS A 11 -9.75 9.43 -2.45
CA LYS A 11 -8.66 8.49 -2.64
C LYS A 11 -9.13 7.05 -2.40
N TYR A 12 -10.44 6.86 -2.42
CA TYR A 12 -11.01 5.54 -2.20
C TYR A 12 -11.28 4.83 -3.53
N THR A 13 -10.47 3.83 -3.84
CA THR A 13 -10.63 3.08 -5.09
C THR A 13 -10.67 1.58 -4.81
N PHE A 14 -10.42 1.20 -3.57
CA PHE A 14 -10.42 -0.21 -3.18
C PHE A 14 -9.72 -1.07 -4.23
N GLU A 15 -8.54 -0.62 -4.66
CA GLU A 15 -7.77 -1.34 -5.66
C GLU A 15 -6.39 -1.70 -5.13
N LEU A 16 -5.88 -0.89 -4.21
CA LEU A 16 -4.57 -1.12 -3.62
C LEU A 16 -4.28 -2.61 -3.52
N LYS A 17 -5.31 -3.39 -3.24
CA LYS A 17 -5.16 -4.85 -3.12
C LYS A 17 -4.71 -5.45 -4.44
N GLY A 18 -3.69 -6.30 -4.37
CA GLY A 18 -3.18 -6.94 -5.57
C GLY A 18 -1.99 -6.20 -6.17
N LYS A 19 -1.93 -4.90 -5.93
CA LYS A 19 -0.84 -4.07 -6.44
C LYS A 19 0.34 -4.09 -5.49
N VAL A 20 1.46 -3.53 -5.94
CA VAL A 20 2.67 -3.48 -5.14
C VAL A 20 3.10 -2.04 -4.86
N GLY A 21 3.33 -1.73 -3.59
CA GLY A 21 3.73 -0.39 -3.22
C GLY A 21 5.12 -0.34 -2.61
N LYS A 22 5.51 0.82 -2.10
CA LYS A 22 6.81 0.99 -1.49
C LYS A 22 6.69 1.57 -0.08
N VAL A 23 7.29 0.90 0.89
CA VAL A 23 7.25 1.35 2.27
C VAL A 23 8.05 2.64 2.46
N VAL A 24 7.35 3.71 2.83
CA VAL A 24 7.99 5.00 3.05
C VAL A 24 8.40 5.17 4.50
N LYS A 25 7.64 4.57 5.41
CA LYS A 25 7.92 4.66 6.83
C LYS A 25 7.36 3.45 7.57
N ILE A 26 7.67 3.35 8.86
CA ILE A 26 7.20 2.24 9.68
C ILE A 26 6.93 2.70 11.11
N ALA A 27 5.76 2.31 11.63
CA ALA A 27 5.37 2.67 12.99
C ALA A 27 4.61 1.53 13.66
N GLU A 28 4.99 1.23 14.90
CA GLU A 28 4.35 0.17 15.65
C GLU A 28 2.82 0.26 15.55
N ASP A 29 2.30 1.45 15.82
CA ASP A 29 0.86 1.69 15.76
C ASP A 29 0.33 1.44 14.35
N HIS A 30 1.14 1.80 13.35
CA HIS A 30 0.75 1.62 11.95
C HIS A 30 1.94 1.85 11.03
N TYR A 31 1.91 1.21 9.87
CA TYR A 31 2.99 1.34 8.89
C TYR A 31 2.57 2.25 7.74
N LEU A 32 3.54 2.91 7.14
CA LEU A 32 3.27 3.81 6.02
C LEU A 32 3.70 3.18 4.70
N VAL A 33 2.71 2.80 3.89
CA VAL A 33 2.99 2.18 2.60
C VAL A 33 2.43 3.02 1.45
N GLU A 34 3.27 3.33 0.48
CA GLU A 34 2.86 4.12 -0.67
C GLU A 34 2.34 3.24 -1.79
N VAL A 35 1.06 3.38 -2.10
CA VAL A 35 0.43 2.59 -3.17
C VAL A 35 -0.15 3.49 -4.25
N GLU A 36 0.22 3.21 -5.49
CA GLU A 36 -0.26 4.00 -6.63
C GLU A 36 0.05 5.47 -6.43
N GLY A 37 1.13 5.76 -5.73
CA GLY A 37 1.52 7.14 -5.48
C GLY A 37 0.71 7.78 -4.38
N ASP A 38 0.22 6.97 -3.45
CA ASP A 38 -0.58 7.47 -2.34
C ASP A 38 -0.33 6.65 -1.07
N LYS A 39 0.15 7.33 -0.03
CA LYS A 39 0.43 6.66 1.24
C LYS A 39 -0.82 6.01 1.81
N TRP A 40 -0.64 4.87 2.46
CA TRP A 40 -1.75 4.15 3.06
C TRP A 40 -1.43 3.71 4.48
N ILE A 41 -2.40 3.11 5.15
CA ILE A 41 -2.21 2.65 6.53
C ILE A 41 -2.33 1.13 6.61
N ALA A 42 -1.19 0.46 6.70
CA ALA A 42 -1.17 -1.00 6.80
C ALA A 42 -0.32 -1.46 7.97
N TYR A 43 -0.50 -2.71 8.38
CA TYR A 43 0.25 -3.27 9.49
C TYR A 43 0.80 -4.66 9.15
N SER A 44 2.08 -4.87 9.45
CA SER A 44 2.73 -6.14 9.16
C SER A 44 3.31 -6.74 10.44
N ASP A 45 3.12 -8.05 10.60
CA ASP A 45 3.63 -8.75 11.77
C ASP A 45 5.16 -8.79 11.76
N GLU A 46 5.74 -8.67 10.58
CA GLU A 46 7.19 -8.69 10.44
C GLU A 46 7.73 -7.28 10.20
N LYS A 47 8.51 -6.78 11.16
CA LYS A 47 9.09 -5.45 11.06
C LYS A 47 9.74 -5.24 9.70
N LEU A 48 9.11 -4.44 8.86
CA LEU A 48 9.63 -4.16 7.53
C LEU A 48 10.76 -3.13 7.59
N SER A 49 11.27 -2.73 6.43
CA SER A 49 12.34 -1.76 6.35
C SER A 49 12.05 -0.70 5.28
N LEU A 50 12.26 0.56 5.64
CA LEU A 50 12.02 1.66 4.72
C LEU A 50 12.72 1.43 3.39
N GLY A 51 11.95 1.49 2.30
CA GLY A 51 12.51 1.28 0.98
C GLY A 51 12.24 -0.11 0.45
N ASP A 52 11.58 -0.93 1.26
CA ASP A 52 11.25 -2.30 0.86
C ASP A 52 9.91 -2.34 0.13
N ARG A 53 9.85 -3.14 -0.92
CA ARG A 53 8.64 -3.28 -1.71
C ARG A 53 7.69 -4.31 -1.08
N VAL A 54 6.40 -4.00 -1.10
CA VAL A 54 5.39 -4.90 -0.53
C VAL A 54 4.10 -4.86 -1.35
N MET A 55 3.38 -5.98 -1.34
CA MET A 55 2.12 -6.07 -2.08
C MET A 55 0.94 -6.17 -1.11
N VAL A 56 -0.11 -5.40 -1.40
CA VAL A 56 -1.31 -5.41 -0.56
C VAL A 56 -2.00 -6.76 -0.59
N VAL A 57 -1.82 -7.54 0.46
CA VAL A 57 -2.43 -8.86 0.56
C VAL A 57 -3.94 -8.77 0.51
N ASP A 58 -4.50 -7.72 1.11
CA ASP A 58 -5.94 -7.52 1.14
C ASP A 58 -6.28 -6.15 1.72
N VAL A 59 -7.45 -5.63 1.33
CA VAL A 59 -7.89 -4.32 1.80
C VAL A 59 -9.41 -4.20 1.71
N ASP A 60 -10.03 -3.83 2.82
CA ASP A 60 -11.48 -3.67 2.88
C ASP A 60 -11.86 -2.19 2.99
N GLY A 61 -10.88 -1.37 3.35
CA GLY A 61 -11.14 0.05 3.50
C GLY A 61 -9.86 0.87 3.59
N LEU A 62 -9.41 1.12 4.82
CA LEU A 62 -8.19 1.88 5.05
C LEU A 62 -7.08 0.99 5.60
N LYS A 63 -7.24 -0.32 5.42
CA LYS A 63 -6.25 -1.27 5.91
C LYS A 63 -5.84 -2.24 4.79
N LEU A 64 -4.75 -1.92 4.11
CA LEU A 64 -4.25 -2.76 3.02
C LEU A 64 -3.06 -3.59 3.47
N LYS A 65 -3.32 -4.70 4.16
CA LYS A 65 -2.26 -5.56 4.65
C LYS A 65 -1.12 -5.65 3.64
N VAL A 66 0.09 -5.38 4.10
CA VAL A 66 1.27 -5.44 3.24
C VAL A 66 2.21 -6.55 3.66
N LYS A 67 2.61 -7.37 2.71
CA LYS A 67 3.51 -8.49 2.98
C LYS A 67 4.78 -8.39 2.12
N ARG A 68 5.93 -8.68 2.73
CA ARG A 68 7.20 -8.62 2.02
C ARG A 68 7.20 -9.57 0.83
N ILE A 69 7.62 -9.06 -0.33
CA ILE A 69 7.68 -9.87 -1.54
C ILE A 69 9.07 -9.84 -2.16
N PRO A 70 9.45 -10.94 -2.82
CA PRO A 70 10.76 -11.06 -3.47
C PRO A 70 10.88 -10.17 -4.71
N PRO A 71 12.11 -10.05 -5.24
CA PRO A 71 12.38 -9.23 -6.42
C PRO A 71 11.77 -9.82 -7.69
N GLN A 72 11.93 -9.10 -8.79
CA GLN A 72 11.39 -9.56 -10.08
C GLN A 72 12.39 -10.48 -10.78
N LEU A 73 13.64 -10.05 -10.86
CA LEU A 73 14.68 -10.82 -11.51
C LEU A 73 14.47 -12.32 -11.26
N GLU A 74 13.90 -12.65 -10.11
CA GLU A 74 13.65 -14.04 -9.76
C GLU A 74 13.15 -14.83 -10.96
N ARG A 1 -10.89 4.54 -20.41
CA ARG A 1 -9.92 5.61 -20.55
C ARG A 1 -8.94 5.60 -19.38
N ARG A 2 -7.83 4.89 -19.54
CA ARG A 2 -6.81 4.81 -18.50
C ARG A 2 -6.52 6.18 -17.91
N GLU A 3 -6.27 7.15 -18.79
CA GLU A 3 -5.97 8.51 -18.35
C GLU A 3 -6.76 8.88 -17.11
N THR A 4 -6.08 9.41 -16.10
CA THR A 4 -6.72 9.80 -14.85
C THR A 4 -7.26 11.22 -14.93
N THR A 5 -7.91 11.54 -16.05
CA THR A 5 -8.48 12.87 -16.26
C THR A 5 -9.91 12.94 -15.73
N ASP A 6 -10.11 12.50 -14.49
CA ASP A 6 -11.42 12.52 -13.87
C ASP A 6 -11.45 13.46 -12.67
N ILE A 7 -12.65 13.83 -12.25
CA ILE A 7 -12.81 14.73 -11.11
C ILE A 7 -13.43 14.00 -9.93
N GLY A 8 -13.07 12.73 -9.75
CA GLY A 8 -13.60 11.95 -8.66
C GLY A 8 -13.05 12.38 -7.31
N GLY A 9 -13.95 12.70 -6.39
CA GLY A 9 -13.54 13.14 -5.06
C GLY A 9 -13.23 11.98 -4.14
N GLY A 10 -12.02 11.95 -3.60
CA GLY A 10 -11.63 10.88 -2.70
C GLY A 10 -10.46 10.08 -3.23
N LYS A 11 -9.52 9.77 -2.34
CA LYS A 11 -8.33 9.00 -2.72
C LYS A 11 -8.55 7.51 -2.49
N TYR A 12 -9.74 7.02 -2.84
CA TYR A 12 -10.07 5.63 -2.67
C TYR A 12 -10.37 4.96 -4.01
N THR A 13 -9.37 4.27 -4.55
CA THR A 13 -9.53 3.60 -5.84
C THR A 13 -10.06 2.18 -5.65
N PHE A 14 -9.75 1.59 -4.50
CA PHE A 14 -10.20 0.23 -4.21
C PHE A 14 -9.58 -0.78 -5.17
N GLU A 15 -8.28 -0.61 -5.43
CA GLU A 15 -7.57 -1.50 -6.33
C GLU A 15 -6.31 -2.06 -5.68
N LEU A 16 -5.73 -1.28 -4.76
CA LEU A 16 -4.53 -1.68 -4.06
C LEU A 16 -4.47 -3.20 -3.90
N LYS A 17 -5.63 -3.79 -3.60
CA LYS A 17 -5.71 -5.23 -3.42
C LYS A 17 -5.01 -5.97 -4.56
N GLY A 18 -3.77 -6.39 -4.31
CA GLY A 18 -3.01 -7.10 -5.33
C GLY A 18 -1.88 -6.27 -5.89
N LYS A 19 -2.07 -4.96 -5.92
CA LYS A 19 -1.04 -4.05 -6.44
C LYS A 19 0.18 -4.03 -5.53
N VAL A 20 1.30 -3.56 -6.08
CA VAL A 20 2.54 -3.50 -5.31
C VAL A 20 2.91 -2.05 -5.00
N GLY A 21 3.22 -1.79 -3.73
CA GLY A 21 3.59 -0.44 -3.32
C GLY A 21 5.02 -0.36 -2.83
N LYS A 22 5.33 0.70 -2.08
CA LYS A 22 6.67 0.89 -1.56
C LYS A 22 6.63 1.28 -0.08
N VAL A 23 7.66 0.88 0.66
CA VAL A 23 7.74 1.20 2.08
C VAL A 23 8.41 2.54 2.31
N VAL A 24 7.65 3.51 2.80
CA VAL A 24 8.17 4.84 3.06
C VAL A 24 8.51 5.01 4.54
N LYS A 25 7.67 4.45 5.41
CA LYS A 25 7.89 4.53 6.85
C LYS A 25 7.22 3.36 7.56
N ILE A 26 7.75 3.02 8.74
CA ILE A 26 7.20 1.92 9.52
C ILE A 26 6.97 2.34 10.97
N ALA A 27 5.87 1.87 11.55
CA ALA A 27 5.53 2.19 12.93
C ALA A 27 4.68 1.10 13.56
N GLU A 28 5.04 0.69 14.77
CA GLU A 28 4.30 -0.35 15.48
C GLU A 28 2.80 -0.08 15.44
N ASP A 29 2.42 1.16 15.71
CA ASP A 29 1.01 1.55 15.70
C ASP A 29 0.41 1.39 14.31
N HIS A 30 1.22 1.65 13.29
CA HIS A 30 0.77 1.54 11.90
C HIS A 30 1.93 1.73 10.94
N TYR A 31 1.83 1.11 9.76
CA TYR A 31 2.88 1.22 8.75
C TYR A 31 2.44 2.14 7.61
N LEU A 32 3.39 2.89 7.07
CA LEU A 32 3.11 3.80 5.98
C LEU A 32 3.57 3.22 4.64
N VAL A 33 2.62 2.73 3.85
CA VAL A 33 2.92 2.14 2.55
C VAL A 33 2.41 3.02 1.42
N GLU A 34 3.32 3.48 0.57
CA GLU A 34 2.96 4.33 -0.55
C GLU A 34 2.54 3.50 -1.75
N VAL A 35 1.23 3.41 -1.97
CA VAL A 35 0.69 2.64 -3.08
C VAL A 35 0.23 3.56 -4.22
N GLU A 36 0.87 3.43 -5.37
CA GLU A 36 0.53 4.25 -6.54
C GLU A 36 0.66 5.72 -6.21
N GLY A 37 1.68 6.07 -5.41
CA GLY A 37 1.90 7.45 -5.04
C GLY A 37 0.90 7.94 -4.00
N ASP A 38 0.46 7.03 -3.14
CA ASP A 38 -0.49 7.37 -2.09
C ASP A 38 -0.23 6.56 -0.83
N LYS A 39 0.21 7.24 0.23
CA LYS A 39 0.50 6.59 1.50
C LYS A 39 -0.75 5.91 2.06
N TRP A 40 -0.56 4.70 2.58
CA TRP A 40 -1.68 3.94 3.15
C TRP A 40 -1.37 3.53 4.59
N ILE A 41 -2.38 2.99 5.26
CA ILE A 41 -2.22 2.55 6.64
C ILE A 41 -2.35 1.04 6.76
N ALA A 42 -1.22 0.34 6.59
CA ALA A 42 -1.21 -1.11 6.69
C ALA A 42 -0.50 -1.58 7.95
N TYR A 43 -0.82 -2.79 8.40
CA TYR A 43 -0.22 -3.35 9.60
C TYR A 43 0.38 -4.72 9.32
N SER A 44 1.68 -4.85 9.57
CA SER A 44 2.39 -6.12 9.34
C SER A 44 3.31 -6.44 10.51
N ASP A 45 2.93 -7.42 11.31
CA ASP A 45 3.73 -7.84 12.46
C ASP A 45 5.22 -7.75 12.14
N GLU A 46 5.56 -8.03 10.88
CA GLU A 46 6.96 -7.99 10.46
C GLU A 46 7.42 -6.55 10.24
N LYS A 47 8.37 -6.11 11.06
CA LYS A 47 8.90 -4.75 10.97
C LYS A 47 9.64 -4.56 9.65
N LEU A 48 8.97 -3.94 8.68
CA LEU A 48 9.57 -3.69 7.38
C LEU A 48 10.67 -2.63 7.48
N SER A 49 11.39 -2.43 6.38
CA SER A 49 12.48 -1.45 6.34
C SER A 49 12.24 -0.42 5.26
N LEU A 50 12.95 0.71 5.35
CA LEU A 50 12.81 1.78 4.37
C LEU A 50 13.22 1.31 2.98
N GLY A 51 12.33 1.48 2.01
CA GLY A 51 12.62 1.06 0.65
C GLY A 51 12.20 -0.37 0.39
N ASP A 52 11.59 -1.00 1.38
CA ASP A 52 11.14 -2.39 1.25
C ASP A 52 9.74 -2.45 0.63
N ARG A 53 9.70 -2.73 -0.66
CA ARG A 53 8.42 -2.82 -1.37
C ARG A 53 7.54 -3.91 -0.78
N VAL A 54 6.24 -3.82 -1.04
CA VAL A 54 5.29 -4.80 -0.53
C VAL A 54 4.01 -4.83 -1.38
N MET A 55 3.44 -6.01 -1.52
CA MET A 55 2.21 -6.18 -2.30
C MET A 55 1.01 -6.41 -1.39
N VAL A 56 -0.04 -5.64 -1.61
CA VAL A 56 -1.26 -5.76 -0.80
C VAL A 56 -1.86 -7.15 -0.92
N VAL A 57 -2.04 -7.81 0.22
CA VAL A 57 -2.61 -9.16 0.24
C VAL A 57 -4.11 -9.12 0.52
N ASP A 58 -4.54 -8.13 1.31
CA ASP A 58 -5.95 -7.98 1.65
C ASP A 58 -6.30 -6.52 1.86
N VAL A 59 -7.50 -6.13 1.43
CA VAL A 59 -7.96 -4.76 1.57
C VAL A 59 -9.33 -4.71 2.24
N ASP A 60 -9.41 -3.99 3.36
CA ASP A 60 -10.66 -3.85 4.10
C ASP A 60 -11.13 -2.41 4.10
N GLY A 61 -10.69 -1.63 3.11
CA GLY A 61 -11.07 -0.24 3.01
C GLY A 61 -9.91 0.70 3.24
N LEU A 62 -9.93 1.42 4.36
CA LEU A 62 -8.87 2.37 4.69
C LEU A 62 -7.68 1.65 5.33
N LYS A 63 -7.61 0.33 5.12
CA LYS A 63 -6.53 -0.47 5.67
C LYS A 63 -6.29 -1.71 4.83
N LEU A 64 -5.11 -1.79 4.22
CA LEU A 64 -4.76 -2.94 3.39
C LEU A 64 -3.48 -3.61 3.88
N LYS A 65 -3.55 -4.91 4.13
CA LYS A 65 -2.41 -5.67 4.61
C LYS A 65 -1.38 -5.85 3.50
N VAL A 66 -0.11 -5.68 3.84
CA VAL A 66 0.98 -5.84 2.89
C VAL A 66 1.97 -6.90 3.33
N LYS A 67 2.59 -7.57 2.36
CA LYS A 67 3.56 -8.62 2.65
C LYS A 67 4.81 -8.45 1.81
N ARG A 68 5.97 -8.50 2.47
CA ARG A 68 7.25 -8.35 1.78
C ARG A 68 7.30 -9.25 0.54
N ILE A 69 7.75 -8.68 -0.57
CA ILE A 69 7.87 -9.42 -1.82
C ILE A 69 9.27 -9.33 -2.40
N PRO A 70 9.74 -10.43 -2.99
CA PRO A 70 11.08 -10.50 -3.60
C PRO A 70 11.18 -9.65 -4.86
N PRO A 71 12.42 -9.48 -5.36
CA PRO A 71 12.68 -8.70 -6.58
C PRO A 71 12.16 -9.39 -7.84
N GLN A 72 12.20 -8.68 -8.96
CA GLN A 72 11.73 -9.21 -10.22
C GLN A 72 12.77 -9.00 -11.32
N LEU A 73 13.76 -9.87 -11.37
CA LEU A 73 14.81 -9.79 -12.37
C LEU A 73 15.27 -8.35 -12.55
N GLU A 74 15.09 -7.54 -11.51
CA GLU A 74 15.49 -6.13 -11.55
C GLU A 74 16.76 -5.90 -10.75
N ARG A 1 -27.45 7.32 -4.48
CA ARG A 1 -27.08 8.38 -3.54
C ARG A 1 -27.75 9.70 -3.92
N ARG A 2 -29.00 9.86 -3.50
CA ARG A 2 -29.75 11.08 -3.79
C ARG A 2 -28.84 12.30 -3.72
N GLU A 3 -27.86 12.25 -2.84
CA GLU A 3 -26.92 13.36 -2.67
C GLU A 3 -26.13 13.61 -3.95
N THR A 4 -25.39 14.71 -3.98
CA THR A 4 -24.60 15.07 -5.15
C THR A 4 -23.14 15.29 -4.77
N THR A 5 -22.25 14.46 -5.30
CA THR A 5 -20.82 14.56 -5.01
C THR A 5 -20.02 13.59 -5.87
N ASP A 6 -19.19 14.13 -6.75
CA ASP A 6 -18.35 13.30 -7.62
C ASP A 6 -16.87 13.51 -7.31
N ILE A 7 -16.25 12.48 -6.73
CA ILE A 7 -14.83 12.55 -6.39
C ILE A 7 -14.53 13.80 -5.56
N GLY A 8 -15.45 14.17 -4.68
CA GLY A 8 -15.27 15.34 -3.85
C GLY A 8 -13.82 15.54 -3.46
N GLY A 9 -13.39 14.82 -2.42
CA GLY A 9 -12.02 14.94 -1.95
C GLY A 9 -11.62 13.77 -1.07
N GLY A 10 -11.50 12.59 -1.67
CA GLY A 10 -11.12 11.41 -0.92
C GLY A 10 -10.01 10.62 -1.59
N LYS A 11 -9.14 10.02 -0.79
CA LYS A 11 -8.02 9.25 -1.32
C LYS A 11 -8.36 7.75 -1.30
N TYR A 12 -9.60 7.42 -1.63
CA TYR A 12 -10.04 6.02 -1.65
C TYR A 12 -10.30 5.56 -3.07
N THR A 13 -9.58 4.52 -3.49
CA THR A 13 -9.73 3.98 -4.83
C THR A 13 -10.05 2.48 -4.78
N PHE A 14 -9.88 1.89 -3.61
CA PHE A 14 -10.15 0.47 -3.44
C PHE A 14 -9.56 -0.35 -4.58
N GLU A 15 -8.33 -0.01 -4.96
CA GLU A 15 -7.65 -0.71 -6.04
C GLU A 15 -6.33 -1.31 -5.57
N LEU A 16 -5.77 -0.72 -4.51
CA LEU A 16 -4.51 -1.20 -3.95
C LEU A 16 -4.46 -2.72 -3.94
N LYS A 17 -5.61 -3.34 -3.71
CA LYS A 17 -5.70 -4.80 -3.67
C LYS A 17 -4.87 -5.42 -4.79
N GLY A 18 -3.73 -6.01 -4.42
CA GLY A 18 -2.87 -6.64 -5.40
C GLY A 18 -1.72 -5.74 -5.83
N LYS A 19 -2.00 -4.44 -5.92
CA LYS A 19 -0.98 -3.47 -6.31
C LYS A 19 0.22 -3.52 -5.37
N VAL A 20 1.37 -3.08 -5.85
CA VAL A 20 2.59 -3.07 -5.05
C VAL A 20 2.93 -1.67 -4.60
N GLY A 21 3.29 -1.52 -3.32
CA GLY A 21 3.64 -0.23 -2.79
C GLY A 21 5.01 -0.23 -2.12
N LYS A 22 5.45 0.95 -1.66
CA LYS A 22 6.74 1.08 -1.01
C LYS A 22 6.58 1.60 0.41
N VAL A 23 7.35 1.02 1.34
CA VAL A 23 7.28 1.42 2.74
C VAL A 23 8.02 2.73 2.96
N VAL A 24 7.34 3.85 2.73
CA VAL A 24 7.93 5.17 2.91
C VAL A 24 8.29 5.41 4.38
N LYS A 25 7.70 4.62 5.27
CA LYS A 25 7.96 4.75 6.70
C LYS A 25 7.29 3.63 7.47
N ILE A 26 7.87 3.28 8.62
CA ILE A 26 7.31 2.23 9.46
C ILE A 26 7.06 2.73 10.87
N ALA A 27 5.94 2.30 11.46
CA ALA A 27 5.58 2.70 12.81
C ALA A 27 4.78 1.60 13.50
N GLU A 28 5.16 1.29 14.74
CA GLU A 28 4.48 0.27 15.51
C GLU A 28 2.96 0.43 15.43
N ASP A 29 2.50 1.65 15.68
CA ASP A 29 1.07 1.96 15.63
C ASP A 29 0.50 1.67 14.24
N HIS A 30 1.31 1.95 13.22
CA HIS A 30 0.89 1.73 11.84
C HIS A 30 2.06 1.90 10.88
N TYR A 31 1.93 1.32 9.68
CA TYR A 31 2.98 1.40 8.68
C TYR A 31 2.57 2.32 7.53
N LEU A 32 3.55 2.94 6.90
CA LEU A 32 3.29 3.86 5.79
C LEU A 32 3.75 3.24 4.47
N VAL A 33 2.79 2.89 3.62
CA VAL A 33 3.09 2.30 2.32
C VAL A 33 2.49 3.12 1.18
N GLU A 34 3.35 3.65 0.33
CA GLU A 34 2.90 4.46 -0.80
C GLU A 34 2.42 3.58 -1.95
N VAL A 35 1.10 3.46 -2.08
CA VAL A 35 0.51 2.64 -3.14
C VAL A 35 -0.14 3.51 -4.20
N GLU A 36 0.08 3.15 -5.46
CA GLU A 36 -0.47 3.90 -6.58
C GLU A 36 -0.18 5.39 -6.45
N GLY A 37 0.93 5.71 -5.78
CA GLY A 37 1.31 7.10 -5.59
C GLY A 37 0.55 7.76 -4.47
N ASP A 38 0.15 6.96 -3.48
CA ASP A 38 -0.59 7.48 -2.34
C ASP A 38 -0.23 6.73 -1.06
N LYS A 39 0.11 7.47 -0.01
CA LYS A 39 0.48 6.87 1.27
C LYS A 39 -0.73 6.23 1.93
N TRP A 40 -0.63 4.92 2.17
CA TRP A 40 -1.71 4.18 2.82
C TRP A 40 -1.32 3.75 4.22
N ILE A 41 -2.27 3.17 4.95
CA ILE A 41 -2.03 2.71 6.30
C ILE A 41 -2.15 1.20 6.41
N ALA A 42 -1.01 0.50 6.32
CA ALA A 42 -0.99 -0.95 6.41
C ALA A 42 -0.32 -1.41 7.69
N TYR A 43 -0.55 -2.67 8.05
CA TYR A 43 0.03 -3.24 9.26
C TYR A 43 0.56 -4.65 9.01
N SER A 44 1.85 -4.84 9.26
CA SER A 44 2.49 -6.13 9.06
C SER A 44 3.13 -6.63 10.35
N ASP A 45 2.78 -7.86 10.75
CA ASP A 45 3.32 -8.45 11.96
C ASP A 45 4.84 -8.63 11.84
N GLU A 46 5.33 -8.70 10.61
CA GLU A 46 6.75 -8.89 10.37
C GLU A 46 7.44 -7.54 10.19
N LYS A 47 8.32 -7.19 11.13
CA LYS A 47 9.06 -5.93 11.07
C LYS A 47 9.50 -5.62 9.65
N LEU A 48 9.06 -4.46 9.14
CA LEU A 48 9.42 -4.04 7.79
C LEU A 48 10.61 -3.09 7.81
N SER A 49 11.27 -2.96 6.66
CA SER A 49 12.43 -2.08 6.54
C SER A 49 12.19 -1.00 5.50
N LEU A 50 12.52 0.23 5.84
CA LEU A 50 12.34 1.36 4.93
C LEU A 50 12.91 1.04 3.55
N GLY A 51 12.09 1.22 2.52
CA GLY A 51 12.52 0.96 1.17
C GLY A 51 12.18 -0.46 0.72
N ASP A 52 11.50 -1.20 1.59
CA ASP A 52 11.12 -2.57 1.28
C ASP A 52 9.84 -2.60 0.44
N ARG A 53 9.91 -3.22 -0.73
CA ARG A 53 8.77 -3.32 -1.63
C ARG A 53 7.79 -4.37 -1.13
N VAL A 54 6.55 -3.94 -0.85
CA VAL A 54 5.52 -4.85 -0.37
C VAL A 54 4.27 -4.77 -1.26
N MET A 55 3.54 -5.88 -1.33
CA MET A 55 2.32 -5.92 -2.13
C MET A 55 1.09 -6.05 -1.24
N VAL A 56 0.00 -5.39 -1.65
CA VAL A 56 -1.24 -5.43 -0.88
C VAL A 56 -1.84 -6.83 -0.90
N VAL A 57 -1.79 -7.50 0.25
CA VAL A 57 -2.34 -8.84 0.38
C VAL A 57 -3.86 -8.82 0.38
N ASP A 58 -4.43 -7.82 1.05
CA ASP A 58 -5.88 -7.69 1.13
C ASP A 58 -6.26 -6.41 1.87
N VAL A 59 -7.33 -5.76 1.39
CA VAL A 59 -7.79 -4.52 2.01
C VAL A 59 -9.22 -4.67 2.53
N ASP A 60 -9.45 -4.22 3.76
CA ASP A 60 -10.77 -4.30 4.36
C ASP A 60 -11.49 -2.96 4.30
N GLY A 61 -10.85 -1.99 3.66
CA GLY A 61 -11.44 -0.67 3.53
C GLY A 61 -10.40 0.43 3.47
N LEU A 62 -9.82 0.75 4.62
CA LEU A 62 -8.80 1.80 4.69
C LEU A 62 -7.47 1.23 5.15
N LYS A 63 -7.45 -0.07 5.45
CA LYS A 63 -6.24 -0.75 5.90
C LYS A 63 -5.88 -1.88 4.96
N LEU A 64 -4.97 -1.62 4.03
CA LEU A 64 -4.52 -2.63 3.07
C LEU A 64 -3.30 -3.38 3.59
N LYS A 65 -3.44 -4.68 3.77
CA LYS A 65 -2.34 -5.51 4.25
C LYS A 65 -1.11 -5.35 3.37
N VAL A 66 0.02 -5.89 3.83
CA VAL A 66 1.26 -5.81 3.08
C VAL A 66 2.16 -7.01 3.37
N LYS A 67 2.70 -7.62 2.31
CA LYS A 67 3.57 -8.77 2.45
C LYS A 67 4.94 -8.49 1.84
N ARG A 68 5.99 -8.75 2.61
CA ARG A 68 7.35 -8.53 2.15
C ARG A 68 7.66 -9.40 0.93
N ILE A 69 7.91 -8.75 -0.20
CA ILE A 69 8.22 -9.46 -1.43
C ILE A 69 9.62 -9.13 -1.94
N PRO A 70 10.35 -10.15 -2.39
CA PRO A 70 11.71 -9.99 -2.91
C PRO A 70 11.74 -9.24 -4.24
N PRO A 71 12.82 -8.48 -4.47
CA PRO A 71 13.00 -7.70 -5.70
C PRO A 71 13.25 -8.60 -6.91
N GLN A 72 13.31 -7.99 -8.09
CA GLN A 72 13.55 -8.72 -9.32
C GLN A 72 15.04 -8.98 -9.54
N LEU A 73 15.84 -7.93 -9.36
CA LEU A 73 17.28 -8.05 -9.53
C LEU A 73 17.92 -8.69 -8.31
N GLU A 74 17.32 -9.78 -7.83
CA GLU A 74 17.84 -10.50 -6.67
C GLU A 74 18.82 -11.60 -7.10
#